data_7XEW
#
_entry.id   7XEW
#
_cell.length_a   1.00
_cell.length_b   1.00
_cell.length_c   1.00
_cell.angle_alpha   90.00
_cell.angle_beta   90.00
_cell.angle_gamma   90.00
#
_symmetry.space_group_name_H-M   'P 1'
#
_entity_poly.entity_id   1
_entity_poly.type   'polypeptide(L)'
_entity_poly.pdbx_seq_one_letter_code
;MTSASNPPAFRLETSDGDEEGSAEVNKGKNEPPPMESPFQGEDRNFSPQIKVNLNYRKGLGPSQQDPNRFDRDRLFSVVS
RGVPEELTGLLEYLRRTSKYLTDSAYTEGSTGKTCLMKAVLNLQDGVNACILPLLQIDRDSGNPQPLVNAQCTDEFYRGH
SALHIAIEKRSLWCVKLLVENGANVHIRACGRFFQKHQGTCFYFGELPLSLAACTKQWDVVTYLLENPHQPASLEATDSL
GNTVLHALVMIADNSPENSALVIHMYDSLLQMGARLCPTVQLEDICNHQGLTPLKLAAKEGKIEIFRHILQREFSGLYQP
LSRKFTEWCYGPVRVSLYDLSSVDSWEKNSVLEIIAFHCKSPHRHRMVVLEPLNKLLQEKWDRLIPRFFFNFACYLVYMI
IFTIVAYHQPSLEQPAIPSSKATFGDSMLLLGHILILLGGIYLLLGQLWYFWRRRLFIWISFMDSYFEILFLVQALLTVL
SQVLRFVETEWYLPLLVSSLVLGWLNLLYYTRGFQHTGIYSVMIFKVILRDLLRFLLVYLVFLFGFAVALVSLSREARSP
KAPEDSNTTVTEKPTLGQEEEPVPYGGILDASLELFKFTIGMGELAFQEQLRFRGVVLLLLLAYVLLTYVLLLNMLIALM
SETVNSVATDSWSIWKLQKAISVLEMENGYWWCRRKRHRAGRLLKVGTKGDGIPDERWCFRVEEVNWAAWEKTLPTLSED
PSGAGITGYKKNPTSKPGKNSASEEDHLPLQVLQSH
;
_entity_poly.pdbx_strand_id   A,B,C,D
#
# COMPACT_ATOMS: atom_id res chain seq x y z
N PRO A 67 -6.79 -31.64 -73.25
CA PRO A 67 -7.48 -30.63 -72.45
C PRO A 67 -8.83 -31.11 -71.95
N ASN A 68 -9.33 -32.23 -72.50
CA ASN A 68 -10.60 -32.78 -72.05
C ASN A 68 -10.46 -33.49 -70.70
N ARG A 69 -9.30 -34.07 -70.43
CA ARG A 69 -9.08 -34.82 -69.20
C ARG A 69 -9.07 -33.86 -68.01
N PHE A 70 -9.94 -34.13 -67.02
CA PHE A 70 -10.14 -33.25 -65.88
C PHE A 70 -10.06 -34.05 -64.60
N ASP A 71 -9.53 -33.42 -63.55
CA ASP A 71 -9.37 -34.08 -62.26
C ASP A 71 -9.40 -33.06 -61.13
N ARG A 72 -9.30 -33.58 -59.91
CA ARG A 72 -9.39 -32.73 -58.72
C ARG A 72 -8.25 -31.73 -58.65
N ASP A 73 -7.02 -32.20 -58.88
CA ASP A 73 -5.84 -31.36 -58.64
C ASP A 73 -5.82 -30.16 -59.58
N ARG A 74 -6.11 -30.39 -60.86
CA ARG A 74 -6.11 -29.29 -61.83
C ARG A 74 -7.12 -28.23 -61.42
N LEU A 75 -8.35 -28.67 -61.14
CA LEU A 75 -9.43 -27.73 -60.85
C LEU A 75 -9.17 -26.97 -59.55
N PHE A 76 -8.65 -27.67 -58.55
CA PHE A 76 -8.31 -27.00 -57.29
C PHE A 76 -7.23 -25.96 -57.50
N SER A 77 -6.19 -26.29 -58.29
CA SER A 77 -5.17 -25.30 -58.59
C SER A 77 -5.74 -24.11 -59.35
N VAL A 78 -6.63 -24.39 -60.31
CA VAL A 78 -7.21 -23.34 -61.14
C VAL A 78 -8.04 -22.38 -60.28
N VAL A 79 -8.89 -22.92 -59.41
CA VAL A 79 -9.70 -22.05 -58.55
C VAL A 79 -8.84 -21.37 -57.49
N SER A 80 -7.70 -21.96 -57.12
CA SER A 80 -6.79 -21.29 -56.20
C SER A 80 -6.17 -20.07 -56.85
N ARG A 81 -5.73 -20.19 -58.11
CA ARG A 81 -5.15 -19.04 -58.79
C ARG A 81 -6.17 -17.92 -58.98
N GLY A 82 -7.40 -18.26 -59.35
CA GLY A 82 -8.43 -17.26 -59.55
C GLY A 82 -8.50 -16.70 -60.94
N VAL A 83 -8.32 -17.56 -61.94
CA VAL A 83 -8.39 -17.15 -63.35
C VAL A 83 -9.59 -17.81 -64.01
N PRO A 84 -10.55 -17.03 -64.50
CA PRO A 84 -11.78 -17.63 -65.04
C PRO A 84 -11.62 -18.21 -66.43
N GLU A 85 -10.57 -17.81 -67.15
CA GLU A 85 -10.39 -18.26 -68.53
C GLU A 85 -10.10 -19.75 -68.62
N GLU A 86 -9.58 -20.35 -67.55
CA GLU A 86 -9.25 -21.78 -67.54
C GLU A 86 -10.44 -22.65 -67.16
N LEU A 87 -11.58 -22.05 -66.82
CA LEU A 87 -12.75 -22.81 -66.43
C LEU A 87 -13.49 -23.40 -67.63
N THR A 88 -13.17 -22.95 -68.84
CA THR A 88 -13.85 -23.44 -70.03
C THR A 88 -13.49 -24.90 -70.30
N GLY A 89 -14.52 -25.71 -70.60
CA GLY A 89 -14.30 -27.11 -70.89
C GLY A 89 -15.04 -28.02 -69.94
N LEU A 90 -15.33 -27.53 -68.73
CA LEU A 90 -16.04 -28.33 -67.74
C LEU A 90 -17.43 -28.73 -68.23
N LEU A 91 -18.08 -27.85 -68.99
CA LEU A 91 -19.43 -28.11 -69.46
C LEU A 91 -19.48 -29.41 -70.27
N GLU A 92 -18.60 -29.50 -71.28
CA GLU A 92 -18.61 -30.67 -72.15
C GLU A 92 -18.24 -31.94 -71.41
N TYR A 93 -17.24 -31.86 -70.52
CA TYR A 93 -16.82 -33.05 -69.79
C TYR A 93 -17.93 -33.55 -68.86
N LEU A 94 -18.57 -32.64 -68.15
CA LEU A 94 -19.64 -33.04 -67.23
C LEU A 94 -20.88 -33.52 -67.97
N ARG A 95 -21.18 -32.94 -69.13
CA ARG A 95 -22.33 -33.39 -69.92
C ARG A 95 -22.06 -34.66 -70.70
N ARG A 96 -20.79 -35.01 -70.92
CA ARG A 96 -20.45 -36.27 -71.57
C ARG A 96 -20.26 -37.41 -70.59
N THR A 97 -19.87 -37.12 -69.35
CA THR A 97 -19.80 -38.15 -68.31
C THR A 97 -21.07 -38.24 -67.48
N SER A 98 -21.98 -37.27 -67.60
CA SER A 98 -23.23 -37.25 -66.85
C SER A 98 -22.97 -37.40 -65.35
N LYS A 99 -21.92 -36.74 -64.88
CA LYS A 99 -21.46 -36.85 -63.50
C LYS A 99 -21.43 -35.46 -62.89
N TYR A 100 -22.10 -35.30 -61.75
CA TYR A 100 -22.22 -34.00 -61.11
C TYR A 100 -20.98 -33.68 -60.29
N LEU A 101 -20.65 -32.40 -60.20
CA LEU A 101 -19.48 -31.94 -59.46
C LEU A 101 -19.67 -32.22 -57.97
N THR A 102 -20.93 -32.29 -57.53
CA THR A 102 -21.24 -32.56 -56.13
C THR A 102 -20.87 -33.97 -55.70
N ASP A 103 -20.53 -34.86 -56.64
CA ASP A 103 -20.22 -36.24 -56.30
C ASP A 103 -18.97 -36.31 -55.44
N SER A 104 -18.83 -37.40 -54.68
CA SER A 104 -17.71 -37.58 -53.77
C SER A 104 -16.39 -37.64 -54.53
N ALA A 105 -16.46 -37.90 -55.83
CA ALA A 105 -15.26 -38.02 -56.66
C ALA A 105 -14.46 -36.72 -56.71
N TYR A 106 -15.16 -35.60 -56.90
CA TYR A 106 -14.49 -34.31 -57.07
C TYR A 106 -14.24 -33.60 -55.74
N THR A 107 -14.67 -34.21 -54.64
CA THR A 107 -14.41 -33.65 -53.32
C THR A 107 -13.33 -34.48 -52.63
N GLU A 108 -12.64 -33.84 -51.70
CA GLU A 108 -11.59 -34.52 -50.96
C GLU A 108 -12.18 -35.62 -50.09
N GLY A 109 -11.59 -36.81 -50.18
CA GLY A 109 -12.17 -37.97 -49.52
C GLY A 109 -12.17 -37.87 -48.01
N SER A 110 -11.15 -37.23 -47.44
CA SER A 110 -11.00 -37.22 -45.99
C SER A 110 -11.98 -36.23 -45.34
N THR A 111 -11.85 -34.95 -45.65
CA THR A 111 -12.68 -33.94 -44.98
C THR A 111 -13.99 -33.71 -45.72
N GLY A 112 -13.95 -33.61 -47.04
CA GLY A 112 -15.15 -33.35 -47.81
C GLY A 112 -15.13 -31.98 -48.46
N LYS A 113 -13.98 -31.31 -48.39
CA LYS A 113 -13.83 -29.97 -48.93
C LYS A 113 -14.17 -29.94 -50.41
N THR A 114 -14.90 -28.92 -50.83
CA THR A 114 -15.29 -28.78 -52.23
C THR A 114 -14.58 -27.59 -52.87
N CYS A 115 -14.92 -27.33 -54.13
CA CYS A 115 -14.21 -26.33 -54.91
C CYS A 115 -14.44 -24.92 -54.36
N LEU A 116 -15.67 -24.62 -53.93
CA LEU A 116 -15.96 -23.29 -53.39
C LEU A 116 -15.12 -22.99 -52.16
N MET A 117 -14.99 -23.96 -51.26
CA MET A 117 -14.19 -23.76 -50.06
C MET A 117 -12.75 -23.43 -50.41
N LYS A 118 -12.18 -24.16 -51.38
CA LYS A 118 -10.82 -23.88 -51.83
C LYS A 118 -10.74 -22.48 -52.43
N ALA A 119 -11.78 -22.08 -53.18
CA ALA A 119 -11.77 -20.77 -53.81
C ALA A 119 -11.80 -19.64 -52.78
N VAL A 120 -12.58 -19.81 -51.71
CA VAL A 120 -12.79 -18.71 -50.78
C VAL A 120 -11.64 -18.58 -49.78
N LEU A 121 -11.03 -19.71 -49.40
CA LEU A 121 -9.96 -19.67 -48.41
C LEU A 121 -8.77 -18.84 -48.89
N ASN A 122 -8.62 -18.70 -50.21
CA ASN A 122 -7.55 -17.86 -50.75
C ASN A 122 -8.11 -16.79 -51.68
N LEU A 123 -8.24 -15.58 -51.14
CA LEU A 123 -8.85 -14.46 -51.83
C LEU A 123 -7.86 -13.31 -51.89
N GLN A 124 -7.73 -12.71 -53.07
CA GLN A 124 -6.75 -11.65 -53.30
C GLN A 124 -7.35 -10.27 -53.04
N ASP A 125 -7.25 -9.79 -51.81
CA ASP A 125 -7.83 -8.50 -51.41
C ASP A 125 -9.33 -8.48 -51.66
N GLY A 126 -9.97 -9.63 -51.50
CA GLY A 126 -11.41 -9.75 -51.60
C GLY A 126 -11.96 -9.87 -53.00
N VAL A 127 -11.32 -10.67 -53.84
CA VAL A 127 -11.83 -10.97 -55.19
C VAL A 127 -11.48 -12.41 -55.51
N ASN A 128 -12.43 -13.09 -56.14
CA ASN A 128 -12.19 -14.40 -56.74
C ASN A 128 -13.13 -14.57 -57.93
N ALA A 129 -12.63 -14.24 -59.13
CA ALA A 129 -13.48 -14.19 -60.31
C ALA A 129 -13.99 -15.55 -60.73
N CYS A 130 -13.42 -16.64 -60.19
CA CYS A 130 -13.87 -17.97 -60.59
C CYS A 130 -15.19 -18.34 -59.95
N ILE A 131 -15.55 -17.69 -58.84
CA ILE A 131 -16.69 -18.09 -58.03
C ILE A 131 -17.98 -17.98 -58.83
N LEU A 132 -18.21 -16.84 -59.48
CA LEU A 132 -19.48 -16.67 -60.16
C LEU A 132 -19.63 -17.66 -61.33
N PRO A 133 -18.65 -17.79 -62.24
CA PRO A 133 -18.76 -18.83 -63.29
C PRO A 133 -18.94 -20.22 -62.72
N LEU A 134 -18.29 -20.50 -61.58
CA LEU A 134 -18.50 -21.78 -60.92
C LEU A 134 -19.96 -21.93 -60.50
N LEU A 135 -20.58 -20.84 -60.04
CA LEU A 135 -22.00 -20.91 -59.69
C LEU A 135 -22.89 -21.15 -60.90
N GLN A 136 -22.61 -20.50 -62.05
CA GLN A 136 -23.43 -20.83 -63.21
C GLN A 136 -23.23 -22.27 -63.68
N ILE A 137 -21.99 -22.75 -63.76
CA ILE A 137 -21.78 -24.14 -64.16
C ILE A 137 -22.29 -25.09 -63.09
N ASP A 138 -22.58 -24.57 -61.90
CA ASP A 138 -23.25 -25.36 -60.87
C ASP A 138 -24.74 -25.50 -61.17
N ARG A 139 -25.47 -24.38 -61.20
CA ARG A 139 -26.93 -24.52 -61.20
C ARG A 139 -27.47 -24.79 -62.59
N ASP A 140 -26.62 -24.65 -63.62
CA ASP A 140 -27.07 -25.00 -64.96
C ASP A 140 -27.31 -26.50 -65.10
N SER A 141 -26.49 -27.31 -64.44
CA SER A 141 -26.63 -28.77 -64.41
C SER A 141 -26.13 -29.24 -63.05
N GLY A 142 -27.06 -29.45 -62.12
CA GLY A 142 -26.72 -29.84 -60.77
C GLY A 142 -27.81 -30.69 -60.13
N ASN A 143 -27.50 -31.17 -58.94
CA ASN A 143 -28.40 -32.01 -58.15
C ASN A 143 -29.38 -31.09 -57.42
N PRO A 144 -30.51 -31.59 -56.92
CA PRO A 144 -31.45 -30.71 -56.19
C PRO A 144 -30.84 -29.88 -55.06
N GLN A 145 -29.62 -30.20 -54.62
CA GLN A 145 -28.93 -29.35 -53.68
C GLN A 145 -27.57 -28.96 -54.26
N PRO A 146 -27.55 -28.07 -55.25
CA PRO A 146 -26.34 -27.93 -56.07
C PRO A 146 -25.20 -27.21 -55.36
N LEU A 147 -24.25 -28.01 -54.88
CA LEU A 147 -22.89 -27.60 -54.50
C LEU A 147 -22.85 -26.32 -53.65
N VAL A 148 -23.96 -26.00 -53.00
CA VAL A 148 -24.00 -24.84 -52.12
C VAL A 148 -24.64 -25.27 -50.81
N ASN A 149 -25.32 -26.41 -50.85
CA ASN A 149 -25.93 -26.98 -49.65
C ASN A 149 -25.09 -28.14 -49.14
N ALA A 150 -23.92 -28.34 -49.75
CA ALA A 150 -23.02 -29.43 -49.39
C ALA A 150 -21.91 -28.90 -48.50
N GLN A 151 -21.68 -29.59 -47.38
CA GLN A 151 -20.66 -29.19 -46.43
C GLN A 151 -19.67 -30.32 -46.17
N CYS A 152 -18.75 -30.12 -45.24
CA CYS A 152 -17.73 -31.11 -44.93
C CYS A 152 -18.36 -32.32 -44.23
N THR A 153 -17.66 -33.45 -44.31
CA THR A 153 -18.15 -34.69 -43.73
C THR A 153 -17.27 -35.26 -42.63
N ASP A 154 -16.06 -34.75 -42.43
CA ASP A 154 -15.21 -35.25 -41.35
C ASP A 154 -15.80 -34.87 -40.00
N GLU A 155 -15.45 -35.65 -38.97
CA GLU A 155 -16.01 -35.43 -37.64
C GLU A 155 -15.59 -34.07 -37.07
N PHE A 156 -14.37 -33.64 -37.41
CA PHE A 156 -13.83 -32.42 -36.81
C PHE A 156 -14.51 -31.18 -37.37
N TYR A 157 -14.70 -31.13 -38.69
CA TYR A 157 -15.40 -30.03 -39.36
C TYR A 157 -16.76 -30.43 -39.87
N ARG A 158 -17.49 -31.27 -39.15
CA ARG A 158 -18.80 -31.70 -39.62
C ARG A 158 -19.78 -30.54 -39.65
N GLY A 159 -20.45 -30.36 -40.79
CA GLY A 159 -21.46 -29.35 -40.97
C GLY A 159 -20.94 -28.04 -41.53
N HIS A 160 -19.62 -27.84 -41.50
CA HIS A 160 -19.03 -26.58 -41.93
C HIS A 160 -19.19 -26.37 -43.43
N SER A 161 -19.92 -25.31 -43.82
CA SER A 161 -20.19 -25.04 -45.22
C SER A 161 -19.36 -23.86 -45.72
N ALA A 162 -19.56 -23.53 -47.00
CA ALA A 162 -18.78 -22.46 -47.62
C ALA A 162 -19.21 -21.09 -47.10
N LEU A 163 -20.48 -20.94 -46.74
CA LEU A 163 -20.96 -19.66 -46.23
C LEU A 163 -20.31 -19.33 -44.89
N HIS A 164 -20.03 -20.35 -44.09
CA HIS A 164 -19.29 -20.14 -42.85
C HIS A 164 -17.89 -19.62 -43.14
N ILE A 165 -17.23 -20.15 -44.18
CA ILE A 165 -15.93 -19.64 -44.60
C ILE A 165 -16.05 -18.18 -45.03
N ALA A 166 -17.09 -17.87 -45.81
CA ALA A 166 -17.28 -16.51 -46.29
C ALA A 166 -17.44 -15.54 -45.14
N ILE A 167 -18.24 -15.90 -44.12
CA ILE A 167 -18.37 -15.06 -42.95
C ILE A 167 -17.05 -14.96 -42.18
N GLU A 168 -16.33 -16.08 -42.02
CA GLU A 168 -15.06 -16.08 -41.31
C GLU A 168 -14.01 -15.20 -41.96
N LYS A 169 -13.94 -15.17 -43.29
CA LYS A 169 -12.96 -14.37 -44.00
C LYS A 169 -13.33 -12.89 -44.02
N ARG A 170 -14.45 -12.51 -43.40
CA ARG A 170 -14.89 -11.12 -43.31
C ARG A 170 -15.02 -10.48 -44.69
N SER A 171 -15.72 -11.19 -45.56
CA SER A 171 -15.92 -10.75 -46.94
C SER A 171 -17.41 -10.79 -47.23
N LEU A 172 -18.03 -9.62 -47.30
CA LEU A 172 -19.47 -9.52 -47.53
C LEU A 172 -19.86 -9.81 -48.98
N TRP A 173 -18.97 -9.57 -49.94
CA TRP A 173 -19.30 -9.77 -51.34
C TRP A 173 -19.59 -11.23 -51.63
N CYS A 174 -18.70 -12.12 -51.20
CA CYS A 174 -18.91 -13.54 -51.43
C CYS A 174 -20.11 -14.05 -50.65
N VAL A 175 -20.39 -13.45 -49.48
CA VAL A 175 -21.60 -13.77 -48.74
C VAL A 175 -22.82 -13.47 -49.60
N LYS A 176 -22.83 -12.30 -50.22
CA LYS A 176 -23.93 -11.94 -51.12
C LYS A 176 -24.03 -12.92 -52.27
N LEU A 177 -22.89 -13.26 -52.87
CA LEU A 177 -22.91 -14.18 -54.02
C LEU A 177 -23.48 -15.53 -53.63
N LEU A 178 -23.10 -16.03 -52.46
CA LEU A 178 -23.61 -17.34 -52.03
C LEU A 178 -25.09 -17.28 -51.70
N VAL A 179 -25.54 -16.21 -51.03
CA VAL A 179 -26.95 -16.15 -50.64
C VAL A 179 -27.88 -15.84 -51.82
N GLU A 180 -27.38 -15.11 -52.83
CA GLU A 180 -28.21 -14.72 -53.97
C GLU A 180 -28.46 -15.86 -54.95
N ASN A 181 -27.71 -16.95 -54.85
CA ASN A 181 -27.94 -18.12 -55.70
C ASN A 181 -28.55 -19.28 -54.93
N GLY A 182 -29.07 -19.03 -53.73
CA GLY A 182 -29.64 -20.08 -52.92
C GLY A 182 -28.64 -20.65 -51.93
N ALA A 183 -28.90 -20.47 -50.65
CA ALA A 183 -27.99 -20.97 -49.62
C ALA A 183 -28.78 -21.07 -48.31
N ASN A 184 -28.86 -22.27 -47.75
CA ASN A 184 -29.47 -22.46 -46.45
C ASN A 184 -28.71 -21.65 -45.41
N VAL A 185 -29.41 -20.77 -44.69
CA VAL A 185 -28.77 -19.84 -43.78
C VAL A 185 -28.75 -20.47 -42.39
N HIS A 186 -29.27 -21.69 -42.29
CA HIS A 186 -29.29 -22.36 -40.99
C HIS A 186 -28.05 -23.22 -40.78
N ILE A 187 -27.86 -24.24 -41.62
CA ILE A 187 -26.67 -25.09 -41.68
C ILE A 187 -26.02 -25.26 -40.31
N ARG A 188 -26.59 -26.13 -39.48
CA ARG A 188 -26.04 -26.36 -38.15
C ARG A 188 -24.73 -27.14 -38.23
N ALA A 189 -23.60 -26.44 -38.08
CA ALA A 189 -22.29 -27.07 -38.12
C ALA A 189 -22.04 -27.87 -36.85
N CYS A 190 -22.39 -29.15 -36.86
CA CYS A 190 -22.25 -30.00 -35.68
C CYS A 190 -20.91 -30.74 -35.73
N GLY A 191 -19.85 -29.95 -35.67
CA GLY A 191 -18.49 -30.46 -35.73
C GLY A 191 -17.86 -30.48 -34.34
N ARG A 192 -16.83 -31.32 -34.19
CA ARG A 192 -16.12 -31.41 -32.92
C ARG A 192 -15.42 -30.09 -32.57
N PHE A 193 -14.95 -29.35 -33.57
CA PHE A 193 -14.29 -28.08 -33.34
C PHE A 193 -15.26 -26.97 -32.98
N PHE A 194 -16.50 -27.06 -33.44
CA PHE A 194 -17.50 -26.03 -33.19
C PHE A 194 -18.25 -26.23 -31.88
N GLN A 195 -18.06 -27.38 -31.22
CA GLN A 195 -18.66 -27.58 -29.91
C GLN A 195 -17.76 -26.98 -28.83
N LYS A 196 -18.32 -26.87 -27.63
CA LYS A 196 -17.58 -26.34 -26.49
C LYS A 196 -17.12 -27.50 -25.61
N HIS A 197 -15.80 -27.68 -25.53
CA HIS A 197 -15.21 -28.75 -24.75
C HIS A 197 -13.77 -28.37 -24.45
N GLN A 198 -12.98 -29.33 -23.98
CA GLN A 198 -11.57 -29.10 -23.68
C GLN A 198 -10.72 -29.41 -24.91
N GLY A 199 -9.81 -28.50 -25.23
CA GLY A 199 -8.97 -28.62 -26.40
C GLY A 199 -9.25 -27.52 -27.40
N THR A 200 -8.80 -27.76 -28.64
CA THR A 200 -9.02 -26.79 -29.70
C THR A 200 -10.50 -26.74 -30.09
N CYS A 201 -11.11 -25.57 -29.93
CA CYS A 201 -12.52 -25.39 -30.23
C CYS A 201 -12.85 -23.90 -30.17
N PHE A 202 -13.99 -23.54 -30.77
CA PHE A 202 -14.52 -22.18 -30.66
C PHE A 202 -16.03 -22.28 -30.85
N TYR A 203 -16.76 -22.22 -29.74
CA TYR A 203 -18.22 -22.29 -29.79
C TYR A 203 -18.78 -20.92 -30.15
N PHE A 204 -19.62 -20.87 -31.18
CA PHE A 204 -20.21 -19.62 -31.64
C PHE A 204 -21.69 -19.77 -31.95
N GLY A 205 -22.32 -20.85 -31.48
CA GLY A 205 -23.71 -21.10 -31.79
C GLY A 205 -23.96 -21.92 -33.04
N GLU A 206 -22.90 -22.33 -33.74
CA GLU A 206 -22.96 -23.16 -34.94
C GLU A 206 -24.07 -22.71 -35.89
N LEU A 207 -24.15 -21.40 -36.09
CA LEU A 207 -25.17 -20.80 -36.92
C LEU A 207 -24.57 -19.59 -37.60
N PRO A 208 -24.77 -19.42 -38.91
CA PRO A 208 -24.14 -18.29 -39.63
C PRO A 208 -24.47 -16.94 -39.05
N LEU A 209 -25.73 -16.73 -38.66
CA LEU A 209 -26.10 -15.47 -38.00
C LEU A 209 -25.37 -15.31 -36.69
N SER A 210 -25.31 -16.38 -35.89
CA SER A 210 -24.58 -16.35 -34.63
C SER A 210 -23.10 -16.14 -34.85
N LEU A 211 -22.53 -16.77 -35.89
CA LEU A 211 -21.13 -16.58 -36.21
C LEU A 211 -20.83 -15.12 -36.56
N ALA A 212 -21.68 -14.53 -37.40
CA ALA A 212 -21.48 -13.13 -37.78
C ALA A 212 -21.61 -12.21 -36.58
N ALA A 213 -22.60 -12.48 -35.71
CA ALA A 213 -22.75 -11.67 -34.50
C ALA A 213 -21.54 -11.80 -33.59
N CYS A 214 -21.01 -13.01 -33.43
CA CYS A 214 -19.88 -13.26 -32.55
C CYS A 214 -18.58 -12.67 -33.07
N THR A 215 -18.37 -12.65 -34.38
CA THR A 215 -17.14 -12.11 -34.96
C THR A 215 -17.23 -10.60 -35.20
N LYS A 216 -18.19 -9.93 -34.59
CA LYS A 216 -18.36 -8.47 -34.69
C LYS A 216 -18.43 -8.03 -36.14
N GLN A 217 -19.45 -8.53 -36.84
CA GLN A 217 -19.69 -8.18 -38.24
C GLN A 217 -21.13 -7.73 -38.35
N TRP A 218 -21.38 -6.45 -38.08
CA TRP A 218 -22.74 -5.92 -38.11
C TRP A 218 -23.29 -5.82 -39.52
N ASP A 219 -22.45 -5.52 -40.51
CA ASP A 219 -22.93 -5.45 -41.88
C ASP A 219 -23.40 -6.81 -42.38
N VAL A 220 -22.68 -7.87 -42.03
CA VAL A 220 -23.09 -9.23 -42.42
C VAL A 220 -24.43 -9.58 -41.79
N VAL A 221 -24.59 -9.27 -40.50
CA VAL A 221 -25.85 -9.54 -39.81
C VAL A 221 -26.98 -8.77 -40.46
N THR A 222 -26.74 -7.48 -40.74
CA THR A 222 -27.76 -6.64 -41.36
C THR A 222 -28.18 -7.20 -42.71
N TYR A 223 -27.21 -7.60 -43.54
CA TYR A 223 -27.55 -8.16 -44.84
C TYR A 223 -28.30 -9.48 -44.69
N LEU A 224 -27.92 -10.30 -43.71
CA LEU A 224 -28.58 -11.58 -43.52
C LEU A 224 -30.02 -11.43 -43.02
N LEU A 225 -30.33 -10.36 -42.31
CA LEU A 225 -31.66 -10.22 -41.72
C LEU A 225 -32.73 -9.74 -42.71
N GLU A 226 -32.36 -9.06 -43.80
CA GLU A 226 -33.34 -8.66 -44.79
C GLU A 226 -32.92 -9.01 -46.22
N ASN A 227 -32.37 -10.20 -46.44
CA ASN A 227 -32.14 -10.65 -47.80
C ASN A 227 -33.48 -10.92 -48.47
N PRO A 228 -33.78 -10.30 -49.62
CA PRO A 228 -35.10 -10.46 -50.23
C PRO A 228 -35.36 -11.83 -50.81
N HIS A 229 -34.32 -12.61 -51.10
CA HIS A 229 -34.49 -13.93 -51.71
C HIS A 229 -35.23 -14.87 -50.77
N GLN A 230 -34.70 -15.09 -49.58
CA GLN A 230 -35.40 -15.84 -48.55
C GLN A 230 -34.89 -15.36 -47.18
N PRO A 231 -35.78 -14.80 -46.35
CA PRO A 231 -35.34 -14.19 -45.08
C PRO A 231 -34.68 -15.18 -44.14
N ALA A 232 -33.68 -14.71 -43.39
CA ALA A 232 -33.10 -15.48 -42.31
C ALA A 232 -33.87 -15.21 -41.02
N SER A 233 -33.95 -16.25 -40.18
CA SER A 233 -34.69 -16.14 -38.93
C SER A 233 -33.78 -15.58 -37.84
N LEU A 234 -34.40 -15.16 -36.73
CA LEU A 234 -33.65 -14.63 -35.60
C LEU A 234 -33.86 -15.41 -34.31
N GLU A 235 -34.94 -16.18 -34.19
CA GLU A 235 -35.16 -17.05 -33.05
C GLU A 235 -34.84 -18.50 -33.42
N ALA A 236 -33.97 -18.67 -34.42
CA ALA A 236 -33.54 -19.99 -34.84
C ALA A 236 -32.59 -20.58 -33.81
N THR A 237 -32.74 -21.88 -33.56
CA THR A 237 -31.98 -22.57 -32.54
C THR A 237 -31.04 -23.59 -33.18
N ASP A 238 -30.02 -23.98 -32.41
CA ASP A 238 -29.07 -24.98 -32.83
C ASP A 238 -29.36 -26.32 -32.14
N SER A 239 -28.47 -27.29 -32.32
CA SER A 239 -28.66 -28.60 -31.70
C SER A 239 -28.63 -28.50 -30.18
N LEU A 240 -27.74 -27.68 -29.64
CA LEU A 240 -27.64 -27.52 -28.19
C LEU A 240 -28.87 -26.81 -27.62
N GLY A 241 -29.65 -26.16 -28.48
CA GLY A 241 -30.82 -25.42 -28.05
C GLY A 241 -30.61 -23.94 -27.92
N ASN A 242 -29.37 -23.46 -28.05
CA ASN A 242 -29.07 -22.05 -27.89
C ASN A 242 -29.53 -21.25 -29.10
N THR A 243 -29.71 -19.95 -28.89
CA THR A 243 -30.00 -19.00 -29.95
C THR A 243 -28.86 -18.00 -30.01
N VAL A 244 -29.01 -16.97 -30.85
CA VAL A 244 -27.93 -16.01 -31.06
C VAL A 244 -27.58 -15.29 -29.76
N LEU A 245 -28.58 -14.92 -28.96
CA LEU A 245 -28.32 -14.30 -27.67
C LEU A 245 -27.67 -15.27 -26.69
N HIS A 246 -28.10 -16.53 -26.69
CA HIS A 246 -27.45 -17.55 -25.87
C HIS A 246 -26.00 -17.72 -26.29
N ALA A 247 -25.73 -17.71 -27.60
CA ALA A 247 -24.34 -17.81 -28.07
C ALA A 247 -23.53 -16.61 -27.62
N LEU A 248 -24.11 -15.41 -27.71
CA LEU A 248 -23.40 -14.20 -27.29
C LEU A 248 -23.04 -14.26 -25.82
N VAL A 249 -23.98 -14.71 -24.97
CA VAL A 249 -23.67 -14.81 -23.54
C VAL A 249 -22.76 -15.98 -23.23
N MET A 250 -22.73 -17.01 -24.07
CA MET A 250 -21.85 -18.16 -23.86
C MET A 250 -20.41 -17.87 -24.26
N ILE A 251 -20.19 -17.00 -25.24
CA ILE A 251 -18.83 -16.59 -25.60
C ILE A 251 -18.32 -15.45 -24.74
N ALA A 252 -19.15 -14.87 -23.89
CA ALA A 252 -18.75 -13.70 -23.13
C ALA A 252 -17.61 -14.03 -22.17
N ASP A 253 -16.75 -13.06 -21.94
CA ASP A 253 -15.67 -13.16 -20.97
C ASP A 253 -15.67 -11.90 -20.12
N ASN A 254 -14.93 -11.94 -19.01
CA ASN A 254 -14.90 -10.83 -18.08
C ASN A 254 -13.88 -9.76 -18.45
N SER A 255 -13.16 -9.95 -19.56
CA SER A 255 -12.29 -8.91 -20.08
C SER A 255 -13.10 -7.76 -20.66
N PRO A 256 -12.64 -6.52 -20.49
CA PRO A 256 -13.41 -5.37 -20.97
C PRO A 256 -13.65 -5.39 -22.47
N GLU A 257 -12.65 -5.81 -23.24
CA GLU A 257 -12.78 -5.83 -24.70
C GLU A 257 -13.87 -6.77 -25.17
N ASN A 258 -13.96 -7.96 -24.57
CA ASN A 258 -15.02 -8.89 -24.92
C ASN A 258 -16.37 -8.43 -24.38
N SER A 259 -16.39 -7.88 -23.17
CA SER A 259 -17.64 -7.46 -22.56
C SER A 259 -18.31 -6.35 -23.36
N ALA A 260 -17.53 -5.36 -23.81
CA ALA A 260 -18.09 -4.26 -24.59
C ALA A 260 -18.69 -4.78 -25.90
N LEU A 261 -17.96 -5.66 -26.58
CA LEU A 261 -18.44 -6.23 -27.83
C LEU A 261 -19.74 -7.00 -27.61
N VAL A 262 -19.78 -7.82 -26.56
CA VAL A 262 -20.96 -8.64 -26.29
C VAL A 262 -22.15 -7.75 -25.97
N ILE A 263 -21.94 -6.73 -25.15
CA ILE A 263 -23.02 -5.83 -24.77
C ILE A 263 -23.56 -5.10 -25.98
N HIS A 264 -22.67 -4.56 -26.82
CA HIS A 264 -23.11 -3.82 -27.99
C HIS A 264 -23.88 -4.71 -28.95
N MET A 265 -23.37 -5.91 -29.21
CA MET A 265 -24.06 -6.83 -30.12
C MET A 265 -25.42 -7.23 -29.55
N TYR A 266 -25.48 -7.47 -28.23
CA TYR A 266 -26.73 -7.85 -27.58
C TYR A 266 -27.78 -6.76 -27.76
N ASP A 267 -27.41 -5.52 -27.45
CA ASP A 267 -28.36 -4.41 -27.55
C ASP A 267 -28.81 -4.20 -28.99
N SER A 268 -27.86 -4.24 -29.93
CA SER A 268 -28.20 -4.04 -31.33
C SER A 268 -29.13 -5.13 -31.83
N LEU A 269 -28.86 -6.38 -31.46
CA LEU A 269 -29.72 -7.48 -31.87
C LEU A 269 -31.10 -7.38 -31.26
N LEU A 270 -31.18 -6.93 -30.00
CA LEU A 270 -32.49 -6.76 -29.37
C LEU A 270 -33.32 -5.71 -30.10
N GLN A 271 -32.71 -4.56 -30.40
CA GLN A 271 -33.49 -3.52 -31.09
C GLN A 271 -33.80 -3.92 -32.53
N MET A 272 -32.92 -4.68 -33.17
CA MET A 272 -33.19 -5.16 -34.52
C MET A 272 -34.34 -6.16 -34.51
N GLY A 273 -34.38 -7.03 -33.51
CA GLY A 273 -35.51 -7.95 -33.39
C GLY A 273 -36.81 -7.23 -33.11
N ALA A 274 -36.75 -6.15 -32.32
CA ALA A 274 -37.91 -5.29 -32.16
C ALA A 274 -38.36 -4.70 -33.49
N ARG A 275 -37.40 -4.29 -34.34
CA ARG A 275 -37.74 -3.78 -35.66
C ARG A 275 -38.42 -4.84 -36.52
N LEU A 276 -37.79 -6.00 -36.65
CA LEU A 276 -38.27 -7.04 -37.56
C LEU A 276 -39.51 -7.76 -37.03
N CYS A 277 -39.40 -8.39 -35.87
CA CYS A 277 -40.48 -9.17 -35.28
C CYS A 277 -40.82 -8.62 -33.89
N PRO A 278 -41.66 -7.60 -33.80
CA PRO A 278 -41.99 -7.03 -32.48
C PRO A 278 -42.90 -7.92 -31.64
N THR A 279 -43.58 -8.89 -32.25
CA THR A 279 -44.51 -9.74 -31.51
C THR A 279 -43.78 -10.66 -30.55
N VAL A 280 -42.92 -11.53 -31.10
CA VAL A 280 -42.20 -12.47 -30.25
C VAL A 280 -41.13 -11.74 -29.46
N GLN A 281 -40.85 -12.25 -28.26
CA GLN A 281 -39.80 -11.70 -27.41
C GLN A 281 -38.62 -12.66 -27.41
N LEU A 282 -37.43 -12.13 -27.70
CA LEU A 282 -36.25 -12.99 -27.82
C LEU A 282 -35.66 -13.33 -26.46
N GLU A 283 -35.93 -12.51 -25.44
CA GLU A 283 -35.34 -12.72 -24.13
C GLU A 283 -35.95 -13.91 -23.39
N ASP A 284 -37.08 -14.43 -23.86
CA ASP A 284 -37.77 -15.49 -23.13
C ASP A 284 -37.79 -16.79 -23.92
N ILE A 285 -36.72 -17.07 -24.65
CA ILE A 285 -36.59 -18.30 -25.42
C ILE A 285 -35.81 -19.28 -24.57
N CYS A 286 -36.50 -20.28 -24.02
CA CYS A 286 -35.85 -21.23 -23.13
C CYS A 286 -34.88 -22.12 -23.90
N ASN A 287 -33.78 -22.46 -23.24
CA ASN A 287 -32.77 -23.37 -23.77
C ASN A 287 -33.29 -24.80 -23.70
N HIS A 288 -32.45 -25.73 -24.16
CA HIS A 288 -32.75 -27.14 -23.97
C HIS A 288 -32.71 -27.54 -22.50
N GLN A 289 -32.06 -26.74 -21.65
CA GLN A 289 -32.06 -26.93 -20.21
C GLN A 289 -33.06 -26.02 -19.52
N GLY A 290 -33.94 -25.37 -20.28
CA GLY A 290 -34.90 -24.45 -19.70
C GLY A 290 -34.28 -23.20 -19.12
N LEU A 291 -33.29 -22.63 -19.80
CA LEU A 291 -32.62 -21.42 -19.34
C LEU A 291 -32.77 -20.31 -20.36
N THR A 292 -33.03 -19.11 -19.87
CA THR A 292 -33.05 -17.89 -20.65
C THR A 292 -31.66 -17.28 -20.69
N PRO A 293 -31.40 -16.34 -21.62
CA PRO A 293 -30.08 -15.71 -21.67
C PRO A 293 -29.64 -15.09 -20.35
N LEU A 294 -30.57 -14.47 -19.62
CA LEU A 294 -30.25 -13.94 -18.30
C LEU A 294 -29.90 -15.06 -17.32
N LYS A 295 -30.69 -16.13 -17.32
CA LYS A 295 -30.40 -17.25 -16.44
C LYS A 295 -29.12 -17.96 -16.86
N LEU A 296 -28.85 -18.04 -18.17
CA LEU A 296 -27.59 -18.59 -18.63
C LEU A 296 -26.41 -17.75 -18.16
N ALA A 297 -26.55 -16.43 -18.20
CA ALA A 297 -25.50 -15.55 -17.69
C ALA A 297 -25.30 -15.76 -16.19
N ALA A 298 -26.39 -15.92 -15.45
CA ALA A 298 -26.28 -16.17 -14.01
C ALA A 298 -25.56 -17.48 -13.72
N LYS A 299 -25.94 -18.56 -14.42
CA LYS A 299 -25.33 -19.86 -14.17
C LYS A 299 -23.87 -19.93 -14.61
N GLU A 300 -23.53 -19.34 -15.75
CA GLU A 300 -22.18 -19.47 -16.28
C GLU A 300 -21.18 -18.51 -15.64
N GLY A 301 -21.64 -17.62 -14.77
CA GLY A 301 -20.74 -16.72 -14.09
C GLY A 301 -20.33 -15.48 -14.86
N LYS A 302 -20.97 -15.20 -15.99
CA LYS A 302 -20.64 -14.04 -16.79
C LYS A 302 -21.17 -12.77 -16.12
N ILE A 303 -20.33 -12.12 -15.32
CA ILE A 303 -20.80 -11.06 -14.44
C ILE A 303 -21.17 -9.80 -15.22
N GLU A 304 -20.37 -9.42 -16.21
CA GLU A 304 -20.56 -8.13 -16.87
C GLU A 304 -21.85 -8.09 -17.66
N ILE A 305 -22.07 -9.10 -18.51
CA ILE A 305 -23.31 -9.14 -19.29
C ILE A 305 -24.50 -9.35 -18.36
N PHE A 306 -24.30 -10.06 -17.25
CA PHE A 306 -25.36 -10.24 -16.27
C PHE A 306 -25.81 -8.90 -15.70
N ARG A 307 -24.87 -8.08 -15.26
CA ARG A 307 -25.24 -6.78 -14.70
C ARG A 307 -25.85 -5.89 -15.77
N HIS A 308 -25.32 -5.94 -16.99
CA HIS A 308 -25.85 -5.09 -18.05
C HIS A 308 -27.30 -5.45 -18.35
N ILE A 309 -27.60 -6.74 -18.49
CA ILE A 309 -28.97 -7.16 -18.74
C ILE A 309 -29.84 -6.82 -17.53
N LEU A 310 -29.29 -6.94 -16.33
CA LEU A 310 -30.09 -6.72 -15.13
C LEU A 310 -30.51 -5.25 -14.99
N GLN A 311 -29.63 -4.31 -15.30
CA GLN A 311 -29.92 -2.89 -15.11
C GLN A 311 -29.72 -2.10 -16.41
N ARG A 312 -30.23 -2.62 -17.51
CA ARG A 312 -30.15 -1.92 -18.79
C ARG A 312 -31.25 -0.88 -18.89
N GLU A 313 -30.91 0.27 -19.47
CA GLU A 313 -31.82 1.40 -19.60
C GLU A 313 -31.72 2.00 -20.99
N PHE A 314 -32.87 2.23 -21.61
CA PHE A 314 -32.94 2.80 -22.95
C PHE A 314 -33.75 4.09 -22.95
N SER A 315 -34.11 4.57 -24.15
CA SER A 315 -34.74 5.87 -24.32
C SER A 315 -36.17 5.63 -24.82
N GLY A 316 -36.83 6.72 -25.23
CA GLY A 316 -38.22 6.63 -25.62
C GLY A 316 -38.46 5.63 -26.74
N LEU A 317 -37.57 5.60 -27.72
CA LEU A 317 -37.63 4.57 -28.74
C LEU A 317 -36.95 3.30 -28.22
N TYR A 318 -37.58 2.15 -28.52
CA TYR A 318 -37.20 0.87 -27.94
C TYR A 318 -37.22 0.95 -26.41
N GLN A 319 -38.28 1.56 -25.89
CA GLN A 319 -38.47 1.72 -24.45
C GLN A 319 -39.01 0.45 -23.78
N PRO A 320 -40.04 -0.23 -24.34
CA PRO A 320 -40.59 -1.39 -23.62
C PRO A 320 -39.58 -2.48 -23.30
N LEU A 321 -38.61 -2.70 -24.17
CA LEU A 321 -37.58 -3.70 -23.91
C LEU A 321 -36.44 -3.14 -23.09
N SER A 322 -36.77 -2.61 -21.91
CA SER A 322 -35.79 -2.12 -20.94
C SER A 322 -36.11 -2.72 -19.59
N ARG A 323 -35.12 -2.77 -18.70
CA ARG A 323 -35.29 -3.37 -17.38
C ARG A 323 -35.36 -2.35 -16.26
N LYS A 324 -34.54 -1.30 -16.33
CA LYS A 324 -34.55 -0.24 -15.31
C LYS A 324 -35.32 0.95 -15.83
N PHE A 325 -36.45 1.25 -15.20
CA PHE A 325 -37.29 2.37 -15.58
C PHE A 325 -37.10 3.52 -14.60
N THR A 326 -37.93 4.56 -14.72
CA THR A 326 -37.85 5.71 -13.82
C THR A 326 -39.27 6.25 -13.64
N GLU A 327 -39.77 6.19 -12.40
CA GLU A 327 -41.14 6.59 -12.13
C GLU A 327 -41.31 8.11 -12.14
N TRP A 328 -40.61 8.80 -11.23
CA TRP A 328 -40.72 10.25 -11.13
C TRP A 328 -39.43 10.82 -10.57
N CYS A 329 -39.12 12.06 -10.95
CA CYS A 329 -37.93 12.78 -10.50
C CYS A 329 -38.37 14.15 -10.01
N TYR A 330 -38.50 14.27 -8.68
CA TYR A 330 -38.82 15.56 -8.07
C TYR A 330 -37.54 16.14 -7.48
N GLY A 331 -36.96 17.12 -8.16
CA GLY A 331 -35.71 17.69 -7.74
C GLY A 331 -34.57 16.73 -7.95
N PRO A 332 -33.75 16.52 -6.91
CA PRO A 332 -32.58 15.64 -7.03
C PRO A 332 -32.81 14.18 -6.64
N VAL A 333 -34.04 13.80 -6.27
CA VAL A 333 -34.34 12.42 -5.89
C VAL A 333 -34.91 11.71 -7.10
N ARG A 334 -34.55 10.43 -7.26
CA ARG A 334 -35.01 9.61 -8.37
C ARG A 334 -35.58 8.31 -7.84
N VAL A 335 -36.57 7.79 -8.55
CA VAL A 335 -37.21 6.52 -8.21
C VAL A 335 -36.96 5.57 -9.37
N SER A 336 -36.23 4.49 -9.12
CA SER A 336 -35.95 3.49 -10.12
C SER A 336 -36.79 2.25 -9.88
N LEU A 337 -37.28 1.67 -10.97
CA LEU A 337 -38.14 0.49 -10.90
C LEU A 337 -37.46 -0.62 -11.70
N TYR A 338 -36.82 -1.54 -10.99
CA TYR A 338 -36.16 -2.67 -11.64
C TYR A 338 -37.15 -3.78 -11.92
N ASP A 339 -37.07 -4.35 -13.13
CA ASP A 339 -37.95 -5.45 -13.47
C ASP A 339 -37.58 -6.69 -12.67
N LEU A 340 -38.57 -7.34 -12.08
CA LEU A 340 -38.37 -8.55 -11.27
C LEU A 340 -38.78 -9.80 -12.03
N SER A 341 -38.62 -9.80 -13.35
CA SER A 341 -38.99 -10.94 -14.17
C SER A 341 -37.87 -11.98 -14.16
N SER A 342 -38.21 -13.21 -13.77
CA SER A 342 -37.29 -14.33 -13.75
C SER A 342 -36.12 -14.11 -12.80
N VAL A 343 -36.25 -13.15 -11.89
CA VAL A 343 -35.23 -12.93 -10.87
C VAL A 343 -35.79 -12.99 -9.46
N ASP A 344 -37.07 -12.72 -9.25
CA ASP A 344 -37.68 -12.86 -7.94
C ASP A 344 -37.78 -14.33 -7.54
N SER A 345 -37.62 -14.58 -6.25
CA SER A 345 -37.65 -15.93 -5.71
C SER A 345 -39.03 -16.56 -5.74
N TRP A 346 -40.07 -15.79 -6.06
CA TRP A 346 -41.42 -16.34 -6.16
C TRP A 346 -41.52 -17.40 -7.25
N GLU A 347 -40.74 -17.27 -8.32
CA GLU A 347 -40.74 -18.22 -9.41
C GLU A 347 -39.97 -19.48 -9.00
N LYS A 348 -40.28 -20.58 -9.67
CA LYS A 348 -39.68 -21.87 -9.35
C LYS A 348 -38.18 -21.87 -9.56
N ASN A 349 -37.72 -21.43 -10.73
CA ASN A 349 -36.30 -21.42 -11.07
C ASN A 349 -35.91 -19.97 -11.36
N SER A 350 -35.46 -19.28 -10.32
CA SER A 350 -35.13 -17.86 -10.43
C SER A 350 -33.62 -17.67 -10.56
N VAL A 351 -33.23 -16.42 -10.80
CA VAL A 351 -31.81 -16.08 -10.92
C VAL A 351 -31.11 -16.25 -9.58
N LEU A 352 -31.77 -15.86 -8.49
CA LEU A 352 -31.17 -15.98 -7.17
C LEU A 352 -30.88 -17.43 -6.82
N GLU A 353 -31.83 -18.33 -7.10
CA GLU A 353 -31.63 -19.74 -6.84
C GLU A 353 -30.49 -20.30 -7.69
N ILE A 354 -30.42 -19.87 -8.95
CA ILE A 354 -29.35 -20.32 -9.84
C ILE A 354 -28.00 -19.87 -9.31
N ILE A 355 -27.91 -18.62 -8.86
CA ILE A 355 -26.64 -18.11 -8.33
C ILE A 355 -26.24 -18.85 -7.07
N ALA A 356 -27.20 -19.10 -6.17
CA ALA A 356 -26.90 -19.68 -4.87
C ALA A 356 -26.69 -21.19 -4.91
N PHE A 357 -27.25 -21.89 -5.89
CA PHE A 357 -27.24 -23.34 -5.85
C PHE A 357 -26.86 -24.01 -7.16
N HIS A 358 -26.60 -23.26 -8.23
CA HIS A 358 -26.33 -23.88 -9.52
C HIS A 358 -25.04 -23.36 -10.13
N CYS A 359 -24.65 -22.13 -9.78
CA CYS A 359 -23.40 -21.58 -10.30
C CYS A 359 -22.21 -22.20 -9.61
N LYS A 360 -21.27 -22.72 -10.39
CA LYS A 360 -20.05 -23.31 -9.87
C LYS A 360 -18.83 -22.43 -10.12
N SER A 361 -19.05 -21.17 -10.48
CA SER A 361 -17.93 -20.25 -10.66
C SER A 361 -17.23 -20.00 -9.33
N PRO A 362 -15.91 -19.81 -9.36
CA PRO A 362 -15.17 -19.60 -8.11
C PRO A 362 -15.66 -18.39 -7.34
N HIS A 363 -15.64 -17.22 -7.98
CA HIS A 363 -16.02 -15.98 -7.32
C HIS A 363 -17.44 -15.57 -7.72
N ARG A 364 -18.40 -16.41 -7.33
CA ARG A 364 -19.80 -16.12 -7.57
C ARG A 364 -20.42 -15.25 -6.49
N HIS A 365 -19.68 -14.97 -5.41
CA HIS A 365 -20.19 -14.11 -4.36
C HIS A 365 -20.16 -12.64 -4.79
N ARG A 366 -19.20 -12.25 -5.61
CA ARG A 366 -19.19 -10.88 -6.13
C ARG A 366 -20.39 -10.62 -7.03
N MET A 367 -21.00 -11.67 -7.55
CA MET A 367 -22.12 -11.48 -8.47
C MET A 367 -23.31 -10.85 -7.78
N VAL A 368 -23.73 -11.41 -6.64
CA VAL A 368 -24.84 -10.79 -5.91
C VAL A 368 -24.33 -9.82 -4.86
N VAL A 369 -24.01 -8.63 -5.36
CA VAL A 369 -23.56 -7.46 -4.58
C VAL A 369 -23.77 -6.23 -5.47
N LEU A 370 -24.72 -6.32 -6.40
CA LEU A 370 -25.00 -5.24 -7.34
C LEU A 370 -26.16 -4.32 -6.95
N GLU A 371 -26.84 -3.79 -7.96
CA GLU A 371 -27.95 -2.86 -7.74
C GLU A 371 -29.25 -3.54 -7.32
N PRO A 372 -29.95 -4.16 -8.27
CA PRO A 372 -31.23 -4.83 -8.01
C PRO A 372 -31.05 -6.28 -7.56
N LEU A 373 -30.31 -6.48 -6.47
CA LEU A 373 -30.06 -7.81 -5.93
C LEU A 373 -29.67 -7.63 -4.48
N ASN A 374 -28.87 -6.59 -4.22
CA ASN A 374 -28.43 -6.29 -2.86
C ASN A 374 -29.56 -5.71 -2.03
N LYS A 375 -30.39 -4.89 -2.66
CA LYS A 375 -31.52 -4.28 -1.97
C LYS A 375 -32.61 -5.30 -1.72
N LEU A 376 -32.97 -6.03 -2.77
CA LEU A 376 -34.02 -7.05 -2.65
C LEU A 376 -33.69 -8.05 -1.55
N LEU A 377 -32.43 -8.50 -1.50
CA LEU A 377 -32.06 -9.46 -0.47
C LEU A 377 -31.99 -8.81 0.90
N GLN A 378 -31.62 -7.53 0.97
CA GLN A 378 -31.66 -6.84 2.25
C GLN A 378 -33.09 -6.75 2.79
N GLU A 379 -34.04 -6.43 1.92
CA GLU A 379 -35.44 -6.38 2.34
C GLU A 379 -35.93 -7.76 2.78
N LYS A 380 -35.57 -8.80 2.03
CA LYS A 380 -35.97 -10.15 2.39
C LYS A 380 -35.40 -10.55 3.75
N TRP A 381 -34.13 -10.23 3.99
CA TRP A 381 -33.50 -10.54 5.27
C TRP A 381 -34.17 -9.78 6.41
N ASP A 382 -34.48 -8.50 6.18
CA ASP A 382 -35.15 -7.71 7.20
C ASP A 382 -36.52 -8.30 7.54
N ARG A 383 -37.24 -8.79 6.53
CA ARG A 383 -38.51 -9.45 6.79
C ARG A 383 -38.36 -10.79 7.49
N LEU A 384 -37.30 -11.54 7.22
CA LEU A 384 -37.13 -12.88 7.77
C LEU A 384 -36.32 -12.91 9.06
N ILE A 385 -35.89 -11.76 9.57
CA ILE A 385 -35.17 -11.74 10.86
C ILE A 385 -35.89 -12.54 11.96
N PRO A 386 -37.19 -12.35 12.21
CA PRO A 386 -37.83 -13.09 13.32
C PRO A 386 -37.73 -14.60 13.17
N ARG A 387 -37.90 -15.14 11.97
CA ARG A 387 -37.80 -16.58 11.79
C ARG A 387 -36.39 -17.08 12.04
N PHE A 388 -35.39 -16.33 11.56
CA PHE A 388 -34.01 -16.72 11.78
C PHE A 388 -33.69 -16.78 13.26
N PHE A 389 -34.07 -15.75 14.01
CA PHE A 389 -33.74 -15.76 15.42
C PHE A 389 -34.62 -16.71 16.24
N PHE A 390 -35.84 -17.01 15.79
CA PHE A 390 -36.63 -18.06 16.41
C PHE A 390 -35.97 -19.42 16.22
N ASN A 391 -35.44 -19.69 15.03
CA ASN A 391 -34.70 -20.92 14.79
C ASN A 391 -33.47 -21.00 15.69
N PHE A 392 -32.75 -19.87 15.81
CA PHE A 392 -31.59 -19.86 16.70
C PHE A 392 -31.99 -20.14 18.14
N ALA A 393 -33.10 -19.55 18.61
CA ALA A 393 -33.55 -19.78 19.97
C ALA A 393 -33.94 -21.23 20.18
N CYS A 394 -34.60 -21.84 19.20
CA CYS A 394 -34.98 -23.25 19.32
C CYS A 394 -33.74 -24.13 19.40
N TYR A 395 -32.74 -23.85 18.57
CA TYR A 395 -31.50 -24.63 18.63
C TYR A 395 -30.79 -24.45 19.96
N LEU A 396 -30.80 -23.22 20.49
CA LEU A 396 -30.17 -22.97 21.79
C LEU A 396 -30.88 -23.74 22.89
N VAL A 397 -32.22 -23.77 22.86
CA VAL A 397 -32.96 -24.53 23.86
C VAL A 397 -32.64 -26.02 23.75
N TYR A 398 -32.57 -26.54 22.52
CA TYR A 398 -32.22 -27.95 22.33
C TYR A 398 -30.84 -28.24 22.88
N MET A 399 -29.87 -27.36 22.64
CA MET A 399 -28.52 -27.60 23.13
C MET A 399 -28.44 -27.50 24.65
N ILE A 400 -29.22 -26.60 25.25
CA ILE A 400 -29.25 -26.50 26.71
C ILE A 400 -29.83 -27.78 27.31
N ILE A 401 -30.90 -28.31 26.71
CA ILE A 401 -31.45 -29.58 27.18
C ILE A 401 -30.43 -30.69 27.04
N PHE A 402 -29.71 -30.71 25.91
CA PHE A 402 -28.67 -31.71 25.69
C PHE A 402 -27.60 -31.64 26.78
N THR A 403 -27.15 -30.43 27.08
CA THR A 403 -26.11 -30.24 28.09
C THR A 403 -26.59 -30.69 29.46
N ILE A 404 -27.84 -30.34 29.81
CA ILE A 404 -28.38 -30.72 31.11
C ILE A 404 -28.46 -32.24 31.23
N VAL A 405 -28.93 -32.89 30.17
CA VAL A 405 -29.06 -34.35 30.19
C VAL A 405 -27.69 -35.01 30.29
N ALA A 406 -26.72 -34.51 29.52
CA ALA A 406 -25.39 -35.12 29.56
C ALA A 406 -24.69 -34.91 30.90
N TYR A 407 -24.86 -33.74 31.51
CA TYR A 407 -24.21 -33.45 32.78
C TYR A 407 -24.81 -34.22 33.95
N HIS A 408 -26.12 -34.47 33.93
CA HIS A 408 -26.82 -35.13 35.03
C HIS A 408 -27.21 -36.53 34.55
N GLN A 409 -26.29 -37.48 34.72
CA GLN A 409 -26.56 -38.83 34.24
C GLN A 409 -25.82 -39.83 35.11
N PRO A 410 -26.48 -40.84 35.66
CA PRO A 410 -25.80 -41.85 36.46
C PRO A 410 -25.02 -42.82 35.59
N SER A 411 -24.16 -43.59 36.25
CA SER A 411 -23.32 -44.57 35.56
C SER A 411 -24.16 -45.69 34.95
N THR A 423 -38.04 -42.68 40.11
CA THR A 423 -38.49 -41.51 40.85
C THR A 423 -38.74 -40.32 39.93
N PHE A 424 -38.96 -39.15 40.53
CA PHE A 424 -39.20 -37.94 39.76
C PHE A 424 -37.99 -37.60 38.91
N GLY A 425 -36.80 -37.70 39.50
CA GLY A 425 -35.59 -37.44 38.74
C GLY A 425 -35.39 -38.41 37.59
N ASP A 426 -35.70 -39.68 37.82
CA ASP A 426 -35.61 -40.67 36.75
C ASP A 426 -36.58 -40.35 35.62
N SER A 427 -37.80 -39.94 35.96
CA SER A 427 -38.77 -39.57 34.94
C SER A 427 -38.29 -38.37 34.15
N MET A 428 -37.73 -37.36 34.84
CA MET A 428 -37.22 -36.19 34.14
C MET A 428 -36.05 -36.55 33.23
N LEU A 429 -35.17 -37.46 33.68
CA LEU A 429 -34.06 -37.89 32.85
C LEU A 429 -34.56 -38.63 31.61
N LEU A 430 -35.56 -39.49 31.77
CA LEU A 430 -36.12 -40.20 30.63
C LEU A 430 -36.79 -39.23 29.66
N LEU A 431 -37.48 -38.21 30.20
CA LEU A 431 -38.09 -37.20 29.34
C LEU A 431 -37.01 -36.43 28.57
N GLY A 432 -35.93 -36.06 29.26
CA GLY A 432 -34.84 -35.40 28.58
C GLY A 432 -34.27 -36.25 27.46
N HIS A 433 -34.09 -37.55 27.72
CA HIS A 433 -33.56 -38.44 26.70
C HIS A 433 -34.49 -38.55 25.50
N ILE A 434 -35.80 -38.65 25.74
CA ILE A 434 -36.70 -38.78 24.60
C ILE A 434 -36.76 -37.49 23.79
N LEU A 435 -36.72 -36.32 24.43
CA LEU A 435 -36.64 -35.07 23.66
C LEU A 435 -35.33 -34.97 22.89
N ILE A 436 -34.22 -35.44 23.46
CA ILE A 436 -32.97 -35.46 22.70
C ILE A 436 -33.09 -36.35 21.48
N LEU A 437 -33.69 -37.53 21.63
CA LEU A 437 -33.85 -38.43 20.50
C LEU A 437 -34.73 -37.80 19.43
N LEU A 438 -35.84 -37.16 19.85
CA LEU A 438 -36.74 -36.52 18.90
C LEU A 438 -36.05 -35.38 18.16
N GLY A 439 -35.28 -34.56 18.88
CA GLY A 439 -34.56 -33.47 18.23
C GLY A 439 -33.52 -33.98 17.25
N GLY A 440 -32.81 -35.04 17.62
CA GLY A 440 -31.85 -35.62 16.70
C GLY A 440 -32.51 -36.16 15.44
N ILE A 441 -33.64 -36.85 15.60
CA ILE A 441 -34.37 -37.35 14.44
C ILE A 441 -34.85 -36.20 13.56
N TYR A 442 -35.38 -35.15 14.17
CA TYR A 442 -35.85 -33.99 13.42
C TYR A 442 -34.73 -33.34 12.62
N LEU A 443 -33.58 -33.10 13.25
CA LEU A 443 -32.45 -32.50 12.54
C LEU A 443 -31.94 -33.42 11.43
N LEU A 444 -31.91 -34.73 11.69
CA LEU A 444 -31.48 -35.67 10.67
C LEU A 444 -32.40 -35.63 9.45
N LEU A 445 -33.72 -35.62 9.70
CA LEU A 445 -34.66 -35.55 8.60
C LEU A 445 -34.52 -34.25 7.82
N GLY A 446 -34.35 -33.14 8.53
CA GLY A 446 -34.17 -31.87 7.84
C GLY A 446 -32.93 -31.85 6.96
N GLN A 447 -31.82 -32.36 7.48
CA GLN A 447 -30.58 -32.36 6.69
C GLN A 447 -30.69 -33.32 5.51
N LEU A 448 -31.34 -34.47 5.69
CA LEU A 448 -31.54 -35.39 4.58
C LEU A 448 -32.40 -34.75 3.50
N TRP A 449 -33.46 -34.04 3.91
CA TRP A 449 -34.29 -33.33 2.94
C TRP A 449 -33.48 -32.28 2.18
N TYR A 450 -32.64 -31.54 2.91
CA TYR A 450 -31.80 -30.53 2.25
C TYR A 450 -30.87 -31.17 1.23
N PHE A 451 -30.21 -32.26 1.60
CA PHE A 451 -29.25 -32.89 0.69
C PHE A 451 -29.96 -33.53 -0.50
N TRP A 452 -31.14 -34.09 -0.29
CA TRP A 452 -31.91 -34.65 -1.40
C TRP A 452 -32.36 -33.55 -2.35
N ARG A 453 -32.75 -32.39 -1.81
CA ARG A 453 -33.19 -31.29 -2.66
C ARG A 453 -32.02 -30.64 -3.37
N ARG A 454 -30.80 -30.80 -2.85
CA ARG A 454 -29.61 -30.18 -3.43
C ARG A 454 -28.57 -31.23 -3.80
N ARG A 455 -29.00 -32.29 -4.50
CA ARG A 455 -28.12 -33.42 -4.77
C ARG A 455 -26.86 -33.00 -5.50
N LEU A 456 -27.00 -32.20 -6.57
CA LEU A 456 -25.88 -31.80 -7.40
C LEU A 456 -25.17 -30.54 -6.88
N PHE A 457 -25.38 -30.22 -5.60
CA PHE A 457 -24.79 -29.03 -4.99
C PHE A 457 -23.48 -29.32 -4.27
N ILE A 458 -23.30 -30.53 -3.75
CA ILE A 458 -22.07 -30.85 -3.03
C ILE A 458 -20.86 -30.81 -3.95
N TRP A 459 -21.03 -31.21 -5.22
CA TRP A 459 -19.95 -31.19 -6.20
C TRP A 459 -19.91 -29.89 -6.99
N ILE A 460 -20.48 -28.81 -6.44
CA ILE A 460 -20.43 -27.49 -7.06
C ILE A 460 -19.61 -26.58 -6.17
N SER A 461 -19.87 -26.61 -4.87
CA SER A 461 -19.15 -25.76 -3.92
C SER A 461 -19.15 -26.50 -2.58
N PHE A 462 -17.98 -27.00 -2.19
CA PHE A 462 -17.84 -27.75 -0.94
C PHE A 462 -17.57 -26.87 0.27
N MET A 463 -16.95 -25.71 0.08
CA MET A 463 -16.51 -24.88 1.19
C MET A 463 -17.33 -23.60 1.31
N ASP A 464 -18.52 -23.57 0.71
CA ASP A 464 -19.41 -22.42 0.85
C ASP A 464 -20.40 -22.59 1.99
N SER A 465 -21.02 -23.77 2.12
CA SER A 465 -21.94 -24.00 3.22
C SER A 465 -21.22 -24.67 4.39
N TYR A 466 -20.71 -25.88 4.17
CA TYR A 466 -19.82 -26.60 5.09
C TYR A 466 -20.35 -26.67 6.52
N PHE A 467 -21.63 -26.35 6.72
CA PHE A 467 -22.28 -26.52 8.00
C PHE A 467 -23.40 -27.56 7.96
N GLU A 468 -23.99 -27.78 6.80
CA GLU A 468 -25.00 -28.83 6.67
C GLU A 468 -24.38 -30.19 6.92
N ILE A 469 -23.13 -30.37 6.49
CA ILE A 469 -22.43 -31.63 6.76
C ILE A 469 -22.22 -31.80 8.26
N LEU A 470 -21.80 -30.73 8.94
CA LEU A 470 -21.58 -30.81 10.38
C LEU A 470 -22.88 -31.07 11.13
N PHE A 471 -23.96 -30.40 10.72
CA PHE A 471 -25.26 -30.64 11.35
C PHE A 471 -25.72 -32.07 11.13
N LEU A 472 -25.54 -32.59 9.92
CA LEU A 472 -25.91 -33.97 9.64
C LEU A 472 -25.09 -34.94 10.49
N VAL A 473 -23.79 -34.69 10.61
CA VAL A 473 -22.93 -35.56 11.40
C VAL A 473 -23.35 -35.54 12.86
N GLN A 474 -23.65 -34.35 13.39
CA GLN A 474 -24.07 -34.25 14.78
C GLN A 474 -25.38 -34.98 15.02
N ALA A 475 -26.36 -34.80 14.12
CA ALA A 475 -27.63 -35.49 14.28
C ALA A 475 -27.46 -37.00 14.19
N LEU A 476 -26.64 -37.47 13.25
CA LEU A 476 -26.40 -38.90 13.11
C LEU A 476 -25.74 -39.47 14.36
N LEU A 477 -24.76 -38.74 14.91
CA LEU A 477 -24.09 -39.19 16.12
C LEU A 477 -25.06 -39.25 17.29
N THR A 478 -25.92 -38.23 17.42
CA THR A 478 -26.89 -38.22 18.51
C THR A 478 -27.85 -39.39 18.41
N VAL A 479 -28.38 -39.64 17.20
CA VAL A 479 -29.29 -40.75 17.01
C VAL A 479 -28.60 -42.08 17.28
N LEU A 480 -27.37 -42.23 16.82
CA LEU A 480 -26.64 -43.48 17.01
C LEU A 480 -26.38 -43.73 18.49
N SER A 481 -25.99 -42.70 19.23
CA SER A 481 -25.79 -42.87 20.67
C SER A 481 -27.09 -43.21 21.37
N GLN A 482 -28.19 -42.53 21.01
CA GLN A 482 -29.46 -42.80 21.66
C GLN A 482 -29.94 -44.22 21.40
N VAL A 483 -29.76 -44.74 20.19
CA VAL A 483 -30.16 -46.12 19.91
C VAL A 483 -29.17 -47.11 20.50
N LEU A 484 -27.91 -46.73 20.67
CA LEU A 484 -26.92 -47.59 21.31
C LEU A 484 -27.08 -47.68 22.82
N ARG A 485 -27.78 -46.71 23.42
CA ARG A 485 -28.06 -46.79 24.86
C ARG A 485 -28.92 -48.01 25.19
N PHE A 486 -29.93 -48.29 24.37
CA PHE A 486 -30.77 -49.45 24.59
C PHE A 486 -30.02 -50.77 24.42
N VAL A 487 -28.94 -50.76 23.64
CA VAL A 487 -28.10 -51.94 23.47
C VAL A 487 -27.24 -52.20 24.73
N GLU A 488 -27.19 -51.24 25.64
CA GLU A 488 -26.43 -51.35 26.89
C GLU A 488 -24.94 -51.52 26.61
N THR A 489 -24.43 -50.68 25.72
CA THR A 489 -23.02 -50.67 25.38
C THR A 489 -22.29 -49.59 26.18
N GLU A 490 -21.11 -49.94 26.68
CA GLU A 490 -20.30 -49.01 27.44
C GLU A 490 -19.86 -47.82 26.62
N TRP A 491 -19.80 -47.95 25.28
CA TRP A 491 -19.39 -46.88 24.40
C TRP A 491 -20.48 -45.83 24.17
N TYR A 492 -21.54 -45.86 24.98
CA TYR A 492 -22.51 -44.77 24.96
C TYR A 492 -21.89 -43.42 25.31
N LEU A 493 -21.12 -43.37 26.38
CA LEU A 493 -20.64 -42.09 26.89
C LEU A 493 -19.80 -41.30 25.89
N PRO A 494 -18.84 -41.91 25.16
CA PRO A 494 -18.06 -41.10 24.20
C PRO A 494 -18.91 -40.45 23.13
N LEU A 495 -19.60 -41.27 22.32
CA LEU A 495 -20.36 -40.75 21.19
C LEU A 495 -21.29 -39.63 21.63
N LEU A 496 -22.04 -39.84 22.72
CA LEU A 496 -22.95 -38.82 23.22
C LEU A 496 -22.22 -37.50 23.43
N VAL A 497 -21.12 -37.52 24.19
CA VAL A 497 -20.40 -36.28 24.41
C VAL A 497 -19.75 -35.81 23.12
N SER A 498 -19.36 -36.74 22.25
CA SER A 498 -18.85 -36.34 20.94
C SER A 498 -19.90 -35.58 20.16
N SER A 499 -21.18 -35.89 20.37
CA SER A 499 -22.24 -35.07 19.81
C SER A 499 -22.25 -33.69 20.46
N LEU A 500 -22.18 -33.65 21.79
CA LEU A 500 -22.36 -32.40 22.53
C LEU A 500 -21.43 -31.31 22.01
N VAL A 501 -20.14 -31.62 21.94
CA VAL A 501 -19.17 -30.62 21.48
C VAL A 501 -19.57 -30.11 20.11
N LEU A 502 -19.87 -31.03 19.18
CA LEU A 502 -20.26 -30.62 17.84
C LEU A 502 -21.44 -29.67 17.89
N GLY A 503 -22.45 -30.00 18.69
CA GLY A 503 -23.61 -29.15 18.79
C GLY A 503 -23.24 -27.74 19.18
N TRP A 504 -22.37 -27.60 20.18
CA TRP A 504 -21.96 -26.26 20.60
C TRP A 504 -21.19 -25.56 19.50
N LEU A 505 -20.32 -26.29 18.80
CA LEU A 505 -19.64 -25.71 17.65
C LEU A 505 -20.63 -25.26 16.58
N ASN A 506 -21.75 -25.97 16.44
CA ASN A 506 -22.76 -25.60 15.47
C ASN A 506 -23.47 -24.31 15.82
N LEU A 507 -23.29 -23.79 17.05
CA LEU A 507 -23.78 -22.44 17.33
C LEU A 507 -23.05 -21.40 16.50
N LEU A 508 -21.88 -21.75 15.95
CA LEU A 508 -21.16 -20.82 15.09
C LEU A 508 -21.82 -20.66 13.73
N TYR A 509 -22.85 -21.45 13.42
CA TYR A 509 -23.62 -21.18 12.21
C TYR A 509 -24.46 -19.94 12.40
N TYR A 510 -25.09 -19.80 13.56
CA TYR A 510 -26.06 -18.75 13.85
C TYR A 510 -25.36 -17.46 14.28
N THR A 511 -24.36 -17.03 13.54
CA THR A 511 -23.64 -15.82 13.93
C THR A 511 -23.40 -14.94 12.72
N ARG A 512 -24.03 -15.30 11.59
CA ARG A 512 -24.04 -14.45 10.40
C ARG A 512 -25.30 -13.61 10.32
N GLY A 513 -26.04 -13.52 11.42
CA GLY A 513 -27.14 -12.59 11.49
C GLY A 513 -26.64 -11.18 11.74
N PHE A 514 -25.34 -11.07 11.99
CA PHE A 514 -24.68 -9.80 12.24
C PHE A 514 -23.44 -9.69 11.37
N GLN A 515 -23.19 -8.49 10.85
CA GLN A 515 -22.07 -8.28 9.95
C GLN A 515 -20.74 -8.55 10.65
N HIS A 516 -20.61 -8.10 11.89
CA HIS A 516 -19.33 -8.11 12.58
C HIS A 516 -18.88 -9.54 12.87
N THR A 517 -19.66 -10.27 13.65
CA THR A 517 -19.34 -11.67 13.95
C THR A 517 -19.44 -12.54 12.71
N GLY A 518 -20.36 -12.21 11.80
CA GLY A 518 -20.49 -12.99 10.58
C GLY A 518 -19.25 -12.94 9.72
N ILE A 519 -18.66 -11.75 9.56
CA ILE A 519 -17.40 -11.62 8.83
C ILE A 519 -16.27 -12.28 9.61
N TYR A 520 -16.31 -12.20 10.95
CA TYR A 520 -15.29 -12.87 11.75
C TYR A 520 -15.26 -14.37 11.49
N SER A 521 -16.43 -14.99 11.42
CA SER A 521 -16.49 -16.44 11.20
C SER A 521 -15.92 -16.82 9.83
N VAL A 522 -16.27 -16.04 8.81
CA VAL A 522 -15.75 -16.29 7.47
C VAL A 522 -14.23 -16.16 7.46
N MET A 523 -13.70 -15.13 8.13
CA MET A 523 -12.25 -14.98 8.21
C MET A 523 -11.61 -16.16 8.93
N ILE A 524 -12.25 -16.66 9.99
CA ILE A 524 -11.74 -17.82 10.72
C ILE A 524 -11.59 -19.00 9.77
N PHE A 525 -12.65 -19.27 9.00
CA PHE A 525 -12.61 -20.44 8.11
C PHE A 525 -11.62 -20.24 6.98
N LYS A 526 -11.49 -19.02 6.47
CA LYS A 526 -10.48 -18.75 5.44
C LYS A 526 -9.08 -19.01 5.98
N VAL A 527 -8.81 -18.56 7.21
CA VAL A 527 -7.50 -18.80 7.81
C VAL A 527 -7.25 -20.29 7.99
N ILE A 528 -8.25 -21.02 8.47
CA ILE A 528 -8.11 -22.47 8.64
C ILE A 528 -7.76 -23.13 7.31
N LEU A 529 -8.50 -22.78 6.26
CA LEU A 529 -8.32 -23.42 4.96
C LEU A 529 -7.04 -23.00 4.26
N ARG A 530 -6.51 -21.81 4.56
CA ARG A 530 -5.38 -21.27 3.80
C ARG A 530 -4.05 -21.48 4.49
N ASP A 531 -3.94 -21.18 5.79
CA ASP A 531 -2.62 -21.23 6.41
C ASP A 531 -2.62 -21.97 7.75
N LEU A 532 -3.31 -23.09 7.82
CA LEU A 532 -3.22 -23.96 8.98
C LEU A 532 -2.90 -25.42 8.64
N LEU A 533 -3.23 -25.88 7.43
CA LEU A 533 -2.94 -27.26 7.07
C LEU A 533 -1.46 -27.43 6.73
N ARG A 534 -0.85 -26.41 6.11
CA ARG A 534 0.59 -26.45 5.83
C ARG A 534 1.38 -26.55 7.12
N PHE A 535 1.09 -25.68 8.08
CA PHE A 535 1.79 -25.71 9.35
C PHE A 535 1.57 -27.03 10.06
N LEU A 536 0.35 -27.55 10.01
CA LEU A 536 0.07 -28.84 10.65
C LEU A 536 0.88 -29.95 10.01
N LEU A 537 0.99 -29.96 8.68
CA LEU A 537 1.75 -31.00 8.00
C LEU A 537 3.22 -30.95 8.39
N VAL A 538 3.83 -29.76 8.31
CA VAL A 538 5.24 -29.61 8.64
C VAL A 538 5.48 -29.96 10.11
N TYR A 539 4.60 -29.48 10.98
CA TYR A 539 4.67 -29.81 12.40
C TYR A 539 4.61 -31.31 12.64
N LEU A 540 3.67 -32.00 11.99
CA LEU A 540 3.53 -33.43 12.24
C LEU A 540 4.78 -34.18 11.79
N VAL A 541 5.33 -33.79 10.64
CA VAL A 541 6.55 -34.44 10.17
C VAL A 541 7.69 -34.25 11.18
N PHE A 542 7.91 -32.99 11.60
CA PHE A 542 9.00 -32.71 12.52
C PHE A 542 8.81 -33.43 13.85
N LEU A 543 7.59 -33.39 14.38
CA LEU A 543 7.31 -34.00 15.68
C LEU A 543 7.51 -35.50 15.63
N PHE A 544 7.01 -36.15 14.58
CA PHE A 544 7.16 -37.61 14.50
C PHE A 544 8.64 -37.98 14.38
N GLY A 545 9.38 -37.27 13.53
CA GLY A 545 10.79 -37.59 13.39
C GLY A 545 11.57 -37.45 14.68
N PHE A 546 11.38 -36.31 15.36
CA PHE A 546 12.12 -36.08 16.59
C PHE A 546 11.68 -37.01 17.70
N ALA A 547 10.38 -37.33 17.78
CA ALA A 547 9.90 -38.24 18.81
C ALA A 547 10.46 -39.64 18.62
N VAL A 548 10.49 -40.13 17.37
CA VAL A 548 11.07 -41.44 17.13
C VAL A 548 12.55 -41.43 17.46
N ALA A 549 13.27 -40.36 17.10
CA ALA A 549 14.68 -40.28 17.44
C ALA A 549 14.91 -40.29 18.95
N LEU A 550 14.10 -39.55 19.70
CA LEU A 550 14.24 -39.52 21.15
C LEU A 550 13.93 -40.87 21.79
N VAL A 551 12.90 -41.56 21.29
CA VAL A 551 12.58 -42.88 21.83
C VAL A 551 13.69 -43.87 21.52
N SER A 552 14.30 -43.76 20.34
CA SER A 552 15.41 -44.65 20.00
C SER A 552 16.56 -44.49 20.97
N LEU A 553 16.89 -43.25 21.33
CA LEU A 553 17.85 -43.00 22.39
C LEU A 553 17.17 -43.12 23.74
N SER A 554 17.84 -42.67 24.80
CA SER A 554 17.27 -42.56 26.14
C SER A 554 16.85 -43.90 26.73
N ARG A 555 17.21 -45.01 26.09
CA ARG A 555 17.01 -46.33 26.65
C ARG A 555 18.31 -47.00 27.04
N GLU A 556 19.45 -46.32 26.85
CA GLU A 556 20.75 -46.84 27.26
C GLU A 556 21.22 -46.10 28.51
N ALA A 557 20.81 -46.64 29.65
CA ALA A 557 21.10 -46.01 30.94
C ALA A 557 22.59 -46.08 31.24
N ARG A 558 23.10 -45.07 31.93
CA ARG A 558 24.52 -45.01 32.29
C ARG A 558 24.82 -45.91 33.47
N PRO A 582 9.25 -42.56 36.05
CA PRO A 582 10.08 -43.61 35.46
C PRO A 582 10.94 -43.10 34.31
N VAL A 583 11.27 -43.99 33.38
CA VAL A 583 12.10 -43.63 32.23
C VAL A 583 11.31 -42.73 31.29
N PRO A 584 11.82 -41.56 30.96
CA PRO A 584 11.13 -40.68 30.00
C PRO A 584 11.27 -41.21 28.57
N TYR A 585 10.35 -40.77 27.73
CA TYR A 585 10.29 -41.18 26.32
C TYR A 585 10.26 -42.70 26.20
N GLY A 586 9.44 -43.33 27.04
CA GLY A 586 9.29 -44.77 27.01
C GLY A 586 8.73 -45.28 25.70
N GLY A 587 7.68 -44.62 25.22
CA GLY A 587 7.07 -44.96 23.96
C GLY A 587 6.94 -43.77 23.04
N ILE A 588 6.43 -44.03 21.85
CA ILE A 588 6.25 -42.97 20.86
C ILE A 588 5.20 -41.96 21.32
N LEU A 589 4.12 -42.44 21.95
CA LEU A 589 3.07 -41.54 22.41
C LEU A 589 3.60 -40.58 23.47
N ASP A 590 4.41 -41.07 24.40
CA ASP A 590 4.95 -40.22 25.46
C ASP A 590 5.85 -39.13 24.87
N ALA A 591 6.72 -39.50 23.94
CA ALA A 591 7.61 -38.50 23.32
C ALA A 591 6.82 -37.48 22.52
N SER A 592 5.81 -37.93 21.78
CA SER A 592 4.97 -36.99 21.04
C SER A 592 4.26 -36.03 21.99
N LEU A 593 3.77 -36.54 23.11
CA LEU A 593 3.09 -35.68 24.08
C LEU A 593 4.07 -34.68 24.68
N GLU A 594 5.29 -35.09 24.97
CA GLU A 594 6.29 -34.17 25.50
C GLU A 594 6.63 -33.06 24.50
N LEU A 595 6.79 -33.41 23.22
CA LEU A 595 7.06 -32.38 22.23
C LEU A 595 5.88 -31.43 22.08
N PHE A 596 4.66 -31.94 22.10
CA PHE A 596 3.51 -31.06 22.08
C PHE A 596 3.48 -30.16 23.31
N LYS A 597 3.99 -30.64 24.44
CA LYS A 597 4.01 -29.81 25.62
C LYS A 597 4.90 -28.58 25.34
N PHE A 598 5.88 -28.76 24.47
CA PHE A 598 6.81 -27.69 24.12
C PHE A 598 6.15 -26.52 23.41
N THR A 599 5.18 -26.80 22.54
CA THR A 599 4.48 -25.74 21.82
C THR A 599 3.42 -25.13 22.72
N ILE A 600 2.98 -25.90 23.70
CA ILE A 600 1.98 -25.45 24.64
C ILE A 600 2.61 -24.56 25.70
N GLY A 601 3.93 -24.61 25.84
CA GLY A 601 4.55 -23.78 26.85
C GLY A 601 4.87 -24.51 28.13
N MET A 602 4.80 -25.84 28.15
CA MET A 602 5.11 -26.63 29.33
C MET A 602 6.13 -27.72 29.04
N GLY A 603 7.06 -27.48 28.13
CA GLY A 603 8.06 -28.48 27.82
C GLY A 603 9.10 -28.58 28.91
N GLU A 604 9.46 -29.81 29.28
CA GLU A 604 10.45 -30.07 30.33
C GLU A 604 11.82 -30.17 29.66
N LEU A 605 12.56 -29.07 29.68
CA LEU A 605 13.87 -29.00 29.06
C LEU A 605 14.95 -29.14 30.14
N ALA A 606 15.14 -30.36 30.61
CA ALA A 606 16.11 -30.64 31.66
C ALA A 606 17.34 -31.32 31.07
N PHE A 607 18.29 -31.62 31.95
CA PHE A 607 19.54 -32.29 31.58
C PHE A 607 19.52 -33.67 32.23
N GLN A 608 18.95 -34.65 31.53
CA GLN A 608 18.81 -36.00 32.07
C GLN A 608 20.19 -36.60 32.31
N GLU A 609 20.55 -36.77 33.59
CA GLU A 609 21.84 -37.32 33.95
C GLU A 609 21.82 -38.84 34.13
N GLN A 610 20.65 -39.48 34.10
CA GLN A 610 20.58 -40.92 34.28
C GLN A 610 21.14 -41.65 33.07
N LEU A 611 20.75 -41.22 31.87
CA LEU A 611 21.14 -41.90 30.64
C LEU A 611 22.53 -41.44 30.20
N ARG A 612 23.15 -42.23 29.31
CA ARG A 612 24.56 -42.06 28.96
C ARG A 612 24.75 -41.08 27.82
N PHE A 613 23.69 -40.68 27.14
CA PHE A 613 23.77 -39.80 25.98
C PHE A 613 23.14 -38.45 26.29
N ARG A 614 23.50 -37.90 27.46
CA ARG A 614 22.92 -36.66 27.95
C ARG A 614 23.04 -35.53 26.93
N GLY A 615 24.26 -35.32 26.44
CA GLY A 615 24.54 -34.23 25.52
C GLY A 615 23.78 -34.35 24.22
N VAL A 616 23.73 -35.57 23.66
CA VAL A 616 23.05 -35.78 22.38
C VAL A 616 21.57 -35.49 22.52
N VAL A 617 20.96 -36.00 23.60
CA VAL A 617 19.53 -35.79 23.82
C VAL A 617 19.24 -34.30 24.03
N LEU A 618 20.09 -33.63 24.81
CA LEU A 618 19.88 -32.20 25.06
C LEU A 618 20.00 -31.39 23.77
N LEU A 619 21.00 -31.70 22.94
CA LEU A 619 21.17 -30.99 21.68
C LEU A 619 20.00 -31.26 20.74
N LEU A 620 19.51 -32.50 20.72
CA LEU A 620 18.37 -32.83 19.88
C LEU A 620 17.14 -32.05 20.30
N LEU A 621 16.89 -31.98 21.61
CA LEU A 621 15.76 -31.23 22.12
C LEU A 621 15.90 -29.75 21.79
N LEU A 622 17.10 -29.19 21.99
CA LEU A 622 17.31 -27.78 21.69
C LEU A 622 17.09 -27.48 20.22
N ALA A 623 17.60 -28.35 19.35
CA ALA A 623 17.42 -28.16 17.91
C ALA A 623 15.94 -28.23 17.54
N TYR A 624 15.21 -29.19 18.10
CA TYR A 624 13.78 -29.30 17.83
C TYR A 624 13.04 -28.04 18.28
N VAL A 625 13.35 -27.56 19.48
CA VAL A 625 12.68 -26.39 20.03
C VAL A 625 12.95 -25.17 19.16
N LEU A 626 14.22 -24.96 18.81
CA LEU A 626 14.59 -23.81 18.00
C LEU A 626 13.95 -23.89 16.62
N LEU A 627 13.81 -25.10 16.09
CA LEU A 627 13.29 -25.27 14.74
C LEU A 627 11.78 -25.07 14.68
N THR A 628 11.04 -25.59 15.65
CA THR A 628 9.58 -25.63 15.54
C THR A 628 8.87 -24.64 16.46
N TYR A 629 9.58 -23.96 17.35
CA TYR A 629 8.93 -23.04 18.27
C TYR A 629 9.30 -21.59 18.02
N VAL A 630 10.58 -21.27 17.88
CA VAL A 630 11.03 -19.92 17.60
C VAL A 630 10.64 -19.55 16.17
N LEU A 631 10.84 -20.48 15.25
CA LEU A 631 10.60 -20.24 13.82
C LEU A 631 9.15 -20.46 13.41
N LEU A 632 8.67 -21.69 13.56
CA LEU A 632 7.45 -22.12 12.88
C LEU A 632 6.21 -21.46 13.46
N LEU A 633 6.10 -21.42 14.79
CA LEU A 633 4.92 -20.84 15.41
C LEU A 633 4.78 -19.35 15.14
N ASN A 634 5.89 -18.61 15.10
CA ASN A 634 5.82 -17.18 14.82
C ASN A 634 5.57 -16.93 13.34
N MET A 635 6.16 -17.76 12.48
CA MET A 635 5.86 -17.67 11.06
C MET A 635 4.38 -17.93 10.81
N LEU A 636 3.76 -18.76 11.65
CA LEU A 636 2.32 -18.98 11.54
C LEU A 636 1.54 -17.69 11.78
N ILE A 637 1.94 -16.91 12.79
CA ILE A 637 1.27 -15.64 13.06
C ILE A 637 1.47 -14.67 11.91
N ALA A 638 2.68 -14.64 11.35
CA ALA A 638 2.94 -13.79 10.19
C ALA A 638 2.04 -14.17 9.02
N LEU A 639 1.91 -15.47 8.76
CA LEU A 639 1.05 -15.94 7.67
C LEU A 639 -0.41 -15.58 7.92
N MET A 640 -0.87 -15.70 9.17
CA MET A 640 -2.24 -15.32 9.49
C MET A 640 -2.47 -13.83 9.26
N SER A 641 -1.51 -13.00 9.63
CA SER A 641 -1.65 -11.55 9.37
C SER A 641 -1.78 -11.28 7.87
N GLU A 642 -0.91 -11.91 7.08
CA GLU A 642 -0.99 -11.73 5.63
C GLU A 642 -2.34 -12.20 5.09
N THR A 643 -2.83 -13.34 5.58
CA THR A 643 -4.09 -13.88 5.11
C THR A 643 -5.25 -12.95 5.42
N VAL A 644 -5.30 -12.43 6.65
CA VAL A 644 -6.39 -11.54 7.03
C VAL A 644 -6.39 -10.29 6.15
N ASN A 645 -5.21 -9.68 5.98
CA ASN A 645 -5.10 -8.49 5.14
C ASN A 645 -5.54 -8.79 3.71
N SER A 646 -5.22 -9.98 3.21
CA SER A 646 -5.62 -10.32 1.86
C SER A 646 -7.12 -10.55 1.73
N VAL A 647 -7.74 -11.15 2.74
CA VAL A 647 -9.08 -11.70 2.53
C VAL A 647 -10.23 -10.78 2.94
N ALA A 648 -9.99 -9.79 3.81
CA ALA A 648 -11.09 -9.00 4.40
C ALA A 648 -12.30 -8.68 3.48
N THR A 649 -12.05 -8.09 2.31
CA THR A 649 -13.17 -7.64 1.46
C THR A 649 -13.93 -8.81 0.85
N ASP A 650 -13.19 -9.80 0.33
CA ASP A 650 -13.85 -10.99 -0.19
C ASP A 650 -14.62 -11.71 0.91
N SER A 651 -14.13 -11.60 2.15
CA SER A 651 -14.86 -12.15 3.29
C SER A 651 -16.19 -11.44 3.47
N TRP A 652 -16.20 -10.11 3.33
CA TRP A 652 -17.47 -9.38 3.40
C TRP A 652 -18.44 -9.86 2.32
N SER A 653 -17.95 -10.02 1.09
CA SER A 653 -18.81 -10.47 0.00
C SER A 653 -19.32 -11.89 0.26
N ILE A 654 -18.46 -12.76 0.81
CA ILE A 654 -18.86 -14.13 1.12
C ILE A 654 -19.93 -14.14 2.21
N TRP A 655 -19.81 -13.23 3.18
CA TRP A 655 -20.87 -13.12 4.19
C TRP A 655 -22.19 -12.69 3.55
N LYS A 656 -22.13 -11.77 2.59
CA LYS A 656 -23.33 -11.37 1.88
C LYS A 656 -23.98 -12.56 1.17
N LEU A 657 -23.16 -13.38 0.51
CA LEU A 657 -23.67 -14.57 -0.17
C LEU A 657 -24.25 -15.56 0.83
N GLN A 658 -23.62 -15.70 1.99
CA GLN A 658 -24.15 -16.58 3.03
C GLN A 658 -25.51 -16.13 3.50
N LYS A 659 -25.67 -14.83 3.70
CA LYS A 659 -26.98 -14.29 4.07
C LYS A 659 -28.02 -14.56 2.98
N ALA A 660 -27.61 -14.42 1.71
CA ALA A 660 -28.54 -14.70 0.62
C ALA A 660 -28.99 -16.14 0.62
N ILE A 661 -28.05 -17.07 0.83
CA ILE A 661 -28.39 -18.49 0.86
C ILE A 661 -29.31 -18.79 2.03
N SER A 662 -29.03 -18.21 3.20
CA SER A 662 -29.89 -18.40 4.35
C SER A 662 -31.30 -17.89 4.09
N VAL A 663 -31.42 -16.74 3.45
CA VAL A 663 -32.74 -16.18 3.13
C VAL A 663 -33.48 -17.11 2.18
N LEU A 664 -32.80 -17.61 1.15
CA LEU A 664 -33.45 -18.49 0.19
C LEU A 664 -33.93 -19.77 0.85
N GLU A 665 -33.12 -20.33 1.76
CA GLU A 665 -33.55 -21.54 2.46
C GLU A 665 -34.71 -21.24 3.41
N MET A 666 -34.70 -20.06 4.05
CA MET A 666 -35.76 -19.74 5.00
C MET A 666 -37.09 -19.51 4.31
N GLU A 667 -37.07 -18.94 3.10
CA GLU A 667 -38.32 -18.75 2.37
C GLU A 667 -39.05 -20.06 2.13
N ASN A 668 -38.33 -21.11 1.78
CA ASN A 668 -38.91 -22.44 1.73
C ASN A 668 -39.13 -22.94 3.15
N GLY A 669 -40.31 -23.48 3.41
CA GLY A 669 -40.66 -23.93 4.74
C GLY A 669 -39.85 -25.14 5.17
N TYR A 670 -40.20 -25.66 6.33
CA TYR A 670 -39.56 -26.86 6.82
C TYR A 670 -40.05 -28.08 6.05
N TRP A 671 -39.45 -29.22 6.33
CA TRP A 671 -39.78 -30.45 5.62
C TRP A 671 -41.21 -30.91 5.94
N TRP A 672 -41.78 -30.39 7.03
CA TRP A 672 -43.13 -30.72 7.43
C TRP A 672 -44.14 -29.62 7.14
N CYS A 673 -43.73 -28.36 7.13
CA CYS A 673 -44.63 -27.24 6.88
C CYS A 673 -44.06 -26.40 5.74
N ARG A 674 -44.92 -26.07 4.77
CA ARG A 674 -44.54 -25.26 3.62
C ARG A 674 -44.99 -23.84 3.83
N ARG A 675 -44.08 -22.88 3.63
CA ARG A 675 -44.38 -21.48 3.80
C ARG A 675 -44.94 -20.90 2.51
N LYS A 676 -45.99 -20.08 2.64
CA LYS A 676 -46.57 -19.43 1.47
C LYS A 676 -45.57 -18.45 0.87
N ARG A 677 -45.55 -18.38 -0.46
CA ARG A 677 -44.56 -17.57 -1.17
C ARG A 677 -45.08 -16.15 -1.31
N HIS A 678 -44.44 -15.21 -0.61
CA HIS A 678 -44.84 -13.81 -0.63
C HIS A 678 -44.10 -13.12 -1.77
N ARG A 679 -44.83 -12.71 -2.80
CA ARG A 679 -44.23 -12.09 -3.96
C ARG A 679 -43.60 -10.76 -3.60
N ALA A 680 -42.38 -10.53 -4.10
CA ALA A 680 -41.67 -9.28 -3.87
C ALA A 680 -41.92 -8.31 -5.01
N GLY A 681 -41.95 -7.03 -4.68
CA GLY A 681 -42.20 -5.98 -5.64
C GLY A 681 -43.66 -5.58 -5.64
N ARG A 682 -44.06 -4.86 -6.69
CA ARG A 682 -45.41 -4.37 -6.80
C ARG A 682 -45.76 -4.23 -8.28
N LEU A 683 -47.04 -4.42 -8.61
CA LEU A 683 -47.50 -4.19 -9.96
C LEU A 683 -47.58 -2.70 -10.24
N LEU A 684 -46.94 -2.27 -11.34
CA LEU A 684 -46.91 -0.86 -11.68
C LEU A 684 -47.06 -0.70 -13.19
N LYS A 685 -47.72 0.40 -13.58
CA LYS A 685 -47.93 0.75 -14.98
C LYS A 685 -46.59 1.19 -15.58
N VAL A 686 -46.11 0.43 -16.56
CA VAL A 686 -44.80 0.70 -17.15
C VAL A 686 -45.01 0.95 -18.64
N GLY A 687 -46.19 1.42 -19.02
CA GLY A 687 -46.48 1.74 -20.39
C GLY A 687 -47.11 0.58 -21.15
N THR A 688 -47.43 0.85 -22.41
CA THR A 688 -48.10 -0.11 -23.26
C THR A 688 -47.09 -0.90 -24.08
N LYS A 689 -47.53 -2.04 -24.60
CA LYS A 689 -46.76 -2.76 -25.60
C LYS A 689 -47.02 -2.14 -26.96
N GLY A 690 -46.38 -2.69 -28.00
CA GLY A 690 -46.55 -2.17 -29.34
C GLY A 690 -47.71 -2.80 -30.09
N ASP A 691 -48.48 -3.64 -29.40
CA ASP A 691 -49.55 -4.36 -30.09
C ASP A 691 -50.94 -3.94 -29.59
N GLY A 692 -51.22 -4.15 -28.31
CA GLY A 692 -52.57 -4.03 -27.81
C GLY A 692 -52.71 -3.55 -26.38
N ILE A 693 -53.34 -4.41 -25.58
CA ILE A 693 -53.68 -4.17 -24.17
C ILE A 693 -52.41 -3.73 -23.44
N PRO A 694 -52.45 -2.65 -22.64
CA PRO A 694 -51.22 -2.11 -22.06
C PRO A 694 -50.45 -3.07 -21.17
N ASP A 695 -49.13 -2.90 -21.13
CA ASP A 695 -48.21 -3.83 -20.49
C ASP A 695 -48.16 -3.55 -18.99
N GLU A 696 -48.29 -4.61 -18.20
CA GLU A 696 -48.24 -4.52 -16.75
C GLU A 696 -47.25 -5.54 -16.23
N ARG A 697 -46.36 -5.11 -15.34
CA ARG A 697 -45.31 -6.00 -14.85
C ARG A 697 -44.95 -5.66 -13.42
N TRP A 698 -44.38 -6.64 -12.71
CA TRP A 698 -43.98 -6.47 -11.33
C TRP A 698 -42.60 -5.83 -11.26
N CYS A 699 -42.51 -4.67 -10.60
CA CYS A 699 -41.25 -3.96 -10.48
C CYS A 699 -40.85 -3.84 -9.01
N PHE A 700 -39.58 -3.50 -8.79
CA PHE A 700 -39.01 -3.31 -7.46
C PHE A 700 -38.58 -1.84 -7.39
N ARG A 701 -39.07 -1.13 -6.37
CA ARG A 701 -38.86 0.30 -6.28
C ARG A 701 -37.68 0.62 -5.37
N VAL A 702 -36.80 1.49 -5.85
CA VAL A 702 -35.68 1.96 -5.05
C VAL A 702 -35.45 3.46 -5.29
N GLU A 703 -35.49 4.23 -4.21
CA GLU A 703 -35.22 5.66 -4.31
C GLU A 703 -33.73 5.92 -4.10
N GLU A 704 -33.24 6.98 -4.74
CA GLU A 704 -31.84 7.35 -4.59
C GLU A 704 -31.69 8.85 -4.81
N VAL A 705 -30.90 9.51 -3.98
CA VAL A 705 -30.68 10.95 -4.10
C VAL A 705 -29.36 11.16 -4.84
N ASN A 706 -29.44 11.74 -6.03
CA ASN A 706 -28.27 11.99 -6.84
C ASN A 706 -28.20 13.47 -7.21
N TRP A 707 -27.03 14.07 -7.00
CA TRP A 707 -26.79 15.45 -7.39
C TRP A 707 -25.93 15.57 -8.63
N ALA A 708 -25.14 14.56 -8.96
CA ALA A 708 -24.32 14.59 -10.16
C ALA A 708 -25.16 14.26 -11.40
N ALA A 709 -25.84 13.10 -11.37
CA ALA A 709 -26.70 12.71 -12.49
C ALA A 709 -27.85 13.68 -12.69
N TRP A 710 -28.31 14.36 -11.64
CA TRP A 710 -29.34 15.37 -11.77
C TRP A 710 -28.84 16.61 -12.49
N GLU A 711 -27.53 16.84 -12.53
CA GLU A 711 -26.95 17.92 -13.31
C GLU A 711 -26.97 17.66 -14.81
N LYS A 712 -26.95 16.40 -15.23
CA LYS A 712 -26.85 16.03 -16.63
C LYS A 712 -28.22 15.95 -17.30
N THR A 713 -29.26 16.52 -16.70
CA THR A 713 -30.60 16.52 -17.29
C THR A 713 -31.18 17.92 -17.34
N LEU A 714 -30.40 18.94 -17.02
CA LEU A 714 -30.88 20.32 -17.03
C LEU A 714 -30.29 21.10 -18.20
N PRO B 67 -72.65 21.27 -26.11
CA PRO B 67 -71.37 21.94 -25.84
C PRO B 67 -71.40 22.78 -24.57
N ASN B 68 -72.61 23.02 -24.04
CA ASN B 68 -72.73 23.79 -22.81
C ASN B 68 -72.35 22.96 -21.59
N ARG B 69 -72.59 21.65 -21.64
CA ARG B 69 -72.31 20.78 -20.51
C ARG B 69 -70.81 20.67 -20.29
N PHE B 70 -70.36 20.99 -19.07
CA PHE B 70 -68.94 21.05 -18.74
C PHE B 70 -68.68 20.26 -17.47
N ASP B 71 -67.50 19.65 -17.41
CA ASP B 71 -67.13 18.82 -16.27
C ASP B 71 -65.61 18.80 -16.11
N ARG B 72 -65.17 18.10 -15.05
CA ARG B 72 -63.75 18.04 -14.72
C ARG B 72 -62.94 17.35 -15.82
N ASP B 73 -63.43 16.19 -16.30
CA ASP B 73 -62.63 15.37 -17.20
C ASP B 73 -62.37 16.08 -18.53
N ARG B 74 -63.40 16.72 -19.09
CA ARG B 74 -63.24 17.42 -20.35
C ARG B 74 -62.20 18.51 -20.21
N LEU B 75 -62.34 19.35 -19.19
CA LEU B 75 -61.46 20.50 -19.00
C LEU B 75 -60.03 20.06 -18.74
N PHE B 76 -59.86 19.03 -17.92
CA PHE B 76 -58.52 18.51 -17.65
C PHE B 76 -57.88 17.98 -18.92
N SER B 77 -58.64 17.25 -19.75
CA SER B 77 -58.09 16.79 -21.01
C SER B 77 -57.73 17.96 -21.92
N VAL B 78 -58.59 18.98 -21.96
CA VAL B 78 -58.36 20.13 -22.82
C VAL B 78 -57.09 20.87 -22.43
N VAL B 79 -56.92 21.13 -21.13
CA VAL B 79 -55.72 21.81 -20.68
C VAL B 79 -54.50 20.91 -20.79
N SER B 80 -54.67 19.59 -20.76
CA SER B 80 -53.54 18.70 -20.99
C SER B 80 -53.05 18.80 -22.43
N ARG B 81 -53.99 18.82 -23.39
CA ARG B 81 -53.59 18.95 -24.79
C ARG B 81 -52.88 20.26 -25.06
N GLY B 82 -53.41 21.36 -24.53
CA GLY B 82 -52.81 22.66 -24.72
C GLY B 82 -53.33 23.41 -25.93
N VAL B 83 -54.64 23.32 -26.17
CA VAL B 83 -55.27 24.01 -27.28
C VAL B 83 -56.22 25.08 -26.75
N PRO B 84 -55.99 26.35 -27.05
CA PRO B 84 -56.81 27.41 -26.46
C PRO B 84 -58.17 27.57 -27.12
N GLU B 85 -58.34 27.05 -28.32
CA GLU B 85 -59.59 27.22 -29.05
C GLU B 85 -60.76 26.50 -28.39
N GLU B 86 -60.48 25.46 -27.60
CA GLU B 86 -61.53 24.71 -26.92
C GLU B 86 -61.94 25.31 -25.58
N LEU B 87 -61.28 26.39 -25.15
CA LEU B 87 -61.60 27.01 -23.89
C LEU B 87 -62.85 27.89 -23.96
N THR B 88 -63.32 28.18 -25.17
CA THR B 88 -64.49 29.05 -25.33
C THR B 88 -65.74 28.34 -24.83
N GLY B 89 -66.56 29.06 -24.07
CA GLY B 89 -67.79 28.51 -23.54
C GLY B 89 -67.84 28.52 -22.03
N LEU B 90 -66.67 28.51 -21.39
CA LEU B 90 -66.61 28.51 -19.94
C LEU B 90 -67.25 29.76 -19.35
N LEU B 91 -67.12 30.89 -20.05
CA LEU B 91 -67.65 32.15 -19.53
C LEU B 91 -69.15 32.05 -19.29
N GLU B 92 -69.88 31.61 -20.32
CA GLU B 92 -71.33 31.53 -20.21
C GLU B 92 -71.77 30.53 -19.16
N TYR B 93 -71.11 29.36 -19.12
CA TYR B 93 -71.49 28.34 -18.15
C TYR B 93 -71.26 28.81 -16.72
N LEU B 94 -70.11 29.42 -16.47
CA LEU B 94 -69.81 29.90 -15.12
C LEU B 94 -70.68 31.08 -14.72
N ARG B 95 -71.03 31.96 -15.66
CA ARG B 95 -71.91 33.08 -15.36
C ARG B 95 -73.37 32.69 -15.26
N ARG B 96 -73.75 31.55 -15.82
CA ARG B 96 -75.12 31.06 -15.68
C ARG B 96 -75.32 30.17 -14.47
N THR B 97 -74.26 29.49 -14.01
CA THR B 97 -74.32 28.72 -12.78
C THR B 97 -73.86 29.50 -11.57
N SER B 98 -73.23 30.66 -11.76
CA SER B 98 -72.72 31.49 -10.68
C SER B 98 -71.84 30.69 -9.73
N LYS B 99 -71.01 29.82 -10.33
CA LYS B 99 -70.16 28.89 -9.58
C LYS B 99 -68.72 29.11 -10.00
N TYR B 100 -67.85 29.36 -9.03
CA TYR B 100 -66.46 29.67 -9.31
C TYR B 100 -65.65 28.39 -9.56
N LEU B 101 -64.63 28.51 -10.41
CA LEU B 101 -63.79 27.38 -10.76
C LEU B 101 -62.99 26.92 -9.54
N THR B 102 -62.78 27.84 -8.60
CA THR B 102 -62.04 27.53 -7.37
C THR B 102 -62.79 26.58 -6.45
N ASP B 103 -64.07 26.32 -6.71
CA ASP B 103 -64.87 25.47 -5.84
C ASP B 103 -64.32 24.04 -5.86
N SER B 104 -64.62 23.30 -4.79
CA SER B 104 -64.14 21.93 -4.64
C SER B 104 -64.67 21.02 -5.73
N ALA B 105 -65.75 21.45 -6.41
CA ALA B 105 -66.37 20.65 -7.45
C ALA B 105 -65.43 20.42 -8.63
N TYR B 106 -64.74 21.47 -9.08
CA TYR B 106 -63.88 21.38 -10.25
C TYR B 106 -62.46 20.92 -9.92
N THR B 107 -62.18 20.70 -8.64
CA THR B 107 -60.88 20.20 -8.23
C THR B 107 -61.01 18.74 -7.82
N GLU B 108 -59.91 18.02 -7.92
CA GLU B 108 -59.90 16.61 -7.56
C GLU B 108 -60.15 16.45 -6.07
N GLY B 109 -61.08 15.56 -5.72
CA GLY B 109 -61.51 15.46 -4.33
C GLY B 109 -60.43 14.95 -3.40
N SER B 110 -59.56 14.08 -3.90
CA SER B 110 -58.57 13.44 -3.04
C SER B 110 -57.42 14.39 -2.70
N THR B 111 -56.67 14.82 -3.72
CA THR B 111 -55.48 15.63 -3.47
C THR B 111 -55.83 17.12 -3.43
N GLY B 112 -56.64 17.58 -4.37
CA GLY B 112 -56.97 18.99 -4.46
C GLY B 112 -56.38 19.66 -5.67
N LYS B 113 -55.83 18.86 -6.58
CA LYS B 113 -55.19 19.38 -7.78
C LYS B 113 -56.17 20.20 -8.61
N THR B 114 -55.70 21.33 -9.11
CA THR B 114 -56.54 22.21 -9.91
C THR B 114 -56.07 22.22 -11.37
N CYS B 115 -56.74 23.05 -12.18
CA CYS B 115 -56.50 23.04 -13.62
C CYS B 115 -55.10 23.53 -13.97
N LEU B 116 -54.60 24.54 -13.25
CA LEU B 116 -53.26 25.04 -13.54
C LEU B 116 -52.19 23.98 -13.32
N MET B 117 -52.32 23.21 -12.23
CA MET B 117 -51.34 22.17 -11.95
C MET B 117 -51.33 21.14 -13.08
N LYS B 118 -52.51 20.74 -13.56
CA LYS B 118 -52.58 19.82 -14.68
C LYS B 118 -51.94 20.42 -15.92
N ALA B 119 -52.17 21.72 -16.14
CA ALA B 119 -51.61 22.38 -17.31
C ALA B 119 -50.09 22.41 -17.28
N VAL B 120 -49.50 22.67 -16.10
CA VAL B 120 -48.06 22.90 -16.04
C VAL B 120 -47.29 21.57 -16.02
N LEU B 121 -47.86 20.53 -15.42
CA LEU B 121 -47.16 19.25 -15.31
C LEU B 121 -46.85 18.66 -16.69
N ASN B 122 -47.61 19.04 -17.70
CA ASN B 122 -47.36 18.58 -19.06
C ASN B 122 -47.19 19.76 -20.01
N LEU B 123 -45.93 20.08 -20.30
CA LEU B 123 -45.57 21.24 -21.11
C LEU B 123 -44.74 20.78 -22.30
N GLN B 124 -45.08 21.28 -23.49
CA GLN B 124 -44.44 20.86 -24.72
C GLN B 124 -43.25 21.75 -25.06
N ASP B 125 -42.06 21.38 -24.58
CA ASP B 125 -40.85 22.18 -24.79
C ASP B 125 -41.02 23.60 -24.25
N GLY B 126 -41.78 23.71 -23.16
CA GLY B 126 -41.94 24.97 -22.45
C GLY B 126 -42.98 25.91 -23.03
N VAL B 127 -44.14 25.37 -23.43
CA VAL B 127 -45.26 26.20 -23.88
C VAL B 127 -46.54 25.52 -23.41
N ASN B 128 -47.48 26.35 -22.97
CA ASN B 128 -48.85 25.92 -22.72
C ASN B 128 -49.79 27.09 -22.95
N ALA B 129 -50.34 27.19 -24.16
CA ALA B 129 -51.10 28.37 -24.55
C ALA B 129 -52.41 28.51 -23.78
N CYS B 130 -52.84 27.46 -23.07
CA CYS B 130 -54.10 27.54 -22.34
C CYS B 130 -53.97 28.36 -21.07
N ILE B 131 -52.75 28.48 -20.55
CA ILE B 131 -52.51 29.07 -19.23
C ILE B 131 -52.98 30.51 -19.18
N LEU B 132 -52.57 31.32 -20.15
CA LEU B 132 -52.92 32.74 -20.09
C LEU B 132 -54.43 32.94 -20.20
N PRO B 133 -55.14 32.36 -21.19
CA PRO B 133 -56.60 32.49 -21.22
C PRO B 133 -57.26 31.97 -19.96
N LEU B 134 -56.70 30.92 -19.37
CA LEU B 134 -57.21 30.43 -18.09
C LEU B 134 -57.06 31.51 -17.02
N LEU B 135 -55.95 32.25 -17.05
CA LEU B 135 -55.77 33.35 -16.10
C LEU B 135 -56.79 34.47 -16.31
N GLN B 136 -57.07 34.85 -17.56
CA GLN B 136 -58.10 35.87 -17.74
C GLN B 136 -59.47 35.38 -17.30
N ILE B 137 -59.87 34.16 -17.69
CA ILE B 137 -61.17 33.66 -17.25
C ILE B 137 -61.17 33.41 -15.75
N ASP B 138 -59.99 33.41 -15.12
CA ASP B 138 -59.89 33.37 -13.67
C ASP B 138 -60.22 34.73 -13.06
N ARG B 139 -59.42 35.76 -13.37
CA ARG B 139 -59.53 36.98 -12.58
C ARG B 139 -60.68 37.85 -13.07
N ASP B 140 -61.26 37.53 -14.24
CA ASP B 140 -62.42 38.28 -14.70
C ASP B 140 -63.63 38.04 -13.79
N SER B 141 -63.77 36.81 -13.28
CA SER B 141 -64.84 36.44 -12.36
C SER B 141 -64.27 35.35 -11.43
N GLY B 142 -63.80 35.77 -10.25
CA GLY B 142 -63.20 34.86 -9.31
C GLY B 142 -63.42 35.31 -7.88
N ASN B 143 -62.97 34.45 -6.96
CA ASN B 143 -63.07 34.68 -5.52
C ASN B 143 -61.91 35.58 -5.11
N PRO B 144 -61.97 36.23 -3.94
CA PRO B 144 -60.83 37.09 -3.52
C PRO B 144 -59.46 36.43 -3.56
N GLN B 145 -59.38 35.11 -3.68
CA GLN B 145 -58.10 34.45 -3.90
C GLN B 145 -58.20 33.59 -5.16
N PRO B 146 -58.19 34.23 -6.33
CA PRO B 146 -58.62 33.51 -7.54
C PRO B 146 -57.60 32.49 -8.06
N LEU B 147 -57.86 31.22 -7.74
CA LEU B 147 -57.28 30.05 -8.39
C LEU B 147 -55.78 30.14 -8.60
N VAL B 148 -55.11 31.00 -7.82
CA VAL B 148 -53.65 31.10 -7.90
C VAL B 148 -53.11 31.05 -6.48
N ASN B 149 -53.98 31.27 -5.51
CA ASN B 149 -53.61 31.19 -4.11
C ASN B 149 -54.12 29.89 -3.50
N ALA B 150 -54.67 29.02 -4.35
CA ALA B 150 -55.22 27.75 -3.92
C ALA B 150 -54.21 26.63 -4.19
N GLN B 151 -53.98 25.81 -3.18
CA GLN B 151 -53.03 24.71 -3.28
C GLN B 151 -53.68 23.38 -2.93
N CYS B 152 -52.89 22.31 -2.90
CA CYS B 152 -53.41 20.98 -2.62
C CYS B 152 -53.84 20.88 -1.16
N THR B 153 -54.73 19.92 -0.89
CA THR B 153 -55.28 19.73 0.45
C THR B 153 -54.94 18.38 1.07
N ASP B 154 -54.41 17.41 0.31
CA ASP B 154 -54.05 16.13 0.89
C ASP B 154 -52.88 16.30 1.85
N GLU B 155 -52.76 15.37 2.80
CA GLU B 155 -51.72 15.46 3.81
C GLU B 155 -50.32 15.33 3.19
N PHE B 156 -50.21 14.53 2.13
CA PHE B 156 -48.89 14.25 1.55
C PHE B 156 -48.36 15.47 0.78
N TYR B 157 -49.21 16.12 -0.01
CA TYR B 157 -48.85 17.33 -0.74
C TYR B 157 -49.51 18.58 -0.18
N ARG B 158 -49.66 18.68 1.13
CA ARG B 158 -50.31 19.84 1.72
C ARG B 158 -49.48 21.09 1.50
N GLY B 159 -50.12 22.14 0.98
CA GLY B 159 -49.50 23.43 0.76
C GLY B 159 -48.90 23.61 -0.62
N HIS B 160 -48.71 22.51 -1.36
CA HIS B 160 -48.05 22.57 -2.66
C HIS B 160 -48.90 23.31 -3.68
N SER B 161 -48.39 24.44 -4.19
CA SER B 161 -49.13 25.26 -5.13
C SER B 161 -48.58 25.11 -6.55
N ALA B 162 -49.20 25.85 -7.47
CA ALA B 162 -48.80 25.75 -8.88
C ALA B 162 -47.45 26.39 -9.13
N LEU B 163 -47.11 27.42 -8.36
CA LEU B 163 -45.82 28.09 -8.55
C LEU B 163 -44.67 27.16 -8.18
N HIS B 164 -44.89 26.29 -7.19
CA HIS B 164 -43.90 25.28 -6.87
C HIS B 164 -43.69 24.33 -8.05
N ILE B 165 -44.77 23.95 -8.73
CA ILE B 165 -44.66 23.13 -9.93
C ILE B 165 -43.87 23.87 -11.00
N ALA B 166 -44.17 25.16 -11.18
CA ALA B 166 -43.49 25.95 -12.20
C ALA B 166 -41.99 26.01 -11.93
N ILE B 167 -41.60 26.23 -10.68
CA ILE B 167 -40.17 26.20 -10.33
C ILE B 167 -39.58 24.81 -10.54
N GLU B 168 -40.28 23.76 -10.13
CA GLU B 168 -39.80 22.39 -10.27
C GLU B 168 -39.57 22.00 -11.73
N LYS B 169 -40.44 22.42 -12.64
CA LYS B 169 -40.31 22.09 -14.05
C LYS B 169 -39.22 22.91 -14.74
N ARG B 170 -38.55 23.79 -14.02
CA ARG B 170 -37.46 24.62 -14.55
C ARG B 170 -37.91 25.42 -15.76
N SER B 171 -39.04 26.11 -15.57
CA SER B 171 -39.62 26.93 -16.63
C SER B 171 -39.87 28.31 -16.08
N LEU B 172 -39.05 29.28 -16.49
CA LEU B 172 -39.15 30.64 -16.00
C LEU B 172 -40.34 31.40 -16.58
N TRP B 173 -40.78 31.04 -17.79
CA TRP B 173 -41.89 31.76 -18.43
C TRP B 173 -43.18 31.62 -17.64
N CYS B 174 -43.53 30.39 -17.26
CA CYS B 174 -44.75 30.20 -16.48
C CYS B 174 -44.61 30.79 -15.08
N VAL B 175 -43.38 30.82 -14.55
CA VAL B 175 -43.15 31.50 -13.28
C VAL B 175 -43.51 32.98 -13.42
N LYS B 176 -43.06 33.61 -14.51
CA LYS B 176 -43.40 35.00 -14.78
C LYS B 176 -44.91 35.16 -14.90
N LEU B 177 -45.55 34.27 -15.65
CA LEU B 177 -47.00 34.39 -15.86
C LEU B 177 -47.75 34.30 -14.54
N LEU B 178 -47.34 33.37 -13.67
CA LEU B 178 -48.02 33.23 -12.38
C LEU B 178 -47.77 34.43 -11.47
N VAL B 179 -46.54 34.95 -11.44
CA VAL B 179 -46.25 36.06 -10.54
C VAL B 179 -46.81 37.39 -11.05
N GLU B 180 -46.96 37.56 -12.36
CA GLU B 180 -47.43 38.81 -12.92
C GLU B 180 -48.93 39.00 -12.79
N ASN B 181 -49.68 37.95 -12.45
CA ASN B 181 -51.11 38.05 -12.22
C ASN B 181 -51.46 37.92 -10.74
N GLY B 182 -50.48 38.04 -9.85
CA GLY B 182 -50.73 37.90 -8.43
C GLY B 182 -50.48 36.48 -7.95
N ALA B 183 -49.48 36.32 -7.09
CA ALA B 183 -49.15 34.99 -6.56
C ALA B 183 -48.36 35.19 -5.27
N ASN B 184 -48.88 34.65 -4.17
CA ASN B 184 -48.15 34.67 -2.91
C ASN B 184 -46.84 33.91 -3.07
N VAL B 185 -45.73 34.55 -2.78
CA VAL B 185 -44.41 33.98 -3.04
C VAL B 185 -43.96 33.26 -1.77
N HIS B 186 -44.80 33.27 -0.74
CA HIS B 186 -44.42 32.61 0.51
C HIS B 186 -44.90 31.16 0.53
N ILE B 187 -46.23 30.96 0.49
CA ILE B 187 -46.87 29.65 0.36
C ILE B 187 -46.08 28.54 1.04
N ARG B 188 -46.18 28.45 2.36
CA ARG B 188 -45.46 27.42 3.09
C ARG B 188 -46.07 26.05 2.85
N ALA B 189 -45.42 25.25 2.00
CA ALA B 189 -45.91 23.91 1.70
C ALA B 189 -45.64 22.96 2.87
N CYS B 190 -46.61 22.85 3.78
CA CYS B 190 -46.45 22.03 4.98
C CYS B 190 -47.02 20.63 4.73
N GLY B 191 -46.38 19.94 3.78
CA GLY B 191 -46.77 18.60 3.38
C GLY B 191 -45.86 17.55 3.99
N ARG B 192 -46.36 16.33 4.08
CA ARG B 192 -45.56 15.23 4.61
C ARG B 192 -44.35 14.93 3.73
N PHE B 193 -44.46 15.11 2.43
CA PHE B 193 -43.36 14.88 1.51
C PHE B 193 -42.31 15.98 1.57
N PHE B 194 -42.70 17.20 1.93
CA PHE B 194 -41.77 18.32 1.99
C PHE B 194 -41.05 18.44 3.32
N GLN B 195 -41.45 17.67 4.32
CA GLN B 195 -40.75 17.65 5.59
C GLN B 195 -39.56 16.70 5.51
N LYS B 196 -38.68 16.78 6.50
CA LYS B 196 -37.51 15.92 6.58
C LYS B 196 -37.78 14.81 7.60
N HIS B 197 -37.84 13.57 7.12
CA HIS B 197 -38.11 12.43 7.95
C HIS B 197 -37.60 11.18 7.23
N GLN B 198 -38.00 10.00 7.70
CA GLN B 198 -37.61 8.75 7.09
C GLN B 198 -38.64 8.34 6.04
N GLY B 199 -38.17 7.96 4.87
CA GLY B 199 -39.03 7.59 3.77
C GLY B 199 -38.89 8.57 2.61
N THR B 200 -39.89 8.53 1.73
CA THR B 200 -39.89 9.43 0.57
C THR B 200 -40.13 10.88 1.01
N CYS B 201 -39.16 11.74 0.72
CA CYS B 201 -39.24 13.14 1.12
C CYS B 201 -38.11 13.90 0.45
N PHE B 202 -38.26 15.23 0.41
CA PHE B 202 -37.18 16.11 -0.05
C PHE B 202 -37.40 17.47 0.62
N TYR B 203 -36.63 17.73 1.66
CA TYR B 203 -36.72 18.99 2.37
C TYR B 203 -35.96 20.07 1.61
N PHE B 204 -36.62 21.18 1.32
CA PHE B 204 -36.01 22.28 0.59
C PHE B 204 -36.35 23.64 1.20
N GLY B 205 -36.84 23.66 2.44
CA GLY B 205 -37.26 24.89 3.06
C GLY B 205 -38.70 25.28 2.83
N GLU B 206 -39.46 24.46 2.11
CA GLU B 206 -40.89 24.67 1.82
C GLU B 206 -41.20 26.13 1.49
N LEU B 207 -40.36 26.70 0.65
CA LEU B 207 -40.49 28.10 0.24
C LEU B 207 -40.03 28.21 -1.20
N PRO B 208 -40.79 28.92 -2.05
CA PRO B 208 -40.43 28.99 -3.48
C PRO B 208 -39.03 29.53 -3.73
N LEU B 209 -38.63 30.55 -2.98
CA LEU B 209 -37.27 31.07 -3.10
C LEU B 209 -36.26 30.01 -2.70
N SER B 210 -36.52 29.33 -1.58
CA SER B 210 -35.64 28.26 -1.13
C SER B 210 -35.61 27.10 -2.13
N LEU B 211 -36.77 26.78 -2.71
CA LEU B 211 -36.83 25.72 -3.72
C LEU B 211 -35.98 26.08 -4.93
N ALA B 212 -36.11 27.31 -5.41
CA ALA B 212 -35.33 27.74 -6.57
C ALA B 212 -33.84 27.74 -6.25
N ALA B 213 -33.47 28.19 -5.06
CA ALA B 213 -32.06 28.18 -4.66
C ALA B 213 -31.52 26.75 -4.58
N CYS B 214 -32.32 25.83 -4.03
CA CYS B 214 -31.88 24.44 -3.85
C CYS B 214 -31.78 23.69 -5.17
N THR B 215 -32.65 23.98 -6.14
CA THR B 215 -32.62 23.30 -7.43
C THR B 215 -31.67 23.95 -8.42
N LYS B 216 -30.76 24.80 -7.94
CA LYS B 216 -29.76 25.47 -8.77
C LYS B 216 -30.40 26.20 -9.94
N GLN B 217 -31.25 27.17 -9.61
CA GLN B 217 -31.93 27.98 -10.62
C GLN B 217 -31.70 29.45 -10.25
N TRP B 218 -30.56 29.99 -10.69
CA TRP B 218 -30.21 31.36 -10.35
C TRP B 218 -31.09 32.37 -11.06
N ASP B 219 -31.51 32.09 -12.29
CA ASP B 219 -32.39 33.02 -13.00
C ASP B 219 -33.74 33.16 -12.30
N VAL B 220 -34.28 32.04 -11.80
CA VAL B 220 -35.55 32.09 -11.08
C VAL B 220 -35.41 32.92 -9.81
N VAL B 221 -34.32 32.70 -9.07
CA VAL B 221 -34.07 33.47 -7.85
C VAL B 221 -33.95 34.95 -8.17
N THR B 222 -33.19 35.27 -9.22
CA THR B 222 -32.98 36.66 -9.61
C THR B 222 -34.31 37.32 -9.96
N TYR B 223 -35.14 36.63 -10.75
CA TYR B 223 -36.44 37.20 -11.09
C TYR B 223 -37.33 37.37 -9.87
N LEU B 224 -37.27 36.41 -8.94
CA LEU B 224 -38.11 36.49 -7.75
C LEU B 224 -37.68 37.62 -6.82
N LEU B 225 -36.40 38.00 -6.83
CA LEU B 225 -35.93 39.00 -5.88
C LEU B 225 -36.25 40.44 -6.27
N GLU B 226 -36.46 40.73 -7.55
CA GLU B 226 -36.85 42.07 -7.97
C GLU B 226 -38.06 42.10 -8.89
N ASN B 227 -39.09 41.30 -8.61
CA ASN B 227 -40.33 41.43 -9.35
C ASN B 227 -41.01 42.74 -8.98
N PRO B 228 -41.30 43.62 -9.95
CA PRO B 228 -41.85 44.94 -9.61
C PRO B 228 -43.26 44.90 -9.06
N HIS B 229 -44.02 43.84 -9.31
CA HIS B 229 -45.41 43.77 -8.86
C HIS B 229 -45.49 43.77 -7.34
N GLN B 230 -44.85 42.80 -6.69
CA GLN B 230 -44.71 42.80 -5.24
C GLN B 230 -43.44 42.04 -4.88
N PRO B 231 -42.49 42.70 -4.23
CA PRO B 231 -41.18 42.07 -3.96
C PRO B 231 -41.27 40.83 -3.10
N ALA B 232 -40.41 39.86 -3.37
CA ALA B 232 -40.24 38.70 -2.50
C ALA B 232 -39.19 39.00 -1.43
N SER B 233 -39.40 38.44 -0.24
CA SER B 233 -38.49 38.67 0.86
C SER B 233 -37.34 37.68 0.81
N LEU B 234 -36.30 37.97 1.59
CA LEU B 234 -35.13 37.10 1.66
C LEU B 234 -34.86 36.56 3.04
N GLU B 235 -35.34 37.19 4.10
CA GLU B 235 -35.24 36.70 5.47
C GLU B 235 -36.56 36.07 5.90
N ALA B 236 -37.34 35.61 4.93
CA ALA B 236 -38.60 34.94 5.21
C ALA B 236 -38.34 33.54 5.75
N THR B 237 -39.12 33.15 6.75
CA THR B 237 -38.95 31.88 7.44
C THR B 237 -40.13 30.95 7.16
N ASP B 238 -39.88 29.67 7.39
CA ASP B 238 -40.90 28.64 7.24
C ASP B 238 -41.43 28.22 8.61
N SER B 239 -42.26 27.18 8.62
CA SER B 239 -42.82 26.68 9.88
C SER B 239 -41.73 26.16 10.80
N LEU B 240 -40.74 25.46 10.23
CA LEU B 240 -39.66 24.91 11.05
C LEU B 240 -38.77 26.01 11.61
N GLY B 241 -38.86 27.22 11.05
CA GLY B 241 -38.05 28.34 11.47
C GLY B 241 -36.85 28.61 10.59
N ASN B 242 -36.57 27.73 9.63
CA ASN B 242 -35.41 27.87 8.76
C ASN B 242 -35.63 28.98 7.74
N THR B 243 -34.53 29.49 7.20
CA THR B 243 -34.54 30.45 6.10
C THR B 243 -33.83 29.80 4.92
N VAL B 244 -33.63 30.58 3.85
CA VAL B 244 -33.04 30.04 2.63
C VAL B 244 -31.64 29.50 2.89
N LEU B 245 -30.84 30.21 3.69
CA LEU B 245 -29.51 29.74 4.04
C LEU B 245 -29.56 28.49 4.93
N HIS B 246 -30.50 28.46 5.86
CA HIS B 246 -30.70 27.26 6.67
C HIS B 246 -31.09 26.08 5.79
N ALA B 247 -31.96 26.31 4.80
CA ALA B 247 -32.32 25.24 3.89
C ALA B 247 -31.12 24.76 3.08
N LEU B 248 -30.30 25.71 2.60
CA LEU B 248 -29.12 25.34 1.83
C LEU B 248 -28.17 24.48 2.66
N VAL B 249 -27.94 24.85 3.92
CA VAL B 249 -27.06 24.04 4.77
C VAL B 249 -27.71 22.75 5.20
N MET B 250 -29.04 22.68 5.24
CA MET B 250 -29.73 21.45 5.61
C MET B 250 -29.78 20.43 4.49
N ILE B 251 -29.77 20.88 3.22
CA ILE B 251 -29.70 19.96 2.10
C ILE B 251 -28.27 19.58 1.75
N ALA B 252 -27.28 20.20 2.37
CA ALA B 252 -25.89 19.98 2.00
C ALA B 252 -25.49 18.53 2.27
N ASP B 253 -24.59 18.02 1.42
CA ASP B 253 -24.00 16.70 1.59
C ASP B 253 -22.50 16.82 1.41
N ASN B 254 -21.78 15.77 1.80
CA ASN B 254 -20.32 15.77 1.75
C ASN B 254 -19.78 15.39 0.38
N SER B 255 -20.65 15.09 -0.57
CA SER B 255 -20.22 14.84 -1.94
C SER B 255 -19.77 16.14 -2.59
N PRO B 256 -18.72 16.10 -3.43
CA PRO B 256 -18.20 17.33 -4.03
C PRO B 256 -19.22 18.07 -4.89
N GLU B 257 -20.05 17.33 -5.62
CA GLU B 257 -21.03 17.95 -6.51
C GLU B 257 -22.05 18.75 -5.73
N ASN B 258 -22.54 18.22 -4.60
CA ASN B 258 -23.48 18.97 -3.79
C ASN B 258 -22.79 20.10 -3.04
N SER B 259 -21.57 19.87 -2.56
CA SER B 259 -20.87 20.89 -1.80
C SER B 259 -20.59 22.13 -2.64
N ALA B 260 -20.14 21.93 -3.88
CA ALA B 260 -19.86 23.06 -4.75
C ALA B 260 -21.12 23.88 -5.02
N LEU B 261 -22.22 23.19 -5.31
CA LEU B 261 -23.50 23.87 -5.56
C LEU B 261 -23.94 24.67 -4.34
N VAL B 262 -23.85 24.05 -3.16
CA VAL B 262 -24.29 24.71 -1.93
C VAL B 262 -23.43 25.94 -1.66
N ILE B 263 -22.11 25.80 -1.83
CA ILE B 263 -21.20 26.91 -1.57
C ILE B 263 -21.49 28.07 -2.52
N HIS B 264 -21.64 27.76 -3.81
CA HIS B 264 -21.87 28.80 -4.80
C HIS B 264 -23.19 29.52 -4.52
N MET B 265 -24.25 28.77 -4.25
CA MET B 265 -25.54 29.39 -3.97
C MET B 265 -25.49 30.23 -2.70
N TYR B 266 -24.79 29.74 -1.68
CA TYR B 266 -24.65 30.48 -0.42
C TYR B 266 -23.96 31.82 -0.66
N ASP B 267 -22.82 31.80 -1.36
CA ASP B 267 -22.08 33.03 -1.61
C ASP B 267 -22.90 34.01 -2.45
N SER B 268 -23.55 33.50 -3.50
CA SER B 268 -24.34 34.37 -4.37
C SER B 268 -25.50 34.99 -3.61
N LEU B 269 -26.16 34.21 -2.76
CA LEU B 269 -27.28 34.73 -1.99
C LEU B 269 -26.81 35.76 -0.97
N LEU B 270 -25.63 35.53 -0.37
CA LEU B 270 -25.09 36.51 0.58
C LEU B 270 -24.82 37.84 -0.09
N GLN B 271 -24.16 37.81 -1.26
CA GLN B 271 -23.86 39.06 -1.92
C GLN B 271 -25.12 39.71 -2.48
N MET B 272 -26.11 38.91 -2.90
CA MET B 272 -27.37 39.48 -3.36
C MET B 272 -28.12 40.15 -2.22
N GLY B 273 -28.10 39.53 -1.04
CA GLY B 273 -28.71 40.17 0.12
C GLY B 273 -28.01 41.45 0.52
N ALA B 274 -26.68 41.47 0.37
CA ALA B 274 -25.95 42.72 0.55
C ALA B 274 -26.40 43.78 -0.45
N ARG B 275 -26.66 43.38 -1.71
CA ARG B 275 -27.16 44.31 -2.70
C ARG B 275 -28.54 44.86 -2.31
N LEU B 276 -29.49 43.96 -2.03
CA LEU B 276 -30.87 44.36 -1.78
C LEU B 276 -31.06 45.01 -0.42
N CYS B 277 -30.73 44.30 0.65
CA CYS B 277 -30.95 44.77 2.01
C CYS B 277 -29.62 44.76 2.77
N PRO B 278 -28.81 45.80 2.65
CA PRO B 278 -27.51 45.81 3.34
C PRO B 278 -27.61 46.02 4.84
N THR B 279 -28.75 46.50 5.34
CA THR B 279 -28.89 46.77 6.77
C THR B 279 -28.93 45.47 7.57
N VAL B 280 -29.93 44.63 7.30
CA VAL B 280 -30.05 43.39 8.05
C VAL B 280 -28.96 42.42 7.63
N GLN B 281 -28.53 41.58 8.56
CA GLN B 281 -27.54 40.54 8.29
C GLN B 281 -28.24 39.19 8.27
N LEU B 282 -28.02 38.43 7.20
CA LEU B 282 -28.72 37.16 7.03
C LEU B 282 -28.06 36.04 7.83
N GLU B 283 -26.78 36.20 8.17
CA GLU B 283 -26.05 35.15 8.85
C GLU B 283 -26.44 35.02 10.31
N ASP B 284 -27.16 35.99 10.87
CA ASP B 284 -27.46 35.99 12.29
C ASP B 284 -28.95 35.84 12.55
N ILE B 285 -29.64 35.08 11.70
CA ILE B 285 -31.07 34.84 11.86
C ILE B 285 -31.21 33.51 12.59
N CYS B 286 -31.60 33.59 13.87
CA CYS B 286 -31.70 32.39 14.69
C CYS B 286 -32.87 31.52 14.24
N ASN B 287 -32.66 30.21 14.32
CA ASN B 287 -33.67 29.22 14.02
C ASN B 287 -34.70 29.16 15.15
N HIS B 288 -35.70 28.29 14.98
CA HIS B 288 -36.61 28.01 16.07
C HIS B 288 -35.92 27.32 17.24
N GLN B 289 -34.76 26.71 17.01
CA GLN B 289 -33.94 26.14 18.06
C GLN B 289 -32.81 27.07 18.47
N GLY B 290 -32.84 28.33 18.04
CA GLY B 290 -31.79 29.27 18.34
C GLY B 290 -30.46 28.93 17.69
N LEU B 291 -30.47 28.52 16.43
CA LEU B 291 -29.27 28.16 15.70
C LEU B 291 -29.12 29.03 14.46
N THR B 292 -27.91 29.48 14.21
CA THR B 292 -27.53 30.19 13.00
C THR B 292 -27.08 29.19 11.95
N PRO B 293 -27.00 29.60 10.67
CA PRO B 293 -26.55 28.68 9.62
C PRO B 293 -25.21 28.03 9.92
N LEU B 294 -24.27 28.80 10.49
CA LEU B 294 -22.98 28.22 10.89
C LEU B 294 -23.16 27.20 12.00
N LYS B 295 -23.96 27.53 13.01
CA LYS B 295 -24.21 26.60 14.09
C LYS B 295 -24.99 25.38 13.61
N LEU B 296 -25.91 25.59 12.67
CA LEU B 296 -26.62 24.46 12.07
C LEU B 296 -25.66 23.55 11.32
N ALA B 297 -24.71 24.13 10.59
CA ALA B 297 -23.70 23.32 9.91
C ALA B 297 -22.86 22.55 10.91
N ALA B 298 -22.50 23.18 12.02
CA ALA B 298 -21.72 22.50 13.05
C ALA B 298 -22.49 21.32 13.64
N LYS B 299 -23.76 21.54 14.00
CA LYS B 299 -24.55 20.49 14.62
C LYS B 299 -24.88 19.35 13.66
N GLU B 300 -25.20 19.64 12.41
CA GLU B 300 -25.63 18.61 11.48
C GLU B 300 -24.49 17.84 10.85
N GLY B 301 -23.25 18.22 11.13
CA GLY B 301 -22.10 17.51 10.61
C GLY B 301 -21.70 17.84 9.19
N LYS B 302 -22.26 18.89 8.61
CA LYS B 302 -21.93 19.27 7.25
C LYS B 302 -20.55 19.91 7.20
N ILE B 303 -19.52 19.12 6.93
CA ILE B 303 -18.14 19.57 7.14
C ILE B 303 -17.73 20.59 6.08
N GLU B 304 -18.10 20.36 4.81
CA GLU B 304 -17.59 21.19 3.72
C GLU B 304 -18.11 22.62 3.82
N ILE B 305 -19.42 22.78 3.96
CA ILE B 305 -19.99 24.12 4.08
C ILE B 305 -19.54 24.76 5.39
N PHE B 306 -19.33 23.95 6.42
CA PHE B 306 -18.82 24.47 7.68
C PHE B 306 -17.46 25.11 7.50
N ARG B 307 -16.52 24.41 6.85
CA ARG B 307 -15.20 24.97 6.64
C ARG B 307 -15.26 26.18 5.72
N HIS B 308 -16.11 26.13 4.69
CA HIS B 308 -16.20 27.25 3.76
C HIS B 308 -16.68 28.51 4.48
N ILE B 309 -17.73 28.39 5.28
CA ILE B 309 -18.22 29.54 6.03
C ILE B 309 -17.18 29.98 7.05
N LEU B 310 -16.45 29.03 7.64
CA LEU B 310 -15.49 29.38 8.68
C LEU B 310 -14.32 30.18 8.12
N GLN B 311 -13.82 29.85 6.95
CA GLN B 311 -12.65 30.51 6.39
C GLN B 311 -12.92 31.05 5.00
N ARG B 312 -14.06 31.72 4.82
CA ARG B 312 -14.40 32.34 3.54
C ARG B 312 -13.69 33.68 3.40
N GLU B 313 -13.22 33.97 2.19
CA GLU B 313 -12.48 35.18 1.90
C GLU B 313 -12.97 35.79 0.60
N PHE B 314 -13.23 37.09 0.61
CA PHE B 314 -13.71 37.82 -0.57
C PHE B 314 -12.76 38.96 -0.92
N SER B 315 -13.21 39.85 -1.80
CA SER B 315 -12.37 40.90 -2.35
C SER B 315 -12.89 42.24 -1.85
N GLY B 316 -12.37 43.33 -2.43
CA GLY B 316 -12.72 44.66 -1.96
C GLY B 316 -14.22 44.92 -1.98
N LEU B 317 -14.88 44.48 -3.05
CA LEU B 317 -16.34 44.55 -3.09
C LEU B 317 -16.92 43.36 -2.34
N TYR B 318 -17.98 43.63 -1.56
CA TYR B 318 -18.53 42.66 -0.62
C TYR B 318 -17.45 42.17 0.34
N GLN B 319 -16.65 43.11 0.84
CA GLN B 319 -15.59 42.82 1.78
C GLN B 319 -16.09 42.63 3.21
N PRO B 320 -16.97 43.49 3.74
CA PRO B 320 -17.36 43.35 5.16
C PRO B 320 -17.94 41.98 5.51
N LEU B 321 -18.68 41.36 4.59
CA LEU B 321 -19.24 40.04 4.84
C LEU B 321 -18.25 38.94 4.50
N SER B 322 -17.07 38.98 5.12
CA SER B 322 -16.06 37.95 5.00
C SER B 322 -15.59 37.56 6.38
N ARG B 323 -15.03 36.36 6.51
CA ARG B 323 -14.59 35.84 7.80
C ARG B 323 -13.08 35.84 7.97
N LYS B 324 -12.33 35.50 6.93
CA LYS B 324 -10.87 35.50 6.98
C LYS B 324 -10.34 36.76 6.31
N PHE B 325 -9.71 37.62 7.10
CA PHE B 325 -9.14 38.87 6.62
C PHE B 325 -7.63 38.74 6.50
N THR B 326 -6.95 39.85 6.21
CA THR B 326 -5.49 39.85 6.09
C THR B 326 -4.99 41.20 6.59
N GLU B 327 -4.21 41.18 7.67
CA GLU B 327 -3.75 42.42 8.29
C GLU B 327 -2.63 43.08 7.48
N TRP B 328 -1.50 42.38 7.33
CA TRP B 328 -0.36 42.92 6.61
C TRP B 328 0.47 41.79 6.02
N CYS B 329 1.12 42.07 4.89
CA CYS B 329 1.97 41.11 4.18
C CYS B 329 3.32 41.78 3.94
N TYR B 330 4.29 41.46 4.79
CA TYR B 330 5.66 41.96 4.61
C TYR B 330 6.50 40.83 4.03
N GLY B 331 6.78 40.89 2.73
CA GLY B 331 7.50 39.83 2.07
C GLY B 331 6.66 38.58 1.93
N PRO B 332 7.22 37.44 2.33
CA PRO B 332 6.50 36.16 2.19
C PRO B 332 5.67 35.74 3.41
N VAL B 333 5.62 36.55 4.46
CA VAL B 333 4.85 36.22 5.66
C VAL B 333 3.49 36.90 5.56
N ARG B 334 2.45 36.22 6.02
CA ARG B 334 1.10 36.75 6.00
C ARG B 334 0.48 36.62 7.38
N VAL B 335 -0.41 37.56 7.71
CA VAL B 335 -1.12 37.57 8.97
C VAL B 335 -2.61 37.46 8.65
N SER B 336 -3.22 36.36 9.08
CA SER B 336 -4.64 36.13 8.87
C SER B 336 -5.40 36.38 10.15
N LEU B 337 -6.57 36.99 10.03
CA LEU B 337 -7.42 37.31 11.17
C LEU B 337 -8.77 36.65 10.97
N TYR B 338 -8.97 35.53 11.66
CA TYR B 338 -10.23 34.79 11.55
C TYR B 338 -11.26 35.38 12.51
N ASP B 339 -12.48 35.57 12.01
CA ASP B 339 -13.55 36.08 12.85
C ASP B 339 -13.92 35.05 13.91
N LEU B 340 -14.01 35.50 15.16
CA LEU B 340 -14.37 34.64 16.29
C LEU B 340 -15.82 34.83 16.72
N SER B 341 -16.70 35.17 15.79
CA SER B 341 -18.10 35.40 16.10
C SER B 341 -18.85 34.07 16.16
N SER B 342 -19.50 33.83 17.29
CA SER B 342 -20.31 32.63 17.51
C SER B 342 -19.50 31.35 17.43
N VAL B 343 -18.17 31.46 17.53
CA VAL B 343 -17.32 30.28 17.57
C VAL B 343 -16.42 30.25 18.80
N ASP B 344 -16.11 31.39 19.41
CA ASP B 344 -15.33 31.40 20.63
C ASP B 344 -16.16 30.87 21.79
N SER B 345 -15.48 30.18 22.71
CA SER B 345 -16.12 29.57 23.86
C SER B 345 -16.62 30.58 24.88
N TRP B 346 -16.27 31.86 24.73
CA TRP B 346 -16.78 32.88 25.63
C TRP B 346 -18.28 33.00 25.59
N GLU B 347 -18.89 32.74 24.44
CA GLU B 347 -20.34 32.81 24.28
C GLU B 347 -20.99 31.57 24.89
N LYS B 348 -22.26 31.70 25.26
CA LYS B 348 -22.99 30.64 25.93
C LYS B 348 -23.12 29.39 25.06
N ASN B 349 -23.57 29.57 23.81
CA ASN B 349 -23.76 28.45 22.89
C ASN B 349 -22.89 28.70 21.68
N SER B 350 -21.67 28.17 21.72
CA SER B 350 -20.69 28.39 20.66
C SER B 350 -20.61 27.18 19.74
N VAL B 351 -19.84 27.34 18.66
CA VAL B 351 -19.65 26.26 17.70
C VAL B 351 -18.85 25.12 18.33
N LEU B 352 -17.86 25.44 19.14
CA LEU B 352 -17.05 24.40 19.78
C LEU B 352 -17.89 23.54 20.71
N GLU B 353 -18.76 24.18 21.51
CA GLU B 353 -19.64 23.44 22.40
C GLU B 353 -20.60 22.56 21.61
N ILE B 354 -21.13 23.09 20.51
CA ILE B 354 -22.04 22.31 19.68
C ILE B 354 -21.34 21.10 19.10
N ILE B 355 -20.11 21.28 18.62
CA ILE B 355 -19.36 20.15 18.06
C ILE B 355 -19.06 19.11 19.12
N ALA B 356 -18.64 19.54 20.31
CA ALA B 356 -18.20 18.62 21.35
C ALA B 356 -19.34 17.95 22.10
N PHE B 357 -20.52 18.56 22.15
CA PHE B 357 -21.59 18.04 23.01
C PHE B 357 -22.95 17.96 22.35
N HIS B 358 -23.11 18.36 21.09
CA HIS B 358 -24.42 18.37 20.48
C HIS B 358 -24.43 17.63 19.14
N CYS B 359 -23.29 17.58 18.47
CA CYS B 359 -23.20 16.86 17.20
C CYS B 359 -23.19 15.36 17.44
N LYS B 360 -24.09 14.65 16.77
CA LYS B 360 -24.17 13.20 16.86
C LYS B 360 -23.67 12.52 15.59
N SER B 361 -22.97 13.25 14.73
CA SER B 361 -22.40 12.65 13.54
C SER B 361 -21.31 11.65 13.92
N PRO B 362 -21.17 10.57 13.15
CA PRO B 362 -20.16 9.56 13.48
C PRO B 362 -18.75 10.11 13.52
N HIS B 363 -18.32 10.71 12.41
CA HIS B 363 -16.96 11.23 12.30
C HIS B 363 -16.94 12.74 12.50
N ARG B 364 -17.33 13.17 13.70
CA ARG B 364 -17.28 14.58 14.06
C ARG B 364 -15.92 15.02 14.56
N HIS B 365 -14.98 14.09 14.75
CA HIS B 365 -13.64 14.45 15.17
C HIS B 365 -12.83 15.07 14.04
N ARG B 366 -13.08 14.65 12.80
CA ARG B 366 -12.42 15.28 11.66
C ARG B 366 -12.85 16.73 11.50
N MET B 367 -13.98 17.11 12.08
CA MET B 367 -14.47 18.47 11.91
C MET B 367 -13.55 19.48 12.58
N VAL B 368 -13.20 19.25 13.84
CA VAL B 368 -12.28 20.17 14.50
C VAL B 368 -10.84 19.68 14.37
N VAL B 369 -10.29 19.97 13.20
CA VAL B 369 -8.90 19.70 12.82
C VAL B 369 -8.58 20.60 11.63
N LEU B 370 -9.28 21.73 11.54
CA LEU B 370 -9.12 22.67 10.43
C LEU B 370 -8.18 23.85 10.71
N GLU B 371 -8.48 24.98 10.09
CA GLU B 371 -7.65 26.19 10.23
C GLU B 371 -7.89 26.94 11.52
N PRO B 372 -8.99 27.69 11.61
CA PRO B 372 -9.35 28.49 12.78
C PRO B 372 -10.11 27.68 13.83
N LEU B 373 -9.53 26.59 14.30
CA LEU B 373 -10.14 25.74 15.29
C LEU B 373 -9.04 24.94 15.95
N ASN B 374 -8.08 24.49 15.14
CA ASN B 374 -6.95 23.73 15.62
C ASN B 374 -5.97 24.61 16.39
N LYS B 375 -5.78 25.83 15.90
CA LYS B 375 -4.88 26.78 16.54
C LYS B 375 -5.49 27.32 17.83
N LEU B 376 -6.74 27.76 17.76
CA LEU B 376 -7.43 28.28 18.93
C LEU B 376 -7.42 27.27 20.06
N LEU B 377 -7.72 26.01 19.75
CA LEU B 377 -7.73 24.99 20.80
C LEU B 377 -6.33 24.66 21.28
N GLN B 378 -5.32 24.74 20.40
CA GLN B 378 -3.95 24.55 20.86
C GLN B 378 -3.55 25.64 21.85
N GLU B 379 -3.91 26.89 21.56
CA GLU B 379 -3.61 27.98 22.50
C GLU B 379 -4.34 27.79 23.81
N LYS B 380 -5.62 27.39 23.74
CA LYS B 380 -6.38 27.16 24.98
C LYS B 380 -5.76 26.05 25.81
N TRP B 381 -5.35 24.96 25.16
CA TRP B 381 -4.71 23.85 25.87
C TRP B 381 -3.39 24.29 26.49
N ASP B 382 -2.60 25.08 25.76
CA ASP B 382 -1.34 25.57 26.29
C ASP B 382 -1.57 26.43 27.52
N ARG B 383 -2.62 27.25 27.50
CA ARG B 383 -2.94 28.06 28.67
C ARG B 383 -3.46 27.23 29.83
N LEU B 384 -4.19 26.14 29.57
CA LEU B 384 -4.82 25.35 30.63
C LEU B 384 -3.97 24.18 31.09
N ILE B 385 -2.76 24.02 30.56
CA ILE B 385 -1.88 22.94 31.04
C ILE B 385 -1.74 22.91 32.55
N PRO B 386 -1.45 24.03 33.25
CA PRO B 386 -1.26 23.94 34.71
C PRO B 386 -2.48 23.39 35.45
N ARG B 387 -3.69 23.79 35.06
CA ARG B 387 -4.88 23.29 35.73
C ARG B 387 -5.07 21.80 35.50
N PHE B 388 -4.82 21.35 34.26
CA PHE B 388 -4.93 19.93 33.95
C PHE B 388 -3.99 19.10 34.80
N PHE B 389 -2.73 19.52 34.88
CA PHE B 389 -1.79 18.73 35.64
C PHE B 389 -1.95 18.89 37.16
N PHE B 390 -2.49 20.01 37.63
CA PHE B 390 -2.86 20.13 39.03
C PHE B 390 -3.99 19.17 39.38
N ASN B 391 -4.98 19.04 38.48
CA ASN B 391 -6.05 18.07 38.69
C ASN B 391 -5.49 16.65 38.73
N PHE B 392 -4.56 16.34 37.81
CA PHE B 392 -3.94 15.03 37.81
C PHE B 392 -3.19 14.77 39.11
N ALA B 393 -2.45 15.77 39.61
CA ALA B 393 -1.72 15.61 40.86
C ALA B 393 -2.67 15.38 42.03
N CYS B 394 -3.78 16.11 42.07
CA CYS B 394 -4.75 15.93 43.14
C CYS B 394 -5.33 14.52 43.11
N TYR B 395 -5.67 14.03 41.91
CA TYR B 395 -6.20 12.67 41.81
C TYR B 395 -5.15 11.64 42.22
N LEU B 396 -3.90 11.87 41.85
CA LEU B 396 -2.83 10.94 42.25
C LEU B 396 -2.67 10.92 43.77
N VAL B 397 -2.73 12.08 44.41
CA VAL B 397 -2.64 12.12 45.87
C VAL B 397 -3.81 11.38 46.50
N TYR B 398 -5.02 11.58 45.96
CA TYR B 398 -6.18 10.88 46.49
C TYR B 398 -6.02 9.37 46.35
N MET B 399 -5.51 8.91 45.21
CA MET B 399 -5.34 7.48 45.00
C MET B 399 -4.25 6.92 45.90
N ILE B 400 -3.19 7.67 46.15
CA ILE B 400 -2.14 7.22 47.06
C ILE B 400 -2.69 7.08 48.47
N ILE B 401 -3.50 8.05 48.91
CA ILE B 401 -4.13 7.95 50.22
C ILE B 401 -5.03 6.72 50.28
N PHE B 402 -5.80 6.49 49.21
CA PHE B 402 -6.69 5.33 49.13
C PHE B 402 -5.90 4.04 49.29
N THR B 403 -4.78 3.94 48.56
CA THR B 403 -3.95 2.74 48.60
C THR B 403 -3.36 2.52 49.99
N ILE B 404 -2.88 3.60 50.63
CA ILE B 404 -2.31 3.48 51.96
C ILE B 404 -3.36 3.00 52.96
N VAL B 405 -4.57 3.58 52.87
CA VAL B 405 -5.62 3.19 53.80
C VAL B 405 -6.04 1.74 53.58
N ALA B 406 -6.16 1.32 52.32
CA ALA B 406 -6.58 -0.04 52.04
C ALA B 406 -5.52 -1.06 52.45
N TYR B 407 -4.24 -0.73 52.26
CA TYR B 407 -3.17 -1.66 52.61
C TYR B 407 -2.97 -1.81 54.11
N HIS B 408 -3.17 -0.73 54.88
CA HIS B 408 -2.95 -0.73 56.33
C HIS B 408 -4.30 -0.69 57.01
N GLN B 409 -4.88 -1.87 57.22
CA GLN B 409 -6.21 -1.93 57.82
C GLN B 409 -6.36 -3.22 58.61
N PRO B 410 -6.76 -3.15 59.88
CA PRO B 410 -6.95 -4.38 60.66
C PRO B 410 -8.25 -5.08 60.27
N SER B 411 -8.37 -6.32 60.73
CA SER B 411 -9.55 -7.14 60.44
C SER B 411 -10.80 -6.56 61.11
N THR B 423 -5.28 4.75 69.48
CA THR B 423 -3.92 5.25 69.51
C THR B 423 -3.66 6.21 68.34
N PHE B 424 -2.39 6.58 68.16
CA PHE B 424 -2.01 7.46 67.07
C PHE B 424 -2.31 6.82 65.72
N GLY B 425 -1.98 5.53 65.58
CA GLY B 425 -2.28 4.83 64.34
C GLY B 425 -3.76 4.75 64.06
N ASP B 426 -4.56 4.51 65.10
CA ASP B 426 -6.01 4.47 64.93
C ASP B 426 -6.55 5.83 64.48
N SER B 427 -6.02 6.91 65.07
CA SER B 427 -6.44 8.25 64.66
C SER B 427 -6.07 8.52 63.21
N MET B 428 -4.86 8.11 62.80
CA MET B 428 -4.45 8.30 61.41
C MET B 428 -5.31 7.48 60.46
N LEU B 429 -5.67 6.26 60.85
CA LEU B 429 -6.54 5.44 60.02
C LEU B 429 -7.92 6.07 59.88
N LEU B 430 -8.47 6.59 60.99
CA LEU B 430 -9.77 7.25 60.92
C LEU B 430 -9.69 8.50 60.04
N LEU B 431 -8.60 9.26 60.15
CA LEU B 431 -8.43 10.42 59.30
C LEU B 431 -8.36 10.02 57.83
N GLY B 432 -7.61 8.95 57.53
CA GLY B 432 -7.57 8.47 56.16
C GLY B 432 -8.94 8.08 55.66
N HIS B 433 -9.72 7.39 56.49
CA HIS B 433 -11.07 6.99 56.08
C HIS B 433 -11.96 8.20 55.82
N ILE B 434 -11.88 9.23 56.67
CA ILE B 434 -12.76 10.36 56.44
C ILE B 434 -12.35 11.14 55.20
N LEU B 435 -11.04 11.27 54.91
CA LEU B 435 -10.64 11.88 53.64
C LEU B 435 -11.06 11.04 52.45
N ILE B 436 -11.01 9.72 52.56
CA ILE B 436 -11.52 8.88 51.46
C ILE B 436 -13.00 9.13 51.24
N LEU B 437 -13.78 9.20 52.31
CA LEU B 437 -15.21 9.45 52.17
C LEU B 437 -15.46 10.81 51.54
N LEU B 438 -14.73 11.84 51.98
CA LEU B 438 -14.90 13.17 51.42
C LEU B 438 -14.54 13.21 49.95
N GLY B 439 -13.44 12.56 49.57
CA GLY B 439 -13.06 12.52 48.17
C GLY B 439 -14.08 11.80 47.31
N GLY B 440 -14.61 10.69 47.82
CA GLY B 440 -15.65 9.98 47.09
C GLY B 440 -16.90 10.83 46.90
N ILE B 441 -17.32 11.53 47.96
CA ILE B 441 -18.48 12.40 47.84
C ILE B 441 -18.22 13.52 46.85
N TYR B 442 -17.03 14.12 46.89
CA TYR B 442 -16.69 15.18 45.95
C TYR B 442 -16.71 14.71 44.50
N LEU B 443 -16.12 13.55 44.22
CA LEU B 443 -16.13 13.02 42.86
C LEU B 443 -17.55 12.67 42.42
N LEU B 444 -18.35 12.11 43.33
CA LEU B 444 -19.73 11.78 43.00
C LEU B 444 -20.52 13.03 42.63
N LEU B 445 -20.36 14.09 43.42
CA LEU B 445 -21.06 15.34 43.14
C LEU B 445 -20.61 15.92 41.81
N GLY B 446 -19.30 15.89 41.53
CA GLY B 446 -18.82 16.40 40.27
C GLY B 446 -19.38 15.65 39.07
N GLN B 447 -19.40 14.31 39.16
CA GLN B 447 -19.92 13.52 38.06
C GLN B 447 -21.42 13.70 37.88
N LEU B 448 -22.16 13.82 38.99
CA LEU B 448 -23.58 14.08 38.89
C LEU B 448 -23.85 15.43 38.25
N TRP B 449 -23.06 16.45 38.61
CA TRP B 449 -23.19 17.75 37.97
C TRP B 449 -22.92 17.66 36.47
N TYR B 450 -21.87 16.91 36.10
CA TYR B 450 -21.55 16.75 34.69
C TYR B 450 -22.70 16.10 33.94
N PHE B 451 -23.25 15.02 34.49
CA PHE B 451 -24.31 14.30 33.80
C PHE B 451 -25.59 15.12 33.73
N TRP B 452 -25.89 15.89 34.77
CA TRP B 452 -27.05 16.77 34.75
C TRP B 452 -26.88 17.87 33.70
N ARG B 453 -25.66 18.40 33.57
CA ARG B 453 -25.42 19.45 32.60
C ARG B 453 -25.39 18.91 31.17
N ARG B 454 -25.15 17.60 31.02
CA ARG B 454 -25.07 16.97 29.71
C ARG B 454 -26.08 15.85 29.58
N ARG B 455 -27.34 16.11 29.94
CA ARG B 455 -28.36 15.07 29.99
C ARG B 455 -28.51 14.36 28.64
N LEU B 456 -28.63 15.13 27.56
CA LEU B 456 -28.88 14.58 26.24
C LEU B 456 -27.59 14.21 25.52
N PHE B 457 -26.50 14.03 26.25
CA PHE B 457 -25.20 13.70 25.67
C PHE B 457 -24.91 12.21 25.67
N ILE B 458 -25.46 11.46 26.62
CA ILE B 458 -25.20 10.02 26.69
C ILE B 458 -25.77 9.31 25.46
N TRP B 459 -26.92 9.77 24.95
CA TRP B 459 -27.55 9.17 23.79
C TRP B 459 -27.12 9.87 22.49
N ILE B 460 -25.95 10.52 22.51
CA ILE B 460 -25.39 11.14 21.31
C ILE B 460 -24.11 10.41 20.95
N SER B 461 -23.26 10.18 21.96
CA SER B 461 -21.99 9.48 21.72
C SER B 461 -21.63 8.77 23.03
N PHE B 462 -21.72 7.44 23.01
CA PHE B 462 -21.45 6.63 24.19
C PHE B 462 -19.98 6.26 24.33
N MET B 463 -19.24 6.17 23.23
CA MET B 463 -17.87 5.66 23.26
C MET B 463 -16.86 6.77 23.00
N ASP B 464 -17.25 8.03 23.18
CA ASP B 464 -16.31 9.14 23.03
C ASP B 464 -15.69 9.55 24.34
N SER B 465 -16.48 9.66 25.42
CA SER B 465 -15.92 9.99 26.73
C SER B 465 -15.63 8.73 27.52
N TYR B 466 -16.67 7.95 27.83
CA TYR B 466 -16.58 6.61 28.41
C TYR B 466 -15.69 6.54 29.65
N PHE B 467 -15.33 7.69 30.22
CA PHE B 467 -14.60 7.75 31.48
C PHE B 467 -15.41 8.39 32.58
N GLU B 468 -16.36 9.26 32.25
CA GLU B 468 -17.24 9.82 33.26
C GLU B 468 -18.08 8.74 33.91
N ILE B 469 -18.49 7.74 33.14
CA ILE B 469 -19.23 6.61 33.70
C ILE B 469 -18.34 5.84 34.67
N LEU B 470 -17.09 5.59 34.29
CA LEU B 470 -16.18 4.86 35.17
C LEU B 470 -15.89 5.64 36.44
N PHE B 471 -15.68 6.96 36.32
CA PHE B 471 -15.44 7.79 37.49
C PHE B 471 -16.66 7.78 38.42
N LEU B 472 -17.86 7.88 37.84
CA LEU B 472 -19.08 7.85 38.63
C LEU B 472 -19.22 6.51 39.35
N VAL B 473 -18.93 5.42 38.65
CA VAL B 473 -19.04 4.08 39.26
C VAL B 473 -18.05 3.95 40.41
N GLN B 474 -16.82 4.41 40.20
CA GLN B 474 -15.81 4.33 41.26
C GLN B 474 -16.22 5.15 42.47
N ALA B 475 -16.70 6.36 42.26
CA ALA B 475 -17.12 7.21 43.38
C ALA B 475 -18.31 6.58 44.12
N LEU B 476 -19.27 6.03 43.38
CA LEU B 476 -20.42 5.39 44.00
C LEU B 476 -19.99 4.19 44.82
N LEU B 477 -19.07 3.38 44.28
CA LEU B 477 -18.58 2.22 45.01
C LEU B 477 -17.86 2.63 46.29
N THR B 478 -17.03 3.67 46.19
CA THR B 478 -16.29 4.14 47.37
C THR B 478 -17.25 4.63 48.45
N VAL B 479 -18.25 5.42 48.06
CA VAL B 479 -19.22 5.93 49.04
C VAL B 479 -20.01 4.79 49.65
N LEU B 480 -20.43 3.81 48.82
CA LEU B 480 -21.20 2.69 49.32
C LEU B 480 -20.40 1.86 50.31
N SER B 481 -19.13 1.60 50.00
CA SER B 481 -18.29 0.86 50.93
C SER B 481 -18.10 1.64 52.23
N GLN B 482 -17.84 2.94 52.13
CA GLN B 482 -17.63 3.74 53.33
C GLN B 482 -18.86 3.77 54.23
N VAL B 483 -20.05 3.88 53.65
CA VAL B 483 -21.26 3.86 54.45
C VAL B 483 -21.60 2.46 54.94
N LEU B 484 -21.18 1.42 54.22
CA LEU B 484 -21.39 0.04 54.65
C LEU B 484 -20.43 -0.38 55.76
N ARG B 485 -19.32 0.34 55.93
CA ARG B 485 -18.42 0.04 57.06
C ARG B 485 -19.12 0.27 58.39
N PHE B 486 -19.89 1.35 58.51
CA PHE B 486 -20.61 1.62 59.75
C PHE B 486 -21.69 0.58 60.03
N VAL B 487 -22.19 -0.08 59.00
CA VAL B 487 -23.17 -1.15 59.16
C VAL B 487 -22.52 -2.42 59.71
N GLU B 488 -21.19 -2.47 59.72
CA GLU B 488 -20.43 -3.62 60.24
C GLU B 488 -20.73 -4.87 59.43
N THR B 489 -20.68 -4.73 58.10
CA THR B 489 -20.89 -5.83 57.18
C THR B 489 -19.54 -6.40 56.74
N GLU B 490 -19.46 -7.72 56.70
CA GLU B 490 -18.24 -8.39 56.25
C GLU B 490 -17.91 -8.08 54.81
N TRP B 491 -18.90 -7.70 53.99
CA TRP B 491 -18.68 -7.39 52.59
C TRP B 491 -18.08 -6.01 52.36
N TYR B 492 -17.57 -5.37 53.42
CA TYR B 492 -16.79 -4.15 53.25
C TYR B 492 -15.54 -4.37 52.39
N LEU B 493 -14.77 -5.41 52.68
CA LEU B 493 -13.47 -5.57 52.04
C LEU B 493 -13.56 -5.69 50.52
N PRO B 494 -14.48 -6.48 49.93
CA PRO B 494 -14.51 -6.55 48.46
C PRO B 494 -14.77 -5.21 47.79
N LEU B 495 -15.92 -4.60 48.08
CA LEU B 495 -16.29 -3.36 47.40
C LEU B 495 -15.19 -2.32 47.49
N LEU B 496 -14.63 -2.13 48.70
CA LEU B 496 -13.55 -1.17 48.86
C LEU B 496 -12.41 -1.44 47.89
N VAL B 497 -11.91 -2.68 47.86
CA VAL B 497 -10.83 -2.96 46.92
C VAL B 497 -11.34 -2.92 45.50
N SER B 498 -12.60 -3.26 45.28
CA SER B 498 -13.18 -3.12 43.95
C SER B 498 -13.15 -1.66 43.50
N SER B 499 -13.24 -0.73 44.45
CA SER B 499 -13.03 0.67 44.12
C SER B 499 -11.58 0.91 43.75
N LEU B 500 -10.65 0.39 44.56
CA LEU B 500 -9.24 0.71 44.40
C LEU B 500 -8.76 0.45 42.98
N VAL B 501 -9.01 -0.77 42.48
CA VAL B 501 -8.58 -1.11 41.13
C VAL B 501 -9.12 -0.10 40.14
N LEU B 502 -10.43 0.18 40.22
CA LEU B 502 -11.03 1.13 39.28
C LEU B 502 -10.30 2.46 39.34
N GLY B 503 -10.02 2.94 40.55
CA GLY B 503 -9.34 4.21 40.68
C GLY B 503 -8.03 4.22 39.94
N TRP B 504 -7.24 3.16 40.10
CA TRP B 504 -5.96 3.10 39.38
C TRP B 504 -6.17 3.04 37.89
N LEU B 505 -7.17 2.29 37.43
CA LEU B 505 -7.50 2.30 36.02
C LEU B 505 -7.90 3.68 35.53
N ASN B 506 -8.53 4.48 36.40
CA ASN B 506 -8.91 5.83 36.05
C ASN B 506 -7.72 6.76 35.87
N LEU B 507 -6.53 6.34 36.28
CA LEU B 507 -5.34 7.11 35.92
C LEU B 507 -5.11 7.12 34.42
N LEU B 508 -5.73 6.18 33.70
CA LEU B 508 -5.61 6.16 32.24
C LEU B 508 -6.40 7.28 31.58
N TYR B 509 -7.21 8.01 32.34
CA TYR B 509 -7.84 9.21 31.78
C TYR B 509 -6.79 10.30 31.58
N TYR B 510 -5.92 10.48 32.56
CA TYR B 510 -4.97 11.58 32.61
C TYR B 510 -3.71 11.25 31.82
N THR B 511 -3.87 10.77 30.58
CA THR B 511 -2.71 10.40 29.78
C THR B 511 -2.86 10.93 28.37
N ARG B 512 -3.89 11.76 28.15
CA ARG B 512 -4.06 12.47 26.89
C ARG B 512 -3.50 13.88 26.96
N GLY B 513 -2.70 14.17 27.98
CA GLY B 513 -1.98 15.41 28.02
C GLY B 513 -0.77 15.35 27.14
N PHE B 514 -0.49 14.17 26.59
CA PHE B 514 0.62 13.93 25.70
C PHE B 514 0.14 13.20 24.46
N GLN B 515 0.69 13.56 23.31
CA GLN B 515 0.24 12.97 22.05
C GLN B 515 0.54 11.47 22.01
N HIS B 516 1.71 11.07 22.50
CA HIS B 516 2.17 9.71 22.33
C HIS B 516 1.31 8.73 23.13
N THR B 517 1.28 8.89 24.45
CA THR B 517 0.45 8.04 25.30
C THR B 517 -1.03 8.28 25.04
N GLY B 518 -1.41 9.51 24.70
CA GLY B 518 -2.81 9.80 24.42
C GLY B 518 -3.33 9.04 23.22
N ILE B 519 -2.55 8.98 22.15
CA ILE B 519 -2.92 8.18 20.99
C ILE B 519 -2.88 6.69 21.33
N TYR B 520 -1.92 6.28 22.17
CA TYR B 520 -1.86 4.89 22.58
C TYR B 520 -3.16 4.45 23.26
N SER B 521 -3.69 5.29 24.16
CA SER B 521 -4.90 4.92 24.88
C SER B 521 -6.09 4.79 23.94
N VAL B 522 -6.20 5.72 22.98
CA VAL B 522 -7.28 5.66 22.00
C VAL B 522 -7.18 4.38 21.18
N MET B 523 -5.96 4.01 20.77
CA MET B 523 -5.77 2.77 20.03
C MET B 523 -6.15 1.56 20.87
N ILE B 524 -5.82 1.59 22.16
CA ILE B 524 -6.19 0.49 23.06
C ILE B 524 -7.70 0.30 23.06
N PHE B 525 -8.42 1.41 23.23
CA PHE B 525 -9.88 1.30 23.30
C PHE B 525 -10.49 0.90 21.97
N LYS B 526 -9.92 1.37 20.86
CA LYS B 526 -10.40 0.94 19.55
C LYS B 526 -10.21 -0.56 19.36
N VAL B 527 -9.06 -1.08 19.78
CA VAL B 527 -8.81 -2.52 19.66
C VAL B 527 -9.79 -3.29 20.53
N ILE B 528 -10.03 -2.83 21.76
CA ILE B 528 -10.99 -3.50 22.64
C ILE B 528 -12.36 -3.55 21.99
N LEU B 529 -12.82 -2.43 21.45
CA LEU B 529 -14.16 -2.34 20.89
C LEU B 529 -14.30 -3.05 19.56
N ARG B 530 -13.22 -3.23 18.82
CA ARG B 530 -13.31 -3.77 17.46
C ARG B 530 -12.98 -5.25 17.38
N ASP B 531 -11.88 -5.70 18.00
CA ASP B 531 -11.49 -7.09 17.79
C ASP B 531 -11.15 -7.81 19.09
N LEU B 532 -11.94 -7.60 20.13
CA LEU B 532 -11.80 -8.40 21.34
C LEU B 532 -13.11 -9.04 21.80
N LEU B 533 -14.27 -8.47 21.46
CA LEU B 533 -15.53 -9.07 21.87
C LEU B 533 -15.87 -10.30 21.03
N ARG B 534 -15.51 -10.26 19.74
CA ARG B 534 -15.71 -11.43 18.89
C ARG B 534 -14.92 -12.63 19.40
N PHE B 535 -13.63 -12.41 19.66
CA PHE B 535 -12.78 -13.48 20.16
C PHE B 535 -13.29 -13.98 21.49
N LEU B 536 -13.73 -13.07 22.37
CA LEU B 536 -14.26 -13.48 23.66
C LEU B 536 -15.51 -14.35 23.50
N LEU B 537 -16.41 -13.97 22.58
CA LEU B 537 -17.63 -14.74 22.38
C LEU B 537 -17.31 -16.15 21.88
N VAL B 538 -16.47 -16.24 20.85
CA VAL B 538 -16.13 -17.55 20.29
C VAL B 538 -15.39 -18.40 21.32
N TYR B 539 -14.45 -17.77 22.05
CA TYR B 539 -13.76 -18.45 23.13
C TYR B 539 -14.71 -18.98 24.19
N LEU B 540 -15.67 -18.17 24.62
CA LEU B 540 -16.57 -18.61 25.68
C LEU B 540 -17.41 -19.79 25.22
N VAL B 541 -17.88 -19.73 23.97
CA VAL B 541 -18.66 -20.86 23.45
C VAL B 541 -17.83 -22.13 23.45
N PHE B 542 -16.61 -22.06 22.88
CA PHE B 542 -15.77 -23.24 22.78
C PHE B 542 -15.42 -23.79 24.16
N LEU B 543 -15.05 -22.91 25.09
CA LEU B 543 -14.63 -23.32 26.42
C LEU B 543 -15.78 -23.97 27.17
N PHE B 544 -16.97 -23.38 27.10
CA PHE B 544 -18.10 -23.97 27.81
C PHE B 544 -18.45 -25.35 27.24
N GLY B 545 -18.48 -25.46 25.91
CA GLY B 545 -18.79 -26.75 25.31
C GLY B 545 -17.82 -27.83 25.70
N PHE B 546 -16.52 -27.53 25.57
CA PHE B 546 -15.50 -28.53 25.88
C PHE B 546 -15.46 -28.85 27.36
N ALA B 547 -15.66 -27.85 28.23
CA ALA B 547 -15.66 -28.11 29.66
C ALA B 547 -16.82 -29.00 30.07
N VAL B 548 -18.01 -28.74 29.53
CA VAL B 548 -19.15 -29.60 29.85
C VAL B 548 -18.90 -31.02 29.34
N ALA B 549 -18.33 -31.15 28.14
CA ALA B 549 -18.02 -32.48 27.63
C ALA B 549 -17.02 -33.21 28.51
N LEU B 550 -15.97 -32.52 28.97
CA LEU B 550 -14.98 -33.16 29.82
C LEU B 550 -15.56 -33.56 31.17
N VAL B 551 -16.41 -32.72 31.75
CA VAL B 551 -17.04 -33.06 33.03
C VAL B 551 -17.96 -34.26 32.86
N SER B 552 -18.67 -34.33 31.73
CA SER B 552 -19.55 -35.47 31.48
C SER B 552 -18.76 -36.78 31.46
N LEU B 553 -17.60 -36.78 30.82
CA LEU B 553 -16.69 -37.91 30.89
C LEU B 553 -15.87 -37.82 32.17
N SER B 554 -14.83 -38.64 32.28
CA SER B 554 -13.85 -38.58 33.36
C SER B 554 -14.46 -38.87 34.73
N ARG B 555 -15.70 -39.34 34.78
CA ARG B 555 -16.31 -39.80 36.02
C ARG B 555 -16.53 -41.30 36.03
N GLU B 556 -16.15 -41.99 34.96
CA GLU B 556 -16.24 -43.45 34.89
C GLU B 556 -14.84 -44.05 35.05
N ALA B 557 -14.48 -44.28 36.31
CA ALA B 557 -13.15 -44.79 36.64
C ALA B 557 -12.99 -46.22 36.14
N ARG B 558 -11.76 -46.56 35.76
CA ARG B 558 -11.47 -47.90 35.28
C ARG B 558 -11.34 -48.89 36.42
N PRO B 582 -7.32 -35.08 43.74
CA PRO B 582 -8.47 -35.95 43.55
C PRO B 582 -8.86 -36.12 42.09
N VAL B 583 -10.14 -36.38 41.84
CA VAL B 583 -10.64 -36.58 40.47
C VAL B 583 -10.61 -35.25 39.73
N PRO B 584 -9.95 -35.19 38.58
CA PRO B 584 -9.95 -33.96 37.79
C PRO B 584 -11.29 -33.76 37.09
N TYR B 585 -11.56 -32.50 36.73
CA TYR B 585 -12.80 -32.09 36.08
C TYR B 585 -14.01 -32.53 36.90
N GLY B 586 -13.92 -32.32 38.21
CA GLY B 586 -15.01 -32.66 39.10
C GLY B 586 -16.27 -31.88 38.82
N GLY B 587 -16.13 -30.57 38.64
CA GLY B 587 -17.23 -29.70 38.31
C GLY B 587 -16.96 -28.87 37.07
N ILE B 588 -17.96 -28.08 36.69
CA ILE B 588 -17.84 -27.23 35.52
C ILE B 588 -16.79 -26.13 35.75
N LEU B 589 -16.74 -25.57 36.96
CA LEU B 589 -15.77 -24.52 37.26
C LEU B 589 -14.35 -25.03 37.13
N ASP B 590 -14.08 -26.23 37.63
CA ASP B 590 -12.73 -26.80 37.55
C ASP B 590 -12.30 -27.02 36.11
N ALA B 591 -13.19 -27.57 35.28
CA ALA B 591 -12.85 -27.79 33.89
C ALA B 591 -12.63 -26.48 33.13
N SER B 592 -13.48 -25.48 33.41
CA SER B 592 -13.30 -24.18 32.80
C SER B 592 -11.96 -23.57 33.19
N LEU B 593 -11.59 -23.70 34.47
CA LEU B 593 -10.31 -23.17 34.93
C LEU B 593 -9.14 -23.90 34.27
N GLU B 594 -9.25 -25.21 34.10
CA GLU B 594 -8.18 -25.96 33.42
C GLU B 594 -8.04 -25.54 31.96
N LEU B 595 -9.14 -25.33 31.26
CA LEU B 595 -9.06 -24.88 29.88
C LEU B 595 -8.46 -23.48 29.78
N PHE B 596 -8.85 -22.59 30.71
CA PHE B 596 -8.21 -21.27 30.74
C PHE B 596 -6.72 -21.39 31.03
N LYS B 597 -6.32 -22.39 31.80
CA LYS B 597 -4.91 -22.56 32.07
C LYS B 597 -4.18 -22.82 30.76
N PHE B 598 -4.88 -23.43 29.80
CA PHE B 598 -4.30 -23.75 28.50
C PHE B 598 -3.91 -22.54 27.69
N THR B 599 -4.73 -21.48 27.75
CA THR B 599 -4.42 -20.26 27.01
C THR B 599 -3.38 -19.45 27.76
N ILE B 600 -3.32 -19.67 29.06
CA ILE B 600 -2.35 -18.97 29.90
C ILE B 600 -0.98 -19.60 29.77
N GLY B 601 -0.91 -20.83 29.24
CA GLY B 601 0.39 -21.44 29.11
C GLY B 601 0.72 -22.43 30.22
N MET B 602 -0.25 -22.81 31.04
CA MET B 602 -0.05 -23.75 32.12
C MET B 602 -1.03 -24.92 32.07
N GLY B 603 -1.45 -25.32 30.88
CA GLY B 603 -2.40 -26.42 30.77
C GLY B 603 -1.73 -27.76 31.04
N GLU B 604 -2.39 -28.60 31.81
CA GLU B 604 -1.87 -29.93 32.17
C GLU B 604 -2.37 -30.92 31.13
N LEU B 605 -1.53 -31.21 30.14
CA LEU B 605 -1.88 -32.12 29.05
C LEU B 605 -1.25 -33.48 29.31
N ALA B 606 -1.83 -34.23 30.24
CA ALA B 606 -1.33 -35.53 30.61
C ALA B 606 -2.21 -36.63 30.03
N PHE B 607 -1.84 -37.87 30.31
CA PHE B 607 -2.57 -39.05 29.85
C PHE B 607 -3.14 -39.73 31.08
N GLN B 608 -4.35 -39.31 31.48
CA GLN B 608 -4.99 -39.84 32.66
C GLN B 608 -5.26 -41.33 32.51
N GLU B 609 -4.53 -42.14 33.27
CA GLU B 609 -4.68 -43.59 33.20
C GLU B 609 -5.68 -44.15 34.21
N GLN B 610 -6.19 -43.31 35.12
CA GLN B 610 -7.15 -43.80 36.11
C GLN B 610 -8.49 -44.12 35.47
N LEU B 611 -8.98 -43.21 34.64
CA LEU B 611 -10.30 -43.33 34.03
C LEU B 611 -10.24 -44.24 32.80
N ARG B 612 -11.41 -44.73 32.39
CA ARG B 612 -11.50 -45.77 31.37
C ARG B 612 -11.54 -45.22 29.95
N PHE B 613 -11.71 -43.91 29.80
CA PHE B 613 -11.84 -43.27 28.49
C PHE B 613 -10.63 -42.40 28.22
N ARG B 614 -9.44 -42.93 28.48
CA ARG B 614 -8.19 -42.17 28.37
C ARG B 614 -8.05 -41.55 26.99
N GLY B 615 -8.19 -42.37 25.95
CA GLY B 615 -7.99 -41.91 24.59
C GLY B 615 -8.97 -40.84 24.19
N VAL B 616 -10.24 -41.01 24.54
CA VAL B 616 -11.26 -40.03 24.16
C VAL B 616 -10.98 -38.70 24.81
N VAL B 617 -10.64 -38.72 26.10
CA VAL B 617 -10.35 -37.47 26.82
C VAL B 617 -9.12 -36.80 26.23
N LEU B 618 -8.08 -37.58 25.94
CA LEU B 618 -6.86 -37.02 25.38
C LEU B 618 -7.12 -36.39 24.00
N LEU B 619 -7.89 -37.08 23.16
CA LEU B 619 -8.21 -36.53 21.84
C LEU B 619 -9.05 -35.28 21.95
N LEU B 620 -10.00 -35.26 22.89
CA LEU B 620 -10.82 -34.07 23.09
C LEU B 620 -9.97 -32.89 23.52
N LEU B 621 -9.05 -33.12 24.46
CA LEU B 621 -8.15 -32.05 24.90
C LEU B 621 -7.26 -31.56 23.76
N LEU B 622 -6.72 -32.49 22.97
CA LEU B 622 -5.86 -32.11 21.86
C LEU B 622 -6.63 -31.28 20.83
N ALA B 623 -7.86 -31.70 20.52
CA ALA B 623 -8.68 -30.97 19.56
C ALA B 623 -8.99 -29.58 20.08
N TYR B 624 -9.34 -29.47 21.36
CA TYR B 624 -9.62 -28.15 21.94
C TYR B 624 -8.40 -27.26 21.86
N VAL B 625 -7.23 -27.79 22.22
CA VAL B 625 -6.01 -26.99 22.22
C VAL B 625 -5.68 -26.52 20.82
N LEU B 626 -5.74 -27.44 19.85
CA LEU B 626 -5.43 -27.09 18.47
C LEU B 626 -6.42 -26.06 17.93
N LEU B 627 -7.68 -26.17 18.35
CA LEU B 627 -8.71 -25.29 17.82
C LEU B 627 -8.62 -23.89 18.40
N THR B 628 -8.36 -23.75 19.70
CA THR B 628 -8.48 -22.46 20.36
C THR B 628 -7.15 -21.82 20.73
N TYR B 629 -6.04 -22.53 20.57
CA TYR B 629 -4.74 -21.98 20.96
C TYR B 629 -3.83 -21.73 19.77
N VAL B 630 -3.68 -22.69 18.87
CA VAL B 630 -2.85 -22.53 17.68
C VAL B 630 -3.54 -21.58 16.73
N LEU B 631 -4.85 -21.73 16.57
CA LEU B 631 -5.62 -20.93 15.61
C LEU B 631 -6.08 -19.60 16.18
N LEU B 632 -6.90 -19.64 17.23
CA LEU B 632 -7.69 -18.48 17.62
C LEU B 632 -6.83 -17.38 18.22
N LEU B 633 -5.91 -17.74 19.12
CA LEU B 633 -5.07 -16.74 19.77
C LEU B 633 -4.15 -16.02 18.78
N ASN B 634 -3.61 -16.73 17.80
CA ASN B 634 -2.74 -16.08 16.83
C ASN B 634 -3.55 -15.26 15.82
N MET B 635 -4.74 -15.75 15.46
CA MET B 635 -5.62 -14.95 14.63
C MET B 635 -6.00 -13.65 15.34
N LEU B 636 -6.07 -13.69 16.67
CA LEU B 636 -6.32 -12.46 17.42
C LEU B 636 -5.21 -11.44 17.21
N ILE B 637 -3.96 -11.89 17.22
CA ILE B 637 -2.84 -10.98 16.99
C ILE B 637 -2.88 -10.43 15.57
N ALA B 638 -3.22 -11.28 14.60
CA ALA B 638 -3.37 -10.80 13.22
C ALA B 638 -4.45 -9.72 13.12
N LEU B 639 -5.59 -9.95 13.77
CA LEU B 639 -6.67 -8.97 13.76
C LEU B 639 -6.26 -7.67 14.41
N MET B 640 -5.51 -7.75 15.52
CA MET B 640 -5.03 -6.53 16.18
C MET B 640 -4.09 -5.75 15.28
N SER B 641 -3.20 -6.44 14.56
CA SER B 641 -2.32 -5.75 13.63
C SER B 641 -3.11 -5.02 12.56
N GLU B 642 -4.10 -5.70 11.97
CA GLU B 642 -4.94 -5.06 10.97
C GLU B 642 -5.67 -3.85 11.55
N THR B 643 -6.19 -3.98 12.77
CA THR B 643 -6.94 -2.89 13.40
C THR B 643 -6.04 -1.68 13.61
N VAL B 644 -4.83 -1.88 14.13
CA VAL B 644 -3.93 -0.77 14.40
C VAL B 644 -3.60 -0.04 13.10
N ASN B 645 -3.24 -0.81 12.06
CA ASN B 645 -2.92 -0.22 10.77
C ASN B 645 -4.10 0.57 10.23
N SER B 646 -5.31 0.08 10.43
CA SER B 646 -6.48 0.79 9.94
C SER B 646 -6.76 2.06 10.72
N VAL B 647 -6.53 2.06 12.04
CA VAL B 647 -7.10 3.12 12.87
C VAL B 647 -6.15 4.28 13.16
N ALA B 648 -4.84 4.09 13.04
CA ALA B 648 -3.87 5.11 13.50
C ALA B 648 -4.26 6.59 13.30
N THR B 649 -4.59 6.99 12.08
CA THR B 649 -4.85 8.41 11.80
C THR B 649 -6.14 8.89 12.46
N ASP B 650 -7.21 8.12 12.33
CA ASP B 650 -8.46 8.48 13.00
C ASP B 650 -8.26 8.51 14.51
N SER B 651 -7.35 7.69 15.02
CA SER B 651 -7.00 7.74 16.43
C SER B 651 -6.36 9.08 16.79
N TRP B 652 -5.48 9.58 15.93
CA TRP B 652 -4.90 10.91 16.17
C TRP B 652 -5.99 11.98 16.22
N SER B 653 -6.92 11.92 15.27
CA SER B 653 -8.00 12.91 15.25
C SER B 653 -8.89 12.79 16.48
N ILE B 654 -9.15 11.56 16.93
CA ILE B 654 -9.96 11.35 18.12
C ILE B 654 -9.26 11.89 19.35
N TRP B 655 -7.93 11.74 19.42
CA TRP B 655 -7.19 12.35 20.52
C TRP B 655 -7.31 13.86 20.49
N LYS B 656 -7.28 14.46 19.29
CA LYS B 656 -7.47 15.91 19.19
C LYS B 656 -8.84 16.31 19.74
N LEU B 657 -9.88 15.56 19.37
CA LEU B 657 -11.22 15.86 19.87
C LEU B 657 -11.29 15.68 21.39
N GLN B 658 -10.61 14.67 21.92
CA GLN B 658 -10.59 14.46 23.36
C GLN B 658 -9.94 15.64 24.08
N LYS B 659 -8.84 16.15 23.52
CA LYS B 659 -8.21 17.34 24.09
C LYS B 659 -9.16 18.53 24.04
N ALA B 660 -9.89 18.68 22.93
CA ALA B 660 -10.85 19.78 22.83
C ALA B 660 -11.92 19.69 23.90
N ILE B 661 -12.46 18.49 24.11
CA ILE B 661 -13.51 18.30 25.13
C ILE B 661 -12.95 18.60 26.51
N SER B 662 -11.73 18.13 26.80
CA SER B 662 -11.11 18.40 28.08
C SER B 662 -10.93 19.89 28.30
N VAL B 663 -10.50 20.62 27.27
CA VAL B 663 -10.32 22.06 27.37
C VAL B 663 -11.65 22.74 27.67
N LEU B 664 -12.71 22.35 26.95
CA LEU B 664 -14.01 22.96 27.15
C LEU B 664 -14.53 22.71 28.55
N GLU B 665 -14.33 21.51 29.08
CA GLU B 665 -14.74 21.21 30.45
C GLU B 665 -13.90 21.99 31.46
N MET B 666 -12.61 22.15 31.19
CA MET B 666 -11.74 22.85 32.14
C MET B 666 -12.05 24.33 32.20
N GLU B 667 -12.45 24.93 31.08
CA GLU B 667 -12.80 26.35 31.09
C GLU B 667 -13.95 26.64 32.05
N ASN B 668 -14.96 25.78 32.09
CA ASN B 668 -15.99 25.86 33.11
C ASN B 668 -15.41 25.38 34.43
N GLY B 669 -15.64 26.14 35.49
CA GLY B 669 -15.09 25.82 36.78
C GLY B 669 -15.69 24.55 37.37
N TYR B 670 -15.30 24.28 38.60
CA TYR B 670 -15.85 23.14 39.32
C TYR B 670 -17.29 23.44 39.76
N TRP B 671 -17.94 22.42 40.31
CA TRP B 671 -19.33 22.57 40.72
C TRP B 671 -19.47 23.55 41.89
N TRP B 672 -18.37 23.83 42.57
CA TRP B 672 -18.36 24.76 43.69
C TRP B 672 -17.75 26.12 43.35
N CYS B 673 -16.81 26.18 42.42
CA CYS B 673 -16.16 27.42 42.03
C CYS B 673 -16.30 27.62 40.52
N ARG B 674 -16.71 28.82 40.12
CA ARG B 674 -16.88 29.15 38.72
C ARG B 674 -15.68 29.96 38.25
N ARG B 675 -15.11 29.56 37.12
CA ARG B 675 -13.94 30.22 36.56
C ARG B 675 -14.40 31.37 35.66
N LYS B 676 -13.71 32.51 35.77
CA LYS B 676 -14.02 33.65 34.92
C LYS B 676 -13.68 33.32 33.47
N ARG B 677 -14.51 33.79 32.55
CA ARG B 677 -14.38 33.44 31.14
C ARG B 677 -13.42 34.42 30.47
N HIS B 678 -12.26 33.93 30.08
CA HIS B 678 -11.24 34.76 29.44
C HIS B 678 -11.48 34.74 27.94
N ARG B 679 -11.87 35.88 27.39
CA ARG B 679 -12.18 35.98 25.97
C ARG B 679 -10.94 35.74 25.13
N ALA B 680 -11.10 34.95 24.07
CA ALA B 680 -9.99 34.65 23.16
C ALA B 680 -10.04 35.60 21.98
N GLY B 681 -8.87 35.93 21.45
CA GLY B 681 -8.74 36.85 20.34
C GLY B 681 -8.46 38.26 20.82
N ARG B 682 -8.64 39.20 19.90
CA ARG B 682 -8.37 40.60 20.21
C ARG B 682 -9.26 41.47 19.34
N LEU B 683 -9.63 42.64 19.86
CA LEU B 683 -10.38 43.60 19.06
C LEU B 683 -9.46 44.27 18.05
N LEU B 684 -9.87 44.24 16.78
CA LEU B 684 -9.05 44.81 15.72
C LEU B 684 -9.94 45.53 14.71
N LYS B 685 -9.39 46.60 14.14
CA LYS B 685 -10.07 47.41 13.12
C LYS B 685 -10.13 46.60 11.83
N VAL B 686 -11.35 46.27 11.39
CA VAL B 686 -11.53 45.42 10.22
C VAL B 686 -12.35 46.21 9.20
N GLY B 687 -12.26 47.54 9.26
CA GLY B 687 -12.95 48.39 8.31
C GLY B 687 -14.32 48.81 8.81
N THR B 688 -14.97 49.64 7.98
CA THR B 688 -16.26 50.21 8.31
C THR B 688 -17.39 49.35 7.74
N LYS B 689 -18.59 49.53 8.27
CA LYS B 689 -19.78 48.96 7.66
C LYS B 689 -20.25 49.88 6.54
N GLY B 690 -21.34 49.51 5.87
CA GLY B 690 -21.84 50.32 4.78
C GLY B 690 -22.83 51.37 5.22
N ASP B 691 -23.00 51.52 6.54
CA ASP B 691 -24.00 52.47 7.02
C ASP B 691 -23.39 53.64 7.78
N GLY B 692 -22.69 53.36 8.88
CA GLY B 692 -22.28 54.41 9.79
C GLY B 692 -20.97 54.18 10.52
N ILE B 693 -21.07 54.16 11.84
CA ILE B 693 -19.95 54.03 12.78
C ILE B 693 -19.13 52.81 12.39
N PRO B 694 -17.79 52.93 12.31
CA PRO B 694 -16.99 51.83 11.76
C PRO B 694 -17.08 50.52 12.53
N ASP B 695 -16.92 49.41 11.82
CA ASP B 695 -17.17 48.07 12.33
C ASP B 695 -15.96 47.60 13.12
N GLU B 696 -16.21 47.06 14.31
CA GLU B 696 -15.18 46.55 15.18
C GLU B 696 -15.58 45.15 15.63
N ARG B 697 -14.65 44.20 15.53
CA ARG B 697 -14.97 42.82 15.86
C ARG B 697 -13.75 42.11 16.43
N TRP B 698 -14.00 41.03 17.17
CA TRP B 698 -12.93 40.24 17.79
C TRP B 698 -12.40 39.24 16.78
N CYS B 699 -11.11 39.30 16.49
CA CYS B 699 -10.48 38.40 15.55
C CYS B 699 -9.40 37.57 16.24
N PHE B 700 -8.99 36.49 15.57
CA PHE B 700 -7.94 35.60 16.05
C PHE B 700 -6.80 35.68 15.03
N ARG B 701 -5.60 35.98 15.52
CA ARG B 701 -4.47 36.26 14.65
C ARG B 701 -3.60 35.00 14.48
N VAL B 702 -3.27 34.69 13.23
CA VAL B 702 -2.37 33.60 12.94
C VAL B 702 -1.42 33.98 11.81
N GLU B 703 -0.12 33.89 12.07
CA GLU B 703 0.88 34.16 11.05
C GLU B 703 1.24 32.88 10.31
N GLU B 704 1.59 33.03 9.04
CA GLU B 704 1.99 31.87 8.24
C GLU B 704 2.94 32.33 7.15
N VAL B 705 4.01 31.56 6.93
CA VAL B 705 5.00 31.90 5.91
C VAL B 705 4.67 31.08 4.66
N ASN B 706 4.31 31.77 3.59
CA ASN B 706 3.96 31.12 2.33
C ASN B 706 4.82 31.68 1.20
N TRP B 707 5.42 30.79 0.43
CA TRP B 707 6.18 31.17 -0.75
C TRP B 707 5.46 30.90 -2.05
N ALA B 708 4.49 29.97 -2.06
CA ALA B 708 3.72 29.71 -3.27
C ALA B 708 2.63 30.76 -3.46
N ALA B 709 1.79 30.97 -2.44
CA ALA B 709 0.74 31.97 -2.52
C ALA B 709 1.31 33.38 -2.67
N TRP B 710 2.50 33.63 -2.14
CA TRP B 710 3.16 34.91 -2.32
C TRP B 710 3.60 35.15 -3.76
N GLU B 711 3.76 34.10 -4.55
CA GLU B 711 4.05 34.24 -5.97
C GLU B 711 2.85 34.69 -6.79
N LYS B 712 1.64 34.40 -6.33
CA LYS B 712 0.42 34.69 -7.08
C LYS B 712 -0.11 36.10 -6.81
N THR B 713 0.71 36.98 -6.24
CA THR B 713 0.29 38.35 -5.98
C THR B 713 1.29 39.36 -6.54
N LEU B 714 2.28 38.90 -7.31
CA LEU B 714 3.28 39.78 -7.87
C LEU B 714 3.10 39.94 -9.38
N PRO C 67 -2.56 79.85 6.14
CA PRO C 67 -1.87 78.86 5.31
C PRO C 67 -0.39 78.72 5.65
N ASN C 68 0.13 79.67 6.44
CA ASN C 68 1.53 79.60 6.86
C ASN C 68 1.73 78.54 7.95
N ARG C 69 0.73 78.34 8.79
CA ARG C 69 0.84 77.40 9.90
C ARG C 69 0.93 75.98 9.37
N PHE C 70 1.98 75.26 9.76
CA PHE C 70 2.26 73.93 9.25
C PHE C 70 2.54 72.98 10.40
N ASP C 71 2.13 71.72 10.22
CA ASP C 71 2.29 70.71 11.26
C ASP C 71 2.39 69.32 10.64
N ARG C 72 2.59 68.33 11.52
CA ARG C 72 2.78 66.95 11.08
C ARG C 72 1.53 66.41 10.38
N ASP C 73 0.36 66.62 10.97
CA ASP C 73 -0.85 65.97 10.47
C ASP C 73 -1.21 66.45 9.07
N ARG C 74 -1.12 67.77 8.84
CA ARG C 74 -1.45 68.31 7.53
C ARG C 74 -0.53 67.71 6.48
N LEU C 75 0.77 67.75 6.73
CA LEU C 75 1.76 67.31 5.74
C LEU C 75 1.63 65.81 5.48
N PHE C 76 1.40 65.03 6.53
CA PHE C 76 1.22 63.60 6.35
C PHE C 76 -0.02 63.31 5.51
N SER C 77 -1.13 64.01 5.78
CA SER C 77 -2.32 63.84 4.95
C SER C 77 -2.04 64.24 3.50
N VAL C 78 -1.32 65.34 3.30
CA VAL C 78 -1.05 65.84 1.96
C VAL C 78 -0.22 64.83 1.17
N VAL C 79 0.85 64.31 1.79
CA VAL C 79 1.67 63.32 1.09
C VAL C 79 0.94 61.99 0.93
N SER C 80 -0.02 61.70 1.81
CA SER C 80 -0.84 60.50 1.64
C SER C 80 -1.72 60.62 0.41
N ARG C 81 -2.36 61.78 0.22
CA ARG C 81 -3.21 61.96 -0.96
C ARG C 81 -2.40 61.90 -2.24
N GLY C 82 -1.23 62.53 -2.27
CA GLY C 82 -0.39 62.51 -3.45
C GLY C 82 -0.66 63.64 -4.42
N VAL C 83 -0.89 64.83 -3.88
CA VAL C 83 -1.14 66.02 -4.70
C VAL C 83 0.00 67.02 -4.51
N PRO C 84 0.74 67.35 -5.57
CA PRO C 84 1.92 68.21 -5.40
C PRO C 84 1.58 69.68 -5.25
N GLU C 85 0.38 70.08 -5.65
CA GLU C 85 0.02 71.50 -5.61
C GLU C 85 -0.09 72.03 -4.19
N GLU C 86 -0.32 71.17 -3.21
CA GLU C 86 -0.44 71.59 -1.82
C GLU C 86 0.90 71.67 -1.11
N LEU C 87 1.99 71.30 -1.77
CA LEU C 87 3.31 71.34 -1.15
C LEU C 87 3.89 72.75 -1.10
N THR C 88 3.29 73.69 -1.83
CA THR C 88 3.81 75.06 -1.86
C THR C 88 3.62 75.74 -0.52
N GLY C 89 4.65 76.42 -0.05
CA GLY C 89 4.58 77.12 1.21
C GLY C 89 5.60 76.63 2.22
N LEU C 90 6.03 75.38 2.08
CA LEU C 90 7.01 74.81 2.99
C LEU C 90 8.33 75.58 2.95
N LEU C 91 8.70 76.09 1.78
CA LEU C 91 9.97 76.79 1.64
C LEU C 91 10.05 77.98 2.58
N GLU C 92 9.02 78.83 2.54
CA GLU C 92 9.03 80.04 3.36
C GLU C 92 8.97 79.71 4.84
N TYR C 93 8.15 78.73 5.22
CA TYR C 93 8.03 78.37 6.63
C TYR C 93 9.34 77.83 7.18
N LEU C 94 9.99 76.93 6.42
CA LEU C 94 11.25 76.35 6.88
C LEU C 94 12.38 77.36 6.88
N ARG C 95 12.39 78.30 5.93
CA ARG C 95 13.42 79.32 5.88
C ARG C 95 13.18 80.45 6.90
N ARG C 96 11.96 80.59 7.38
CA ARG C 96 11.67 81.57 8.42
C ARG C 96 11.82 81.01 9.83
N THR C 97 11.64 79.71 10.01
CA THR C 97 11.89 79.07 11.29
C THR C 97 13.29 78.48 11.39
N SER C 98 14.02 78.39 10.28
CA SER C 98 15.38 77.85 10.26
C SER C 98 15.42 76.46 10.91
N LYS C 99 14.39 75.67 10.63
CA LYS C 99 14.22 74.35 11.23
C LYS C 99 14.11 73.31 10.12
N TYR C 100 14.95 72.30 10.19
CA TYR C 100 15.01 71.28 9.15
C TYR C 100 13.90 70.24 9.34
N LEU C 101 13.43 69.69 8.21
CA LEU C 101 12.37 68.70 8.24
C LEU C 101 12.85 67.42 8.91
N THR C 102 14.17 67.20 8.88
CA THR C 102 14.76 66.02 9.50
C THR C 102 14.68 66.03 11.02
N ASP C 103 14.29 67.16 11.62
CA ASP C 103 14.24 67.26 13.07
C ASP C 103 13.19 66.31 13.63
N SER C 104 13.34 65.94 14.90
CA SER C 104 12.44 65.01 15.56
C SER C 104 11.02 65.56 15.64
N ALA C 105 10.88 66.87 15.47
CA ALA C 105 9.58 67.53 15.55
C ALA C 105 8.63 67.05 14.47
N TYR C 106 9.11 66.95 13.23
CA TYR C 106 8.25 66.59 12.10
C TYR C 106 8.16 65.10 11.90
N THR C 107 8.85 64.31 12.72
CA THR C 107 8.77 62.87 12.64
C THR C 107 7.96 62.35 13.82
N GLU C 108 7.37 61.18 13.64
CA GLU C 108 6.57 60.57 14.69
C GLU C 108 7.45 60.21 15.87
N GLY C 109 7.02 60.60 17.07
CA GLY C 109 7.87 60.44 18.24
C GLY C 109 8.13 59.00 18.61
N SER C 110 7.15 58.12 18.37
CA SER C 110 7.27 56.74 18.82
C SER C 110 8.21 55.94 17.93
N THR C 111 7.86 55.78 16.65
CA THR C 111 8.64 54.93 15.76
C THR C 111 9.76 55.72 15.08
N GLY C 112 9.46 56.92 14.59
CA GLY C 112 10.45 57.71 13.89
C GLY C 112 10.14 57.86 12.42
N LYS C 113 8.94 57.42 12.03
CA LYS C 113 8.52 57.47 10.63
C LYS C 113 8.56 58.89 10.09
N THR C 114 9.07 59.04 8.88
CA THR C 114 9.18 60.34 8.25
C THR C 114 8.21 60.46 7.08
N CYS C 115 8.27 61.60 6.39
CA CYS C 115 7.30 61.91 5.34
C CYS C 115 7.45 60.97 4.15
N LEU C 116 8.68 60.61 3.78
CA LEU C 116 8.88 59.71 2.65
C LEU C 116 8.25 58.36 2.90
N MET C 117 8.41 57.82 4.11
CA MET C 117 7.83 56.52 4.42
C MET C 117 6.31 56.56 4.28
N LYS C 118 5.68 57.63 4.78
CA LYS C 118 4.24 57.78 4.62
C LYS C 118 3.86 57.88 3.14
N ALA C 119 4.68 58.58 2.35
CA ALA C 119 4.39 58.73 0.93
C ALA C 119 4.45 57.40 0.20
N VAL C 120 5.43 56.56 0.53
CA VAL C 120 5.65 55.36 -0.27
C VAL C 120 4.69 54.23 0.14
N LEU C 121 4.33 54.17 1.42
CA LEU C 121 3.44 53.09 1.89
C LEU C 121 2.10 53.11 1.19
N ASN C 122 1.69 54.28 0.68
CA ASN C 122 0.44 54.38 -0.06
C ASN C 122 0.68 54.96 -1.44
N LEU C 123 0.73 54.07 -2.44
CA LEU C 123 1.05 54.43 -3.81
C LEU C 123 -0.08 53.98 -4.73
N GLN C 124 -0.51 54.86 -5.62
CA GLN C 124 -1.65 54.60 -6.49
C GLN C 124 -1.20 53.98 -7.81
N ASP C 125 -1.14 52.66 -7.87
CA ASP C 125 -0.68 51.93 -9.06
C ASP C 125 0.75 52.37 -9.44
N GLY C 126 1.55 52.67 -8.43
CA GLY C 126 2.95 52.99 -8.63
C GLY C 126 3.24 54.42 -9.04
N VAL C 127 2.57 55.38 -8.43
CA VAL C 127 2.87 56.79 -8.65
C VAL C 127 2.67 57.53 -7.34
N ASN C 128 3.57 58.47 -7.06
CA ASN C 128 3.40 59.44 -5.98
C ASN C 128 4.11 60.72 -6.36
N ALA C 129 3.37 61.67 -6.94
CA ALA C 129 3.98 62.87 -7.50
C ALA C 129 4.58 63.78 -6.44
N CYS C 130 4.28 63.56 -5.17
CA CYS C 130 4.80 64.42 -4.11
C CYS C 130 6.27 64.12 -3.83
N ILE C 131 6.72 62.91 -4.16
CA ILE C 131 8.05 62.44 -3.76
C ILE C 131 9.14 63.32 -4.34
N LEU C 132 9.10 63.57 -5.64
CA LEU C 132 10.18 64.33 -6.25
C LEU C 132 10.25 65.76 -5.69
N PRO C 133 9.14 66.52 -5.67
CA PRO C 133 9.20 67.86 -5.05
C PRO C 133 9.66 67.81 -3.61
N LEU C 134 9.28 66.77 -2.88
CA LEU C 134 9.78 66.59 -1.52
C LEU C 134 11.29 66.44 -1.52
N LEU C 135 11.83 65.74 -2.52
CA LEU C 135 13.29 65.60 -2.62
C LEU C 135 13.96 66.95 -2.92
N GLN C 136 13.39 67.75 -3.82
CA GLN C 136 14.03 69.07 -4.02
C GLN C 136 13.95 69.93 -2.78
N ILE C 137 12.78 70.02 -2.13
CA ILE C 137 12.70 70.82 -0.91
C ILE C 137 13.52 70.21 0.20
N ASP C 138 13.94 68.96 0.04
CA ASP C 138 14.89 68.35 0.95
C ASP C 138 16.30 68.86 0.73
N ARG C 139 16.87 68.61 -0.47
CA ARG C 139 18.30 68.85 -0.62
C ARG C 139 18.60 70.31 -0.89
N ASP C 140 17.57 71.12 -1.17
CA ASP C 140 17.82 72.55 -1.34
C ASP C 140 18.23 73.20 -0.02
N SER C 141 17.66 72.75 1.10
CA SER C 141 17.99 73.21 2.44
C SER C 141 17.81 72.03 3.39
N GLY C 142 18.92 71.34 3.69
CA GLY C 142 18.89 70.17 4.53
C GLY C 142 20.18 70.00 5.31
N ASN C 143 20.17 69.00 6.19
CA ASN C 143 21.30 68.65 7.04
C ASN C 143 22.25 67.79 6.22
N PRO C 144 23.52 67.64 6.63
CA PRO C 144 24.45 66.79 5.85
C PRO C 144 23.94 65.39 5.53
N GLN C 145 22.88 64.92 6.19
CA GLN C 145 22.27 63.66 5.81
C GLN C 145 20.79 63.90 5.52
N PRO C 146 20.46 64.53 4.40
CA PRO C 146 19.12 65.10 4.23
C PRO C 146 18.04 64.05 4.00
N LEU C 147 17.31 63.74 5.06
CA LEU C 147 16.00 63.08 5.05
C LEU C 147 15.94 61.86 4.12
N VAL C 148 17.11 61.28 3.80
CA VAL C 148 17.15 60.08 2.99
C VAL C 148 18.07 59.09 3.67
N ASN C 149 18.87 59.58 4.60
CA ASN C 149 19.77 58.73 5.37
C ASN C 149 19.20 58.53 6.77
N ALA C 150 17.97 59.01 6.99
CA ALA C 150 17.31 58.91 8.29
C ALA C 150 16.32 57.76 8.26
N GLN C 151 16.39 56.92 9.30
CA GLN C 151 15.52 55.75 9.40
C GLN C 151 14.76 55.76 10.73
N CYS C 152 14.00 54.70 10.97
CA CYS C 152 13.20 54.60 12.18
C CYS C 152 14.10 54.43 13.41
N THR C 153 13.55 54.79 14.57
CA THR C 153 14.30 54.73 15.82
C THR C 153 13.72 53.77 16.85
N ASP C 154 12.52 53.25 16.66
CA ASP C 154 11.95 52.30 17.61
C ASP C 154 12.72 50.98 17.56
N GLU C 155 12.67 50.24 18.66
CA GLU C 155 13.44 48.99 18.75
C GLU C 155 12.93 47.96 17.74
N PHE C 156 11.63 47.96 17.47
CA PHE C 156 11.06 46.94 16.60
C PHE C 156 11.45 47.14 15.14
N TYR C 157 11.39 48.39 14.66
CA TYR C 157 11.80 48.73 13.30
C TYR C 157 13.09 49.54 13.26
N ARG C 158 14.04 49.23 14.15
CA ARG C 158 15.30 49.98 14.16
C ARG C 158 16.08 49.74 12.88
N GLY C 159 16.50 50.85 12.25
CA GLY C 159 17.32 50.82 11.04
C GLY C 159 16.53 50.84 9.76
N HIS C 160 15.22 50.57 9.82
CA HIS C 160 14.40 50.49 8.62
C HIS C 160 14.26 51.84 7.93
N SER C 161 14.74 51.94 6.70
CA SER C 161 14.72 53.20 5.98
C SER C 161 13.67 53.17 4.87
N ALA C 162 13.58 54.29 4.14
CA ALA C 162 12.57 54.41 3.10
C ALA C 162 12.89 53.53 1.90
N LEU C 163 14.17 53.30 1.63
CA LEU C 163 14.57 52.47 0.50
C LEU C 163 14.14 51.03 0.71
N HIS C 164 14.15 50.57 1.97
CA HIS C 164 13.62 49.25 2.27
C HIS C 164 12.12 49.17 1.96
N ILE C 165 11.38 50.24 2.27
CA ILE C 165 9.97 50.28 1.90
C ILE C 165 9.81 50.22 0.40
N ALA C 166 10.64 50.99 -0.32
CA ALA C 166 10.54 51.01 -1.78
C ALA C 166 10.78 49.64 -2.38
N ILE C 167 11.79 48.92 -1.87
CA ILE C 167 12.02 47.55 -2.33
C ILE C 167 10.86 46.63 -1.94
N GLU C 168 10.34 46.75 -0.72
CA GLU C 168 9.24 45.93 -0.26
C GLU C 168 7.97 46.11 -1.08
N LYS C 169 7.67 47.33 -1.50
CA LYS C 169 6.48 47.60 -2.28
C LYS C 169 6.62 47.18 -3.75
N ARG C 170 7.77 46.63 -4.12
CA ARG C 170 8.04 46.14 -5.47
C ARG C 170 7.82 47.24 -6.51
N SER C 171 8.45 48.39 -6.24
CA SER C 171 8.34 49.54 -7.11
C SER C 171 9.74 50.03 -7.43
N LEU C 172 10.17 49.79 -8.67
CA LEU C 172 11.52 50.16 -9.10
C LEU C 172 11.68 51.66 -9.34
N TRP C 173 10.60 52.36 -9.69
CA TRP C 173 10.69 53.78 -9.99
C TRP C 173 11.11 54.57 -8.77
N CYS C 174 10.44 54.34 -7.63
CA CYS C 174 10.80 55.06 -6.42
C CYS C 174 12.18 54.64 -5.92
N VAL C 175 12.58 53.40 -6.19
CA VAL C 175 13.95 52.97 -5.88
C VAL C 175 14.94 53.82 -6.65
N LYS C 176 14.68 54.02 -7.95
CA LYS C 176 15.52 54.88 -8.76
C LYS C 176 15.55 56.30 -8.21
N LEU C 177 14.37 56.83 -7.86
CA LEU C 177 14.31 58.21 -7.36
C LEU C 177 15.12 58.37 -6.08
N LEU C 178 15.02 57.39 -5.17
CA LEU C 178 15.78 57.47 -3.93
C LEU C 178 17.27 57.34 -4.15
N VAL C 179 17.69 56.42 -5.04
CA VAL C 179 19.13 56.23 -5.23
C VAL C 179 19.76 57.34 -6.06
N GLU C 180 19.00 57.99 -6.95
CA GLU C 180 19.55 59.03 -7.82
C GLU C 180 19.76 60.35 -7.10
N ASN C 181 19.21 60.52 -5.91
CA ASN C 181 19.42 61.72 -5.11
C ASN C 181 20.31 61.46 -3.90
N GLY C 182 21.01 60.33 -3.87
CA GLY C 182 21.86 60.00 -2.74
C GLY C 182 21.14 59.13 -1.74
N ALA C 183 21.59 57.90 -1.56
CA ALA C 183 20.98 56.98 -0.61
C ALA C 183 21.99 55.89 -0.28
N ASN C 184 22.33 55.78 1.01
CA ASN C 184 23.19 54.71 1.46
C ASN C 184 22.53 53.37 1.15
N VAL C 185 23.23 52.50 0.43
CA VAL C 185 22.64 51.25 -0.04
C VAL C 185 22.96 50.16 0.97
N HIS C 186 23.65 50.53 2.05
CA HIS C 186 24.01 49.54 3.06
C HIS C 186 22.95 49.46 4.16
N ILE C 187 22.75 50.57 4.89
CA ILE C 187 21.69 50.74 5.88
C ILE C 187 21.33 49.44 6.58
N ARG C 188 22.15 49.03 7.55
CA ARG C 188 21.89 47.79 8.27
C ARG C 188 20.70 47.95 9.21
N ALA C 189 19.54 47.42 8.81
CA ALA C 189 18.34 47.50 9.63
C ALA C 189 18.43 46.54 10.81
N CYS C 190 18.95 47.02 11.94
CA CYS C 190 19.15 46.18 13.12
C CYS C 190 17.93 46.29 14.04
N GLY C 191 16.80 45.85 13.52
CA GLY C 191 15.53 45.89 14.24
C GLY C 191 15.17 44.52 14.80
N ARG C 192 14.32 44.52 15.82
CA ARG C 192 13.86 43.26 16.41
C ARG C 192 13.07 42.42 15.42
N PHE C 193 12.33 43.05 14.52
CA PHE C 193 11.55 42.32 13.52
C PHE C 193 12.42 41.75 12.40
N PHE C 194 13.55 42.38 12.12
CA PHE C 194 14.44 41.93 11.05
C PHE C 194 15.42 40.86 11.50
N GLN C 195 15.52 40.60 12.79
CA GLN C 195 16.37 39.52 13.29
C GLN C 195 15.62 38.19 13.21
N LYS C 196 16.36 37.10 13.37
CA LYS C 196 15.78 35.76 13.35
C LYS C 196 15.64 35.26 14.78
N HIS C 197 14.40 35.08 15.23
CA HIS C 197 14.11 34.63 16.58
C HIS C 197 12.71 34.03 16.58
N GLN C 198 12.15 33.82 17.77
CA GLN C 198 10.80 33.27 17.91
C GLN C 198 9.79 34.42 17.97
N GLY C 199 8.73 34.29 17.19
CA GLY C 199 7.71 35.32 17.12
C GLY C 199 7.65 35.92 15.72
N THR C 200 7.03 37.10 15.66
CA THR C 200 6.92 37.82 14.39
C THR C 200 8.27 38.35 13.95
N CYS C 201 8.74 37.89 12.79
CA CYS C 201 10.04 38.30 12.26
C CYS C 201 10.16 37.80 10.83
N PHE C 202 11.12 38.38 10.12
CA PHE C 202 11.46 37.91 8.77
C PHE C 202 12.92 38.31 8.52
N TYR C 203 13.83 37.35 8.67
CA TYR C 203 15.25 37.61 8.45
C TYR C 203 15.54 37.56 6.95
N PHE C 204 16.16 38.62 6.43
CA PHE C 204 16.50 38.71 5.02
C PHE C 204 17.91 39.25 4.79
N GLY C 205 18.75 39.25 5.82
CA GLY C 205 20.08 39.79 5.72
C GLY C 205 20.19 41.27 6.04
N GLU C 206 19.09 41.92 6.43
CA GLU C 206 19.04 43.33 6.81
C GLU C 206 19.90 44.21 5.91
N LEU C 207 19.77 43.97 4.61
CA LEU C 207 20.53 44.69 3.59
C LEU C 207 19.64 44.85 2.38
N PRO C 208 19.58 46.05 1.77
CA PRO C 208 18.69 46.27 0.63
C PRO C 208 18.94 45.31 -0.53
N LEU C 209 20.20 45.04 -0.83
CA LEU C 209 20.51 44.07 -1.88
C LEU C 209 20.01 42.68 -1.49
N SER C 210 20.25 42.30 -0.24
CA SER C 210 19.76 41.00 0.24
C SER C 210 18.25 40.96 0.26
N LEU C 211 17.60 42.06 0.63
CA LEU C 211 16.14 42.11 0.62
C LEU C 211 15.60 41.92 -0.80
N ALA C 212 16.18 42.63 -1.76
CA ALA C 212 15.74 42.49 -3.14
C ALA C 212 15.97 41.08 -3.67
N ALA C 213 17.11 40.48 -3.33
CA ALA C 213 17.37 39.11 -3.74
C ALA C 213 16.38 38.13 -3.13
N CYS C 214 16.06 38.32 -1.85
CA CYS C 214 15.15 37.43 -1.14
C CYS C 214 13.71 37.55 -1.61
N THR C 215 13.26 38.75 -1.98
CA THR C 215 11.89 38.95 -2.44
C THR C 215 11.72 38.70 -3.93
N LYS C 216 12.67 38.02 -4.56
CA LYS C 216 12.64 37.66 -5.97
C LYS C 216 12.38 38.88 -6.85
N GLN C 217 13.31 39.83 -6.78
CA GLN C 217 13.24 41.05 -7.57
C GLN C 217 14.58 41.20 -8.30
N TRP C 218 14.68 40.55 -9.46
CA TRP C 218 15.93 40.58 -10.21
C TRP C 218 16.20 41.94 -10.84
N ASP C 219 15.16 42.66 -11.26
CA ASP C 219 15.36 43.99 -11.84
C ASP C 219 15.92 44.96 -10.80
N VAL C 220 15.43 44.88 -9.56
CA VAL C 220 15.93 45.75 -8.50
C VAL C 220 17.40 45.45 -8.23
N VAL C 221 17.75 44.16 -8.15
CA VAL C 221 19.14 43.77 -7.92
C VAL C 221 20.02 44.27 -9.06
N THR C 222 19.56 44.08 -10.30
CA THR C 222 20.33 44.51 -11.46
C THR C 222 20.56 46.02 -11.43
N TYR C 223 19.52 46.79 -11.12
CA TYR C 223 19.70 48.24 -11.05
C TYR C 223 20.62 48.63 -9.92
N LEU C 224 20.55 47.94 -8.79
CA LEU C 224 21.40 48.27 -7.65
C LEU C 224 22.87 47.94 -7.91
N LEU C 225 23.16 46.95 -8.76
CA LEU C 225 24.53 46.54 -8.95
C LEU C 225 25.33 47.44 -9.89
N GLU C 226 24.69 48.18 -10.79
CA GLU C 226 25.40 49.11 -11.65
C GLU C 226 24.79 50.51 -11.68
N ASN C 227 24.37 51.03 -10.53
CA ASN C 227 23.96 52.43 -10.48
C ASN C 227 25.17 53.32 -10.68
N PRO C 228 25.17 54.23 -11.67
CA PRO C 228 26.38 55.02 -11.95
C PRO C 228 26.70 56.05 -10.89
N HIS C 229 25.74 56.44 -10.05
CA HIS C 229 25.97 57.47 -9.05
C HIS C 229 27.00 57.00 -8.02
N GLN C 230 26.72 55.88 -7.34
CA GLN C 230 27.69 55.24 -6.46
C GLN C 230 27.38 53.76 -6.41
N PRO C 231 28.32 52.91 -6.84
CA PRO C 231 28.05 51.47 -6.93
C PRO C 231 27.71 50.83 -5.61
N ALA C 232 26.81 49.84 -5.64
CA ALA C 232 26.54 49.01 -4.48
C ALA C 232 27.49 47.80 -4.47
N SER C 233 27.87 47.37 -3.27
CA SER C 233 28.79 46.27 -3.13
C SER C 233 28.04 44.95 -3.16
N LEU C 234 28.78 43.86 -3.32
CA LEU C 234 28.19 42.53 -3.34
C LEU C 234 28.73 41.60 -2.26
N GLU C 235 29.91 41.88 -1.70
CA GLU C 235 30.45 41.14 -0.58
C GLU C 235 30.27 41.91 0.71
N ALA C 236 29.27 42.79 0.74
CA ALA C 236 28.95 43.57 1.92
C ALA C 236 28.28 42.68 2.96
N THR C 237 28.64 42.88 4.22
CA THR C 237 28.18 42.05 5.32
C THR C 237 27.29 42.87 6.26
N ASP C 238 26.49 42.14 7.04
CA ASP C 238 25.62 42.75 8.03
C ASP C 238 26.21 42.58 9.42
N SER C 239 25.45 42.95 10.45
CA SER C 239 25.92 42.83 11.83
C SER C 239 26.16 41.37 12.20
N LEU C 240 25.27 40.47 11.76
CA LEU C 240 25.42 39.06 12.08
C LEU C 240 26.63 38.46 11.35
N GLY C 241 27.14 39.13 10.34
CA GLY C 241 28.27 38.65 9.56
C GLY C 241 27.88 38.01 8.25
N ASN C 242 26.59 37.81 8.00
CA ASN C 242 26.13 37.16 6.79
C ASN C 242 26.26 38.09 5.58
N THR C 243 26.29 37.49 4.40
CA THR C 243 26.25 38.20 3.14
C THR C 243 24.99 37.79 2.40
N VAL C 244 24.85 38.25 1.15
CA VAL C 244 23.64 37.98 0.39
C VAL C 244 23.43 36.49 0.18
N LEU C 245 24.50 35.76 -0.10
CA LEU C 245 24.40 34.30 -0.25
C LEU C 245 24.07 33.62 1.07
N HIS C 246 24.67 34.10 2.17
CA HIS C 246 24.32 33.58 3.48
C HIS C 246 22.85 33.84 3.80
N ALA C 247 22.35 35.02 3.44
CA ALA C 247 20.93 35.32 3.64
C ALA C 247 20.06 34.40 2.81
N LEU C 248 20.44 34.16 1.55
CA LEU C 248 19.66 33.28 0.69
C LEU C 248 19.59 31.87 1.26
N VAL C 249 20.71 31.35 1.76
CA VAL C 249 20.70 30.01 2.33
C VAL C 249 20.02 29.98 3.70
N MET C 250 19.98 31.11 4.42
CA MET C 250 19.32 31.17 5.70
C MET C 250 17.80 31.27 5.59
N ILE C 251 17.29 31.86 4.51
CA ILE C 251 15.84 31.89 4.28
C ILE C 251 15.34 30.64 3.57
N ALA C 252 16.23 29.77 3.13
CA ALA C 252 15.83 28.61 2.34
C ALA C 252 14.94 27.68 3.15
N ASP C 253 14.00 27.04 2.47
CA ASP C 253 13.14 26.02 3.05
C ASP C 253 13.14 24.81 2.14
N ASN C 254 12.62 23.69 2.65
CA ASN C 254 12.61 22.45 1.91
C ASN C 254 11.40 22.32 0.98
N SER C 255 10.53 23.32 0.96
CA SER C 255 9.45 23.35 0.00
C SER C 255 9.98 23.62 -1.40
N PRO C 256 9.39 22.99 -2.43
CA PRO C 256 9.90 23.16 -3.80
C PRO C 256 9.87 24.61 -4.28
N GLU C 257 8.81 25.33 -3.92
CA GLU C 257 8.67 26.72 -4.39
C GLU C 257 9.77 27.61 -3.84
N ASN C 258 10.13 27.45 -2.57
CA ASN C 258 11.22 28.23 -2.01
C ASN C 258 12.57 27.75 -2.52
N SER C 259 12.74 26.43 -2.67
CA SER C 259 14.02 25.89 -3.11
C SER C 259 14.37 26.36 -4.52
N ALA C 260 13.39 26.35 -5.43
CA ALA C 260 13.65 26.79 -6.79
C ALA C 260 14.06 28.26 -6.83
N LEU C 261 13.34 29.09 -6.07
CA LEU C 261 13.67 30.51 -6.01
C LEU C 261 15.07 30.73 -5.46
N VAL C 262 15.41 30.02 -4.38
CA VAL C 262 16.72 30.20 -3.76
C VAL C 262 17.82 29.77 -4.70
N ILE C 263 17.62 28.63 -5.38
CA ILE C 263 18.63 28.11 -6.30
C ILE C 263 18.84 29.08 -7.46
N HIS C 264 17.74 29.57 -8.04
CA HIS C 264 17.86 30.48 -9.18
C HIS C 264 18.56 31.77 -8.79
N MET C 265 18.17 32.35 -7.63
CA MET C 265 18.80 33.58 -7.19
C MET C 265 20.28 33.36 -6.89
N TYR C 266 20.61 32.22 -6.28
CA TYR C 266 22.00 31.89 -5.96
C TYR C 266 22.84 31.83 -7.22
N ASP C 267 22.37 31.09 -8.23
CA ASP C 267 23.14 30.94 -9.47
C ASP C 267 23.28 32.28 -10.18
N SER C 268 22.19 33.05 -10.25
CA SER C 268 22.24 34.33 -10.93
C SER C 268 23.20 35.28 -10.24
N LEU C 269 23.18 35.30 -8.91
CA LEU C 269 24.08 36.17 -8.17
C LEU C 269 25.53 35.74 -8.34
N LEU C 270 25.78 34.43 -8.38
CA LEU C 270 27.13 33.95 -8.59
C LEU C 270 27.67 34.39 -9.95
N GLN C 271 26.88 34.22 -11.00
CA GLN C 271 27.36 34.62 -12.32
C GLN C 271 27.46 36.14 -12.45
N MET C 272 26.57 36.87 -11.77
CA MET C 272 26.67 38.33 -11.78
C MET C 272 27.92 38.80 -11.06
N GLY C 273 28.27 38.16 -9.94
CA GLY C 273 29.51 38.49 -9.26
C GLY C 273 30.73 38.17 -10.09
N ALA C 274 30.67 37.06 -10.85
CA ALA C 274 31.71 36.79 -11.82
C ALA C 274 31.82 37.89 -12.87
N ARG C 275 30.69 38.42 -13.32
CA ARG C 275 30.70 39.54 -14.27
C ARG C 275 31.34 40.78 -13.65
N LEU C 276 30.87 41.20 -12.49
CA LEU C 276 31.31 42.46 -11.89
C LEU C 276 32.71 42.35 -11.29
N CYS C 277 32.90 41.46 -10.33
CA CYS C 277 34.16 41.31 -9.62
C CYS C 277 34.67 39.88 -9.77
N PRO C 278 35.38 39.57 -10.86
CA PRO C 278 35.86 38.19 -11.04
C PRO C 278 37.01 37.82 -10.14
N THR C 279 37.70 38.79 -9.54
CA THR C 279 38.86 38.49 -8.70
C THR C 279 38.44 37.81 -7.40
N VAL C 280 37.63 38.49 -6.60
CA VAL C 280 37.21 37.93 -5.32
C VAL C 280 36.20 36.80 -5.56
N GLN C 281 36.22 35.81 -4.68
CA GLN C 281 35.28 34.69 -4.74
C GLN C 281 34.26 34.85 -3.62
N LEU C 282 32.98 34.80 -3.98
CA LEU C 282 31.92 35.04 -3.00
C LEU C 282 31.64 33.80 -2.16
N GLU C 283 31.99 32.62 -2.66
CA GLU C 283 31.67 31.38 -1.96
C GLU C 283 32.56 31.16 -0.74
N ASP C 284 33.64 31.92 -0.60
CA ASP C 284 34.60 31.68 0.48
C ASP C 284 34.64 32.84 1.45
N ILE C 285 33.51 33.49 1.69
CA ILE C 285 33.40 34.60 2.63
C ILE C 285 32.93 34.02 3.95
N CYS C 286 33.83 33.92 4.92
CA CYS C 286 33.50 33.33 6.20
C CYS C 286 32.53 34.21 6.98
N ASN C 287 31.63 33.56 7.71
CA ASN C 287 30.67 34.22 8.57
C ASN C 287 31.37 34.70 9.85
N HIS C 288 30.60 35.33 10.73
CA HIS C 288 31.12 35.65 12.05
C HIS C 288 31.40 34.40 12.87
N GLN C 289 30.81 33.27 12.52
CA GLN C 289 31.10 31.98 13.12
C GLN C 289 32.08 31.16 12.29
N GLY C 290 32.71 31.77 11.30
CA GLY C 290 33.63 31.05 10.43
C GLY C 290 32.96 30.01 9.55
N LEU C 291 31.80 30.33 8.99
CA LEU C 291 31.07 29.42 8.14
C LEU C 291 30.88 30.03 6.75
N THR C 292 31.06 29.20 5.73
CA THR C 292 30.77 29.54 4.35
C THR C 292 29.32 29.19 4.02
N PRO C 293 28.78 29.72 2.92
CA PRO C 293 27.40 29.38 2.55
C PRO C 293 27.12 27.89 2.46
N LEU C 294 28.09 27.13 1.94
CA LEU C 294 27.94 25.67 1.89
C LEU C 294 27.93 25.09 3.30
N LYS C 295 28.85 25.54 4.16
CA LYS C 295 28.87 25.05 5.53
C LYS C 295 27.64 25.50 6.30
N LEU C 296 27.16 26.72 6.02
CA LEU C 296 25.91 27.17 6.64
C LEU C 296 24.74 26.28 6.21
N ALA C 297 24.69 25.92 4.93
CA ALA C 297 23.64 25.01 4.46
C ALA C 297 23.75 23.66 5.16
N ALA C 298 24.97 23.15 5.34
CA ALA C 298 25.16 21.88 6.02
C ALA C 298 24.68 21.95 7.46
N LYS C 299 25.07 23.01 8.19
CA LYS C 299 24.69 23.13 9.59
C LYS C 299 23.21 23.37 9.79
N GLU C 300 22.59 24.20 8.96
CA GLU C 300 21.19 24.56 9.17
C GLU C 300 20.22 23.52 8.66
N GLY C 301 20.69 22.47 8.00
CA GLY C 301 19.82 21.41 7.54
C GLY C 301 19.11 21.68 6.22
N LYS C 302 19.50 22.73 5.51
CA LYS C 302 18.87 23.05 4.23
C LYS C 302 19.33 22.07 3.15
N ILE C 303 18.57 21.00 2.94
CA ILE C 303 19.06 19.89 2.13
C ILE C 303 19.11 20.25 0.65
N GLU C 304 18.09 20.94 0.14
CA GLU C 304 17.98 21.16 -1.30
C GLU C 304 19.09 22.05 -1.82
N ILE C 305 19.29 23.21 -1.18
CA ILE C 305 20.36 24.11 -1.60
C ILE C 305 21.72 23.46 -1.35
N PHE C 306 21.81 22.64 -0.31
CA PHE C 306 23.05 21.92 -0.03
C PHE C 306 23.41 21.01 -1.19
N ARG C 307 22.46 20.20 -1.65
CA ARG C 307 22.75 19.30 -2.77
C ARG C 307 23.03 20.08 -4.04
N HIS C 308 22.30 21.17 -4.26
CA HIS C 308 22.51 21.96 -5.48
C HIS C 308 23.91 22.55 -5.51
N ILE C 309 24.35 23.14 -4.40
CA ILE C 309 25.71 23.68 -4.34
C ILE C 309 26.73 22.56 -4.45
N LEU C 310 26.43 21.40 -3.88
CA LEU C 310 27.39 20.30 -3.87
C LEU C 310 27.63 19.75 -5.27
N GLN C 311 26.59 19.63 -6.08
CA GLN C 311 26.72 19.01 -7.40
C GLN C 311 26.18 19.94 -8.49
N ARG C 312 26.55 21.21 -8.44
CA ARG C 312 26.14 22.17 -9.47
C ARG C 312 27.05 22.05 -10.68
N GLU C 313 26.46 22.18 -11.87
CA GLU C 313 27.17 22.03 -13.12
C GLU C 313 26.73 23.13 -14.08
N PHE C 314 27.71 23.78 -14.71
CA PHE C 314 27.46 24.85 -15.66
C PHE C 314 28.08 24.54 -17.03
N SER C 315 28.14 25.55 -17.89
CA SER C 315 28.55 25.36 -19.27
C SER C 315 29.89 26.09 -19.47
N GLY C 316 30.30 26.20 -20.73
CA GLY C 316 31.61 26.78 -21.03
C GLY C 316 31.77 28.18 -20.47
N LEU C 317 30.73 29.00 -20.58
CA LEU C 317 30.73 30.29 -19.94
C LEU C 317 30.34 30.15 -18.47
N TYR C 318 31.04 30.89 -17.62
CA TYR C 318 30.96 30.71 -16.16
C TYR C 318 31.24 29.26 -15.78
N GLN C 319 32.29 28.70 -16.39
CA GLN C 319 32.73 27.34 -16.13
C GLN C 319 33.53 27.20 -14.84
N PRO C 320 34.52 28.08 -14.57
CA PRO C 320 35.36 27.86 -13.37
C PRO C 320 34.58 27.79 -12.07
N LEU C 321 33.49 28.54 -11.95
CA LEU C 321 32.68 28.51 -10.74
C LEU C 321 31.64 27.40 -10.80
N SER C 322 32.11 26.16 -11.00
CA SER C 322 31.26 24.98 -10.98
C SER C 322 31.91 23.94 -10.07
N ARG C 323 31.11 23.01 -9.58
CA ARG C 323 31.60 22.00 -8.64
C ARG C 323 31.72 20.61 -9.27
N LYS C 324 30.79 20.22 -10.12
CA LYS C 324 30.83 18.92 -10.79
C LYS C 324 31.32 19.12 -12.22
N PHE C 325 32.50 18.58 -12.51
CA PHE C 325 33.11 18.68 -13.83
C PHE C 325 32.94 17.35 -14.57
N THR C 326 33.58 17.23 -15.73
CA THR C 326 33.53 16.00 -16.52
C THR C 326 34.86 15.84 -17.22
N GLU C 327 35.59 14.77 -16.91
CA GLU C 327 36.92 14.56 -17.45
C GLU C 327 36.87 14.08 -18.90
N TRP C 328 36.27 12.92 -19.14
CA TRP C 328 36.19 12.36 -20.48
C TRP C 328 34.97 11.47 -20.61
N CYS C 329 34.43 11.40 -21.83
CA CYS C 329 33.25 10.58 -22.14
C CYS C 329 33.59 9.71 -23.35
N TYR C 330 33.93 8.46 -23.10
CA TYR C 330 34.19 7.50 -24.17
C TYR C 330 32.97 6.60 -24.30
N GLY C 331 32.15 6.83 -25.32
CA GLY C 331 30.94 6.08 -25.48
C GLY C 331 29.91 6.46 -24.43
N PRO C 332 29.33 5.45 -23.78
CA PRO C 332 28.29 5.69 -22.77
C PRO C 332 28.78 5.84 -21.33
N VAL C 333 30.10 5.78 -21.08
CA VAL C 333 30.64 5.92 -19.74
C VAL C 333 31.06 7.36 -19.54
N ARG C 334 30.86 7.88 -18.34
CA ARG C 334 31.23 9.24 -17.99
C ARG C 334 32.05 9.25 -16.72
N VAL C 335 32.95 10.22 -16.62
CA VAL C 335 33.80 10.40 -15.46
C VAL C 335 33.49 11.78 -14.88
N SER C 336 32.96 11.79 -13.67
CA SER C 336 32.63 13.03 -12.98
C SER C 336 33.67 13.32 -11.90
N LEU C 337 34.04 14.58 -11.78
CA LEU C 337 35.03 15.02 -10.81
C LEU C 337 34.38 16.05 -9.90
N TYR C 338 34.01 15.61 -8.70
CA TYR C 338 33.39 16.50 -7.72
C TYR C 338 34.45 17.25 -6.94
N ASP C 339 34.24 18.56 -6.78
CA ASP C 339 35.19 19.36 -6.00
C ASP C 339 35.12 18.96 -4.53
N LEU C 340 36.30 18.76 -3.94
CA LEU C 340 36.40 18.38 -2.53
C LEU C 340 36.83 19.55 -1.66
N SER C 341 36.45 20.77 -2.03
CA SER C 341 36.81 21.96 -1.28
C SER C 341 35.85 22.15 -0.10
N SER C 342 36.43 22.23 1.10
CA SER C 342 35.69 22.47 2.33
C SER C 342 34.68 21.35 2.63
N VAL C 343 34.85 20.20 1.99
CA VAL C 343 34.02 19.04 2.28
C VAL C 343 34.82 17.80 2.65
N ASP C 344 36.08 17.69 2.23
CA ASP C 344 36.92 16.59 2.65
C ASP C 344 37.29 16.72 4.12
N SER C 345 37.40 15.58 4.78
CA SER C 345 37.71 15.52 6.20
C SER C 345 39.14 15.93 6.52
N TRP C 346 39.99 16.11 5.51
CA TRP C 346 41.36 16.56 5.74
C TRP C 346 41.40 17.94 6.38
N GLU C 347 40.43 18.79 6.08
CA GLU C 347 40.36 20.13 6.64
C GLU C 347 39.85 20.06 8.08
N LYS C 348 40.17 21.09 8.86
CA LYS C 348 39.83 21.13 10.27
C LYS C 348 38.32 21.13 10.49
N ASN C 349 37.61 22.03 9.81
CA ASN C 349 36.16 22.16 9.96
C ASN C 349 35.53 21.90 8.59
N SER C 350 35.18 20.65 8.33
CA SER C 350 34.65 20.24 7.04
C SER C 350 33.14 20.10 7.10
N VAL C 351 32.54 19.86 5.93
CA VAL C 351 31.09 19.67 5.84
C VAL C 351 30.68 18.39 6.53
N LEU C 352 31.48 17.33 6.39
CA LEU C 352 31.14 16.05 7.01
C LEU C 352 31.12 16.17 8.53
N GLU C 353 32.12 16.84 9.09
CA GLU C 353 32.16 17.05 10.54
C GLU C 353 30.97 17.88 11.00
N ILE C 354 30.61 18.90 10.24
CA ILE C 354 29.47 19.75 10.59
C ILE C 354 28.18 18.93 10.59
N ILE C 355 28.01 18.09 9.56
CA ILE C 355 26.81 17.26 9.49
C ILE C 355 26.75 16.27 10.64
N ALA C 356 27.88 15.62 10.96
CA ALA C 356 27.90 14.57 11.96
C ALA C 356 27.89 15.07 13.40
N PHE C 357 28.36 16.30 13.65
CA PHE C 357 28.55 16.74 15.02
C PHE C 357 28.03 18.13 15.31
N HIS C 358 27.49 18.85 14.33
CA HIS C 358 27.06 20.23 14.57
C HIS C 358 25.62 20.45 14.15
N CYS C 359 25.14 19.67 13.18
CA CYS C 359 23.76 19.82 12.72
C CYS C 359 22.81 19.22 13.74
N LYS C 360 21.82 20.01 14.16
CA LYS C 360 20.80 19.56 15.11
C LYS C 360 19.45 19.33 14.44
N SER C 361 19.43 19.28 13.11
CA SER C 361 18.19 19.01 12.40
C SER C 361 17.71 17.59 12.70
N PRO C 362 16.40 17.38 12.76
CA PRO C 362 15.88 16.05 13.08
C PRO C 362 16.32 14.99 12.09
N HIS C 363 16.04 15.19 10.81
CA HIS C 363 16.36 14.23 9.76
C HIS C 363 17.62 14.64 9.01
N ARG C 364 18.73 14.69 9.74
CA ARG C 364 20.03 15.00 9.13
C ARG C 364 20.70 13.78 8.53
N HIS C 365 20.14 12.59 8.74
CA HIS C 365 20.71 11.39 8.15
C HIS C 365 20.42 11.29 6.66
N ARG C 366 19.26 11.81 6.21
CA ARG C 366 18.98 11.84 4.79
C ARG C 366 19.94 12.76 4.05
N MET C 367 20.60 13.67 4.76
CA MET C 367 21.48 14.62 4.09
C MET C 367 22.68 13.92 3.48
N VAL C 368 23.38 13.09 4.27
CA VAL C 368 24.50 12.35 3.72
C VAL C 368 24.07 10.98 3.21
N VAL C 369 23.51 11.00 2.01
CA VAL C 369 23.06 9.85 1.25
C VAL C 369 22.94 10.29 -0.21
N LEU C 370 23.71 11.32 -0.59
CA LEU C 370 23.66 11.88 -1.94
C LEU C 370 24.73 11.36 -2.90
N GLU C 371 25.14 12.21 -3.82
CA GLU C 371 26.14 11.86 -4.83
C GLU C 371 27.57 11.85 -4.31
N PRO C 372 28.17 13.04 -4.15
CA PRO C 372 29.55 13.18 -3.68
C PRO C 372 29.65 13.21 -2.16
N LEU C 373 29.16 12.16 -1.51
CA LEU C 373 29.19 12.06 -0.05
C LEU C 373 29.05 10.59 0.30
N ASN C 374 28.19 9.90 -0.44
CA ASN C 374 27.95 8.49 -0.23
C ASN C 374 29.13 7.66 -0.73
N LYS C 375 29.71 8.08 -1.85
CA LYS C 375 30.86 7.38 -2.42
C LYS C 375 32.11 7.63 -1.60
N LEU C 376 32.38 8.89 -1.30
CA LEU C 376 33.54 9.25 -0.51
C LEU C 376 33.55 8.50 0.82
N LEU C 377 32.41 8.46 1.50
CA LEU C 377 32.35 7.76 2.78
C LEU C 377 32.45 6.25 2.60
N GLN C 378 31.94 5.71 1.49
CA GLN C 378 32.11 4.29 1.23
C GLN C 378 33.59 3.94 1.04
N GLU C 379 34.32 4.78 0.30
CA GLU C 379 35.75 4.56 0.13
C GLU C 379 36.49 4.66 1.46
N LYS C 380 36.14 5.66 2.27
CA LYS C 380 36.78 5.82 3.57
C LYS C 380 36.52 4.61 4.46
N TRP C 381 35.29 4.11 4.46
CA TRP C 381 34.94 2.93 5.26
C TRP C 381 35.70 1.70 4.77
N ASP C 382 35.80 1.53 3.45
CA ASP C 382 36.53 0.41 2.90
C ASP C 382 38.00 0.47 3.30
N ARG C 383 38.58 1.66 3.32
CA ARG C 383 39.96 1.81 3.76
C ARG C 383 40.13 1.56 5.26
N LEU C 384 39.13 1.93 6.08
CA LEU C 384 39.26 1.83 7.54
C LEU C 384 38.70 0.54 8.11
N ILE C 385 38.23 -0.39 7.27
CA ILE C 385 37.77 -1.69 7.78
C ILE C 385 38.77 -2.36 8.71
N PRO C 386 40.06 -2.49 8.36
CA PRO C 386 40.97 -3.20 9.29
C PRO C 386 41.07 -2.57 10.67
N ARG C 387 41.08 -1.24 10.77
CA ARG C 387 41.15 -0.61 12.09
C ARG C 387 39.88 -0.87 12.89
N PHE C 388 38.72 -0.79 12.23
CA PHE C 388 37.46 -1.05 12.91
C PHE C 388 37.43 -2.46 13.48
N PHE C 389 37.80 -3.46 12.67
CA PHE C 389 37.74 -4.82 13.17
C PHE C 389 38.87 -5.15 14.14
N PHE C 390 40.01 -4.47 14.05
CA PHE C 390 41.04 -4.61 15.09
C PHE C 390 40.55 -4.07 16.43
N ASN C 391 39.85 -2.93 16.41
CA ASN C 391 39.25 -2.40 17.63
C ASN C 391 38.23 -3.37 18.20
N PHE C 392 37.40 -3.96 17.33
CA PHE C 392 36.44 -4.94 17.79
C PHE C 392 37.12 -6.14 18.42
N ALA C 393 38.20 -6.62 17.80
CA ALA C 393 38.93 -7.77 18.34
C ALA C 393 39.53 -7.44 19.70
N CYS C 394 40.10 -6.23 19.84
CA CYS C 394 40.67 -5.83 21.12
C CYS C 394 39.60 -5.78 22.20
N TYR C 395 38.42 -5.22 21.88
CA TYR C 395 37.34 -5.18 22.85
C TYR C 395 36.86 -6.58 23.22
N LEU C 396 36.80 -7.48 22.24
CA LEU C 396 36.40 -8.85 22.51
C LEU C 396 37.39 -9.55 23.43
N VAL C 397 38.69 -9.33 23.21
CA VAL C 397 39.70 -9.91 24.08
C VAL C 397 39.56 -9.36 25.50
N TYR C 398 39.34 -8.06 25.62
CA TYR C 398 39.17 -7.46 26.94
C TYR C 398 37.95 -8.06 27.65
N MET C 399 36.85 -8.24 26.92
CA MET C 399 35.65 -8.80 27.54
C MET C 399 35.85 -10.26 27.93
N ILE C 400 36.60 -11.02 27.12
CA ILE C 400 36.87 -12.41 27.47
C ILE C 400 37.71 -12.48 28.74
N ILE C 401 38.72 -11.61 28.85
CA ILE C 401 39.51 -11.55 30.08
C ILE C 401 38.64 -11.20 31.26
N PHE C 402 37.75 -10.23 31.08
CA PHE C 402 36.82 -9.82 32.15
C PHE C 402 35.96 -10.99 32.60
N THR C 403 35.42 -11.74 31.65
CA THR C 403 34.57 -12.89 31.96
C THR C 403 35.35 -13.95 32.71
N ILE C 404 36.58 -14.24 32.26
CA ILE C 404 37.39 -15.26 32.91
C ILE C 404 37.69 -14.85 34.35
N VAL C 405 38.05 -13.58 34.56
CA VAL C 405 38.37 -13.12 35.90
C VAL C 405 37.15 -13.16 36.80
N ALA C 406 36.00 -12.74 36.29
CA ALA C 406 34.79 -12.74 37.10
C ALA C 406 34.32 -14.15 37.44
N TYR C 407 34.44 -15.09 36.51
CA TYR C 407 34.01 -16.45 36.74
C TYR C 407 34.90 -17.21 37.71
N HIS C 408 36.21 -16.95 37.69
CA HIS C 408 37.19 -17.66 38.51
C HIS C 408 37.67 -16.72 39.60
N GLN C 409 36.93 -16.67 40.72
CA GLN C 409 37.28 -15.75 41.78
C GLN C 409 36.85 -16.33 43.11
N PRO C 410 37.74 -16.41 44.10
CA PRO C 410 37.36 -16.92 45.42
C PRO C 410 36.56 -15.90 46.20
N SER C 411 35.94 -16.37 47.28
CA SER C 411 35.14 -15.51 48.14
C SER C 411 36.01 -14.46 48.85
N THR C 423 50.06 -18.47 45.03
CA THR C 423 50.47 -19.50 44.08
C THR C 423 50.38 -19.00 42.64
N PHE C 424 50.56 -19.91 41.69
CA PHE C 424 50.49 -19.56 40.27
C PHE C 424 49.11 -19.04 39.92
N GLY C 425 48.06 -19.70 40.42
CA GLY C 425 46.71 -19.24 40.16
C GLY C 425 46.43 -17.88 40.75
N ASP C 426 46.96 -17.62 41.95
CA ASP C 426 46.80 -16.31 42.58
C ASP C 426 47.50 -15.23 41.76
N SER C 427 48.69 -15.53 41.25
CA SER C 427 49.41 -14.58 40.42
C SER C 427 48.63 -14.30 39.13
N MET C 428 48.08 -15.34 38.51
CA MET C 428 47.29 -15.14 37.30
C MET C 428 46.03 -14.32 37.58
N LEU C 429 45.39 -14.56 38.72
CA LEU C 429 44.20 -13.78 39.08
C LEU C 429 44.57 -12.31 39.30
N LEU C 430 45.69 -12.05 39.98
CA LEU C 430 46.12 -10.68 40.19
C LEU C 430 46.46 -10.01 38.85
N LEU C 431 47.10 -10.74 37.95
CA LEU C 431 47.40 -10.20 36.63
C LEU C 431 46.11 -9.88 35.88
N GLY C 432 45.14 -10.79 35.94
CA GLY C 432 43.86 -10.50 35.31
C GLY C 432 43.20 -9.25 35.88
N HIS C 433 43.25 -9.09 37.20
CA HIS C 433 42.67 -7.91 37.83
C HIS C 433 43.38 -6.64 37.39
N ILE C 434 44.71 -6.67 37.31
CA ILE C 434 45.40 -5.43 36.93
C ILE C 434 45.14 -5.09 35.45
N LEU C 435 45.05 -6.08 34.57
CA LEU C 435 44.66 -5.78 33.19
C LEU C 435 43.23 -5.26 33.10
N ILE C 436 42.32 -5.79 33.91
CA ILE C 436 40.97 -5.23 33.94
C ILE C 436 40.99 -3.78 34.38
N LEU C 437 41.75 -3.46 35.41
CA LEU C 437 41.83 -2.08 35.88
C LEU C 437 42.41 -1.18 34.80
N LEU C 438 43.46 -1.63 34.13
CA LEU C 438 44.09 -0.83 33.08
C LEU C 438 43.13 -0.62 31.91
N GLY C 439 42.39 -1.66 31.51
CA GLY C 439 41.44 -1.51 30.43
C GLY C 439 40.32 -0.55 30.79
N GLY C 440 39.83 -0.64 32.03
CA GLY C 440 38.81 0.29 32.47
C GLY C 440 39.29 1.73 32.47
N ILE C 441 40.51 1.95 32.96
CA ILE C 441 41.07 3.31 32.94
C ILE C 441 41.24 3.80 31.52
N TYR C 442 41.72 2.96 30.60
CA TYR C 442 41.88 3.34 29.21
C TYR C 442 40.56 3.72 28.56
N LEU C 443 39.51 2.91 28.76
CA LEU C 443 38.21 3.22 28.19
C LEU C 443 37.64 4.51 28.80
N LEU C 444 37.83 4.69 30.11
CA LEU C 444 37.34 5.90 30.76
C LEU C 444 38.02 7.14 30.18
N LEU C 445 39.34 7.07 30.00
CA LEU C 445 40.06 8.21 29.43
C LEU C 445 39.61 8.49 28.01
N GLY C 446 39.41 7.43 27.21
CA GLY C 446 38.94 7.63 25.85
C GLY C 446 37.58 8.30 25.79
N GLN C 447 36.65 7.83 26.63
CA GLN C 447 35.31 8.41 26.63
C GLN C 447 35.32 9.85 27.15
N LEU C 448 36.14 10.13 28.15
CA LEU C 448 36.26 11.51 28.63
C LEU C 448 36.82 12.41 27.56
N TRP C 449 37.82 11.93 26.82
CA TRP C 449 38.35 12.72 25.71
C TRP C 449 37.30 12.98 24.65
N TYR C 450 36.50 11.95 24.34
CA TYR C 450 35.44 12.12 23.35
C TYR C 450 34.43 13.17 23.80
N PHE C 451 34.00 13.09 25.06
CA PHE C 451 32.99 14.02 25.55
C PHE C 451 33.54 15.44 25.64
N TRP C 452 34.81 15.58 26.03
CA TRP C 452 35.42 16.90 26.07
C TRP C 452 35.54 17.49 24.67
N ARG C 453 35.87 16.65 23.69
CA ARG C 453 35.99 17.14 22.31
C ARG C 453 34.63 17.44 21.70
N ARG C 454 33.57 16.85 22.23
CA ARG C 454 32.22 17.04 21.70
C ARG C 454 31.29 17.59 22.76
N ARG C 455 31.72 18.65 23.46
CA ARG C 455 30.96 19.17 24.60
C ARG C 455 29.53 19.54 24.21
N LEU C 456 29.38 20.29 23.12
CA LEU C 456 28.07 20.80 22.70
C LEU C 456 27.33 19.80 21.82
N PHE C 457 27.70 18.53 21.86
CA PHE C 457 27.09 17.49 21.05
C PHE C 457 25.98 16.74 21.77
N ILE C 458 26.05 16.64 23.10
CA ILE C 458 25.03 15.90 23.85
C ILE C 458 23.68 16.59 23.75
N TRP C 459 23.67 17.92 23.71
CA TRP C 459 22.44 18.70 23.60
C TRP C 459 22.09 19.01 22.15
N ILE C 460 22.60 18.21 21.21
CA ILE C 460 22.25 18.35 19.80
C ILE C 460 21.49 17.11 19.37
N SER C 461 21.99 15.93 19.74
CA SER C 461 21.34 14.68 19.38
C SER C 461 21.69 13.66 20.47
N PHE C 462 20.68 13.31 21.26
CA PHE C 462 20.88 12.38 22.37
C PHE C 462 20.73 10.92 21.96
N MET C 463 19.92 10.63 20.94
CA MET C 463 19.58 9.26 20.59
C MET C 463 20.24 8.84 19.27
N ASP C 464 21.28 9.55 18.84
CA ASP C 464 22.02 9.15 17.65
C ASP C 464 23.22 8.27 17.96
N SER C 465 24.00 8.62 18.98
CA SER C 465 25.14 7.78 19.37
C SER C 465 24.73 6.82 20.48
N TYR C 466 24.35 7.36 21.63
CA TYR C 466 23.75 6.62 22.76
C TYR C 466 24.54 5.38 23.16
N PHE C 467 25.78 5.25 22.69
CA PHE C 467 26.68 4.18 23.11
C PHE C 467 27.89 4.71 23.86
N GLU C 468 28.28 5.95 23.60
CA GLU C 468 29.39 6.55 24.35
C GLU C 468 29.01 6.68 25.83
N ILE C 469 27.74 6.98 26.10
CA ILE C 469 27.28 7.05 27.49
C ILE C 469 27.37 5.67 28.13
N LEU C 470 26.94 4.63 27.41
CA LEU C 470 26.99 3.29 27.96
C LEU C 470 28.44 2.84 28.19
N PHE C 471 29.32 3.15 27.25
CA PHE C 471 30.74 2.80 27.42
C PHE C 471 31.34 3.53 28.61
N LEU C 472 31.01 4.81 28.76
CA LEU C 472 31.51 5.57 29.90
C LEU C 472 31.00 5.01 31.21
N VAL C 473 29.72 4.63 31.25
CA VAL C 473 29.14 4.07 32.47
C VAL C 473 29.81 2.75 32.81
N GLN C 474 30.04 1.90 31.81
CA GLN C 474 30.70 0.62 32.06
C GLN C 474 32.11 0.81 32.57
N ALA C 475 32.87 1.72 31.96
CA ALA C 475 34.24 1.97 32.41
C ALA C 475 34.26 2.52 33.82
N LEU C 476 33.34 3.44 34.13
CA LEU C 476 33.28 4.01 35.46
C LEU C 476 32.94 2.95 36.49
N LEU C 477 31.98 2.07 36.17
CA LEU C 477 31.62 1.00 37.07
C LEU C 477 32.79 0.05 37.31
N THR C 478 33.51 -0.30 36.24
CA THR C 478 34.65 -1.20 36.37
C THR C 478 35.73 -0.58 37.26
N VAL C 479 36.05 0.68 37.03
CA VAL C 479 37.06 1.35 37.84
C VAL C 479 36.62 1.44 39.29
N LEU C 480 35.35 1.77 39.52
CA LEU C 480 34.84 1.91 40.88
C LEU C 480 34.90 0.58 41.61
N SER C 481 34.51 -0.52 40.95
CA SER C 481 34.60 -1.83 41.58
C SER C 481 36.05 -2.20 41.88
N GLN C 482 36.95 -1.94 40.93
CA GLN C 482 38.35 -2.29 41.12
C GLN C 482 38.96 -1.53 42.29
N VAL C 483 38.63 -0.25 42.44
CA VAL C 483 39.15 0.52 43.57
C VAL C 483 38.43 0.17 44.87
N LEU C 484 37.18 -0.28 44.80
CA LEU C 484 36.45 -0.72 45.98
C LEU C 484 36.90 -2.09 46.48
N ARG C 485 37.56 -2.88 45.63
CA ARG C 485 38.09 -4.16 46.09
C ARG C 485 39.16 -3.95 47.17
N PHE C 486 40.03 -2.96 47.00
CA PHE C 486 41.06 -2.68 48.00
C PHE C 486 40.47 -2.18 49.31
N VAL C 487 39.27 -1.61 49.27
CA VAL C 487 38.58 -1.17 50.48
C VAL C 487 38.02 -2.36 51.26
N GLU C 488 38.00 -3.54 50.64
CA GLU C 488 37.50 -4.76 51.28
C GLU C 488 36.02 -4.64 51.62
N THR C 489 35.25 -4.16 50.66
CA THR C 489 33.80 -4.02 50.81
C THR C 489 33.10 -5.22 50.18
N GLU C 490 32.08 -5.72 50.89
CA GLU C 490 31.31 -6.85 50.39
C GLU C 490 30.57 -6.53 49.11
N TRP C 491 30.29 -5.24 48.84
CA TRP C 491 29.58 -4.82 47.64
C TRP C 491 30.46 -4.81 46.40
N TYR C 492 31.65 -5.43 46.46
CA TYR C 492 32.46 -5.64 45.27
C TYR C 492 31.73 -6.48 44.22
N LEU C 493 31.16 -7.60 44.65
CA LEU C 493 30.62 -8.57 43.68
C LEU C 493 29.52 -7.99 42.80
N PRO C 494 28.52 -7.24 43.34
CA PRO C 494 27.48 -6.71 42.44
C PRO C 494 28.03 -5.81 41.35
N LEU C 495 28.67 -4.70 41.73
CA LEU C 495 29.12 -3.72 40.76
C LEU C 495 29.96 -4.37 39.67
N LEU C 496 30.91 -5.22 40.08
CA LEU C 496 31.75 -5.91 39.09
C LEU C 496 30.90 -6.64 38.07
N VAL C 497 29.97 -7.48 38.53
CA VAL C 497 29.15 -8.19 37.55
C VAL C 497 28.22 -7.22 36.84
N SER C 498 27.80 -6.15 37.52
CA SER C 498 27.01 -5.13 36.85
C SER C 498 27.79 -4.51 35.70
N SER C 499 29.12 -4.45 35.83
CA SER C 499 29.94 -4.05 34.69
C SER C 499 29.87 -5.10 33.60
N LEU C 500 30.05 -6.37 33.97
CA LEU C 500 30.19 -7.45 33.00
C LEU C 500 29.05 -7.45 31.99
N VAL C 501 27.81 -7.46 32.49
CA VAL C 501 26.65 -7.47 31.61
C VAL C 501 26.73 -6.31 30.64
N LEU C 502 26.97 -5.10 31.16
CA LEU C 502 27.05 -3.93 30.30
C LEU C 502 28.09 -4.14 29.20
N GLY C 503 29.26 -4.66 29.58
CA GLY C 503 30.29 -4.87 28.59
C GLY C 503 29.81 -5.75 27.46
N TRP C 504 29.13 -6.84 27.80
CA TRP C 504 28.63 -7.73 26.75
C TRP C 504 27.58 -7.02 25.91
N LEU C 505 26.70 -6.25 26.54
CA LEU C 505 25.76 -5.45 25.77
C LEU C 505 26.45 -4.47 24.85
N ASN C 506 27.62 -3.96 25.26
CA ASN C 506 28.38 -3.04 24.42
C ASN C 506 28.96 -3.71 23.19
N LEU C 507 28.93 -5.05 23.11
CA LEU C 507 29.29 -5.70 21.85
C LEU C 507 28.28 -5.36 20.76
N LEU C 508 27.10 -4.87 21.14
CA LEU C 508 26.11 -4.47 20.14
C LEU C 508 26.48 -3.16 19.46
N TYR C 509 27.53 -2.48 19.91
CA TYR C 509 28.03 -1.34 19.15
C TYR C 509 28.71 -1.81 17.88
N TYR C 510 29.52 -2.86 17.99
CA TYR C 510 30.37 -3.35 16.91
C TYR C 510 29.60 -4.28 15.99
N THR C 511 28.42 -3.85 15.54
CA THR C 511 27.63 -4.71 14.67
C THR C 511 27.07 -3.90 13.51
N ARG C 512 27.53 -2.65 13.38
CA ARG C 512 27.20 -1.81 12.23
C ARG C 512 28.30 -1.85 11.19
N GLY C 513 29.21 -2.81 11.30
CA GLY C 513 30.17 -3.04 10.24
C GLY C 513 29.54 -3.80 9.10
N PHE C 514 28.30 -4.24 9.31
CA PHE C 514 27.54 -4.98 8.32
C PHE C 514 26.15 -4.37 8.19
N GLN C 515 25.66 -4.31 6.95
CA GLN C 515 24.36 -3.67 6.70
C GLN C 515 23.23 -4.41 7.40
N HIS C 516 23.28 -5.73 7.39
CA HIS C 516 22.16 -6.54 7.84
C HIS C 516 21.96 -6.40 9.35
N THR C 517 22.97 -6.79 10.13
CA THR C 517 22.90 -6.65 11.58
C THR C 517 22.89 -5.18 12.00
N GLY C 518 23.56 -4.33 11.24
CA GLY C 518 23.58 -2.91 11.57
C GLY C 518 22.20 -2.28 11.50
N ILE C 519 21.45 -2.61 10.45
CA ILE C 519 20.07 -2.13 10.35
C ILE C 519 19.20 -2.79 11.41
N TYR C 520 19.47 -4.05 11.73
CA TYR C 520 18.71 -4.73 12.78
C TYR C 520 18.83 -3.99 14.10
N SER C 521 20.05 -3.56 14.46
CA SER C 521 20.26 -2.88 15.73
C SER C 521 19.51 -1.54 15.78
N VAL C 522 19.55 -0.81 14.67
CA VAL C 522 18.83 0.47 14.60
C VAL C 522 17.34 0.24 14.76
N MET C 523 16.80 -0.80 14.10
CA MET C 523 15.39 -1.12 14.26
C MET C 523 15.06 -1.48 15.69
N ILE C 524 15.94 -2.23 16.36
CA ILE C 524 15.73 -2.59 17.76
C ILE C 524 15.58 -1.34 18.61
N PHE C 525 16.50 -0.39 18.43
CA PHE C 525 16.46 0.82 19.25
C PHE C 525 15.26 1.69 18.92
N LYS C 526 14.87 1.75 17.64
CA LYS C 526 13.67 2.49 17.27
C LYS C 526 12.43 1.89 17.93
N VAL C 527 12.34 0.55 17.94
CA VAL C 527 11.20 -0.10 18.59
C VAL C 527 11.19 0.19 20.07
N ILE C 528 12.36 0.11 20.72
CA ILE C 528 12.45 0.42 22.15
C ILE C 528 11.95 1.83 22.43
N LEU C 529 12.42 2.80 21.66
CA LEU C 529 12.10 4.19 21.89
C LEU C 529 10.67 4.55 21.51
N ARG C 530 10.05 3.81 20.60
CA ARG C 530 8.74 4.20 20.07
C ARG C 530 7.60 3.43 20.72
N ASP C 531 7.69 2.11 20.85
CA ASP C 531 6.52 1.37 21.34
C ASP C 531 6.87 0.37 22.43
N LEU C 532 7.71 0.76 23.38
CA LEU C 532 7.94 -0.05 24.57
C LEU C 532 7.76 0.71 25.87
N LEU C 533 7.93 2.03 25.89
CA LEU C 533 7.76 2.79 27.12
C LEU C 533 6.28 2.97 27.44
N ARG C 534 5.44 3.13 26.42
CA ARG C 534 3.99 3.22 26.64
C ARG C 534 3.46 1.95 27.27
N PHE C 535 3.81 0.80 26.69
CA PHE C 535 3.37 -0.48 27.22
C PHE C 535 3.88 -0.67 28.63
N LEU C 536 5.13 -0.30 28.89
CA LEU C 536 5.70 -0.43 30.22
C LEU C 536 4.94 0.43 31.23
N LEU C 537 4.59 1.66 30.86
CA LEU C 537 3.87 2.54 31.76
C LEU C 537 2.50 1.97 32.11
N VAL C 538 1.74 1.58 31.08
CA VAL C 538 0.40 1.03 31.31
C VAL C 538 0.48 -0.26 32.12
N TYR C 539 1.43 -1.13 31.77
CA TYR C 539 1.67 -2.34 32.53
C TYR C 539 1.97 -2.07 33.99
N LEU C 540 2.86 -1.11 34.27
CA LEU C 540 3.23 -0.85 35.65
C LEU C 540 2.04 -0.35 36.44
N VAL C 541 1.23 0.53 35.85
CA VAL C 541 0.05 1.01 36.54
C VAL C 541 -0.90 -0.13 36.86
N PHE C 542 -1.21 -0.97 35.86
CA PHE C 542 -2.14 -2.07 36.08
C PHE C 542 -1.62 -3.04 37.12
N LEU C 543 -0.33 -3.40 37.02
CA LEU C 543 0.26 -4.38 37.93
C LEU C 543 0.25 -3.86 39.36
N PHE C 544 0.64 -2.60 39.56
CA PHE C 544 0.67 -2.06 40.91
C PHE C 544 -0.73 -2.02 41.51
N GLY C 545 -1.71 -1.56 40.72
CA GLY C 545 -3.07 -1.50 41.24
C GLY C 545 -3.61 -2.85 41.64
N PHE C 546 -3.46 -3.84 40.75
CA PHE C 546 -3.99 -5.17 41.04
C PHE C 546 -3.22 -5.85 42.17
N ALA C 547 -1.91 -5.64 42.25
CA ALA C 547 -1.12 -6.24 43.33
C ALA C 547 -1.52 -5.68 44.68
N VAL C 548 -1.70 -4.36 44.76
CA VAL C 548 -2.14 -3.76 46.02
C VAL C 548 -3.53 -4.27 46.39
N ALA C 549 -4.43 -4.38 45.42
CA ALA C 549 -5.76 -4.91 45.70
C ALA C 549 -5.70 -6.35 46.21
N LEU C 550 -4.87 -7.20 45.60
CA LEU C 550 -4.75 -8.58 46.04
C LEU C 550 -4.15 -8.68 47.43
N VAL C 551 -3.14 -7.86 47.74
CA VAL C 551 -2.55 -7.89 49.07
C VAL C 551 -3.56 -7.41 50.11
N SER C 552 -4.39 -6.42 49.76
CA SER C 552 -5.40 -5.95 50.70
C SER C 552 -6.37 -7.06 51.06
N LEU C 553 -6.80 -7.85 50.07
CA LEU C 553 -7.57 -9.05 50.33
C LEU C 553 -6.65 -10.19 50.73
N SER C 554 -7.17 -11.42 50.75
CA SER C 554 -6.38 -12.63 50.95
C SER C 554 -5.69 -12.68 52.31
N ARG C 555 -6.01 -11.77 53.22
CA ARG C 555 -5.53 -11.84 54.58
C ARG C 555 -6.64 -12.15 55.57
N GLU C 556 -7.87 -12.35 55.09
CA GLU C 556 -8.99 -12.72 55.94
C GLU C 556 -9.32 -14.19 55.71
N ALA C 557 -8.64 -15.04 56.49
CA ALA C 557 -8.78 -16.48 56.35
C ALA C 557 -10.17 -16.93 56.78
N ARG C 558 -10.67 -17.98 56.13
CA ARG C 558 -11.99 -18.51 56.45
C ARG C 558 -11.95 -19.36 57.72
N PRO C 582 3.24 -20.87 52.47
CA PRO C 582 2.46 -20.07 53.42
C PRO C 582 1.35 -19.26 52.75
N VAL C 583 0.97 -18.15 53.36
CA VAL C 583 -0.09 -17.30 52.84
C VAL C 583 0.39 -16.61 51.57
N PRO C 584 -0.34 -16.76 50.46
CA PRO C 584 0.06 -16.06 49.23
C PRO C 584 -0.28 -14.57 49.31
N TYR C 585 0.41 -13.80 48.48
CA TYR C 585 0.26 -12.35 48.43
C TYR C 585 0.47 -11.73 49.80
N GLY C 586 1.51 -12.20 50.49
CA GLY C 586 1.84 -11.68 51.80
C GLY C 586 2.22 -10.22 51.78
N GLY C 587 3.08 -9.85 50.82
CA GLY C 587 3.48 -8.48 50.64
C GLY C 587 3.27 -7.99 49.22
N ILE C 588 3.59 -6.72 49.01
CA ILE C 588 3.44 -6.13 47.68
C ILE C 588 4.42 -6.75 46.69
N LEU C 589 5.64 -7.04 47.12
CA LEU C 589 6.63 -7.64 46.23
C LEU C 589 6.18 -9.01 45.75
N ASP C 590 5.62 -9.82 46.65
CA ASP C 590 5.17 -11.16 46.26
C ASP C 590 4.05 -11.09 45.24
N ALA C 591 3.07 -10.20 45.46
CA ALA C 591 1.97 -10.08 44.52
C ALA C 591 2.45 -9.57 43.16
N SER C 592 3.36 -8.60 43.17
CA SER C 592 3.92 -8.10 41.92
C SER C 592 4.64 -9.21 41.17
N LEU C 593 5.41 -10.03 41.90
CA LEU C 593 6.12 -11.13 41.27
C LEU C 593 5.16 -12.16 40.69
N GLU C 594 4.06 -12.44 41.40
CA GLU C 594 3.07 -13.37 40.87
C GLU C 594 2.40 -12.85 39.61
N LEU C 595 2.07 -11.56 39.57
CA LEU C 595 1.48 -10.99 38.37
C LEU C 595 2.47 -11.02 37.20
N PHE C 596 3.74 -10.72 37.47
CA PHE C 596 4.74 -10.83 36.41
C PHE C 596 4.87 -12.28 35.94
N LYS C 597 4.64 -13.23 36.84
CA LYS C 597 4.72 -14.62 36.41
C LYS C 597 3.65 -14.88 35.35
N PHE C 598 2.54 -14.14 35.43
CA PHE C 598 1.43 -14.28 34.50
C PHE C 598 1.80 -13.92 33.07
N THR C 599 2.61 -12.89 32.89
CA THR C 599 3.02 -12.47 31.54
C THR C 599 4.14 -13.38 31.06
N ILE C 600 4.85 -13.98 31.99
CA ILE C 600 5.94 -14.87 31.66
C ILE C 600 5.40 -16.24 31.28
N GLY C 601 4.14 -16.53 31.61
CA GLY C 601 3.61 -17.82 31.26
C GLY C 601 3.62 -18.83 32.38
N MET C 602 3.88 -18.39 33.62
CA MET C 602 3.91 -19.28 34.77
C MET C 602 3.01 -18.79 35.90
N GLY C 603 1.89 -18.13 35.56
CA GLY C 603 1.00 -17.64 36.59
C GLY C 603 0.20 -18.77 37.21
N GLU C 604 0.09 -18.75 38.54
CA GLU C 604 -0.65 -19.77 39.28
C GLU C 604 -2.10 -19.30 39.43
N LEU C 605 -2.96 -19.77 38.55
CA LEU C 605 -4.37 -19.38 38.54
C LEU C 605 -5.20 -20.49 39.19
N ALA C 606 -5.13 -20.56 40.52
CA ALA C 606 -5.84 -21.57 41.27
C ALA C 606 -7.05 -20.95 41.97
N PHE C 607 -7.79 -21.79 42.68
CA PHE C 607 -8.98 -21.39 43.43
C PHE C 607 -8.65 -21.55 44.91
N GLN C 608 -8.10 -20.49 45.50
CA GLN C 608 -7.69 -20.53 46.90
C GLN C 608 -8.90 -20.75 47.80
N GLU C 609 -8.99 -21.92 48.42
CA GLU C 609 -10.11 -22.25 49.28
C GLU C 609 -9.86 -21.92 50.74
N GLN C 610 -8.64 -21.53 51.10
CA GLN C 610 -8.34 -21.21 52.50
C GLN C 610 -9.02 -19.91 52.92
N LEU C 611 -8.91 -18.88 52.08
CA LEU C 611 -9.42 -17.56 52.41
C LEU C 611 -10.92 -17.48 52.11
N ARG C 612 -11.57 -16.47 52.70
CA ARG C 612 -13.03 -16.37 52.70
C ARG C 612 -13.57 -15.66 51.46
N PHE C 613 -12.70 -15.03 50.69
CA PHE C 613 -13.11 -14.23 49.54
C PHE C 613 -12.63 -14.89 48.25
N ARG C 614 -12.84 -16.21 48.15
CA ARG C 614 -12.35 -17.00 47.03
C ARG C 614 -12.81 -16.43 45.70
N GLY C 615 -14.11 -16.21 45.57
CA GLY C 615 -14.69 -15.74 44.33
C GLY C 615 -14.18 -14.38 43.91
N VAL C 616 -14.07 -13.45 44.87
CA VAL C 616 -13.62 -12.11 44.55
C VAL C 616 -12.17 -12.14 44.05
N VAL C 617 -11.32 -12.90 44.74
CA VAL C 617 -9.92 -12.99 44.34
C VAL C 617 -9.80 -13.63 42.96
N LEU C 618 -10.56 -14.69 42.72
CA LEU C 618 -10.52 -15.37 41.43
C LEU C 618 -10.97 -14.44 40.31
N LEU C 619 -12.06 -13.70 40.53
CA LEU C 619 -12.54 -12.78 39.51
C LEU C 619 -11.55 -11.66 39.27
N LEU C 620 -10.91 -11.17 40.32
CA LEU C 620 -9.91 -10.11 40.17
C LEU C 620 -8.73 -10.61 39.33
N LEU C 621 -8.26 -11.83 39.63
CA LEU C 621 -7.16 -12.41 38.85
C LEU C 621 -7.56 -12.62 37.40
N LEU C 622 -8.77 -13.12 37.17
CA LEU C 622 -9.22 -13.35 35.80
C LEU C 622 -9.32 -12.04 35.03
N ALA C 623 -9.85 -11.00 35.68
CA ALA C 623 -9.96 -9.70 35.02
C ALA C 623 -8.58 -9.14 34.70
N TYR C 624 -7.64 -9.25 35.64
CA TYR C 624 -6.29 -8.78 35.38
C TYR C 624 -5.66 -9.51 34.22
N VAL C 625 -5.80 -10.84 34.19
CA VAL C 625 -5.19 -11.64 33.13
C VAL C 625 -5.79 -11.28 31.78
N LEU C 626 -7.12 -11.18 31.72
CA LEU C 626 -7.78 -10.84 30.47
C LEU C 626 -7.39 -9.44 30.00
N LEU C 627 -7.19 -8.53 30.95
CA LEU C 627 -6.91 -7.14 30.59
C LEU C 627 -5.48 -6.95 30.11
N THR C 628 -4.51 -7.61 30.75
CA THR C 628 -3.11 -7.31 30.49
C THR C 628 -2.38 -8.39 29.71
N TYR C 629 -3.00 -9.53 29.47
CA TYR C 629 -2.32 -10.62 28.77
C TYR C 629 -2.92 -10.91 27.40
N VAL C 630 -4.24 -11.05 27.31
CA VAL C 630 -4.91 -11.29 26.04
C VAL C 630 -4.84 -10.02 25.19
N LEU C 631 -5.08 -8.88 25.82
CA LEU C 631 -5.13 -7.61 25.11
C LEU C 631 -3.77 -6.96 24.93
N LEU C 632 -3.11 -6.63 26.04
CA LEU C 632 -1.99 -5.69 26.00
C LEU C 632 -0.77 -6.28 25.33
N LEU C 633 -0.42 -7.53 25.67
CA LEU C 633 0.77 -8.15 25.10
C LEU C 633 0.65 -8.37 23.60
N ASN C 634 -0.54 -8.72 23.10
CA ASN C 634 -0.71 -8.92 21.67
C ASN C 634 -0.77 -7.59 20.94
N MET C 635 -1.39 -6.59 21.57
CA MET C 635 -1.36 -5.25 20.99
C MET C 635 0.06 -4.74 20.88
N LEU C 636 0.94 -5.16 21.81
CA LEU C 636 2.36 -4.80 21.71
C LEU C 636 2.97 -5.35 20.42
N ILE C 637 2.66 -6.59 20.08
CA ILE C 637 3.19 -7.19 18.86
C ILE C 637 2.65 -6.46 17.64
N ALA C 638 1.37 -6.10 17.67
CA ALA C 638 0.80 -5.33 16.57
C ALA C 638 1.51 -3.99 16.40
N LEU C 639 1.77 -3.31 17.51
CA LEU C 639 2.47 -2.02 17.45
C LEU C 639 3.88 -2.18 16.93
N MET C 640 4.57 -3.25 17.32
CA MET C 640 5.92 -3.51 16.82
C MET C 640 5.91 -3.74 15.31
N SER C 641 4.92 -4.49 14.82
CA SER C 641 4.82 -4.70 13.38
C SER C 641 4.63 -3.38 12.64
N GLU C 642 3.72 -2.54 13.14
CA GLU C 642 3.51 -1.23 12.52
C GLU C 642 4.79 -0.40 12.55
N THR C 643 5.51 -0.41 13.68
CA THR C 643 6.73 0.37 13.81
C THR C 643 7.79 -0.08 12.81
N VAL C 644 7.98 -1.39 12.68
CA VAL C 644 9.01 -1.90 11.76
C VAL C 644 8.68 -1.49 10.33
N ASN C 645 7.41 -1.69 9.93
CA ASN C 645 7.00 -1.31 8.59
C ASN C 645 7.20 0.18 8.35
N SER C 646 6.95 1.00 9.36
CA SER C 646 7.14 2.43 9.20
C SER C 646 8.60 2.83 9.10
N VAL C 647 9.49 2.16 9.85
CA VAL C 647 10.83 2.70 10.05
C VAL C 647 11.89 2.16 9.10
N ALA C 648 11.69 0.99 8.48
CA ALA C 648 12.76 0.34 7.72
C ALA C 648 13.73 1.24 6.92
N THR C 649 13.19 2.10 6.05
CA THR C 649 14.06 2.90 5.18
C THR C 649 14.85 3.95 5.95
N ASP C 650 14.17 4.68 6.84
CA ASP C 650 14.87 5.64 7.68
C ASP C 650 15.92 4.94 8.54
N SER C 651 15.66 3.68 8.91
CA SER C 651 16.65 2.90 9.63
C SER C 651 17.88 2.66 8.77
N TRP C 652 17.69 2.36 7.48
CA TRP C 652 18.83 2.22 6.58
C TRP C 652 19.65 3.52 6.53
N SER C 653 18.97 4.65 6.39
CA SER C 653 19.67 5.93 6.33
C SER C 653 20.40 6.22 7.64
N ILE C 654 19.79 5.89 8.78
CA ILE C 654 20.42 6.09 10.07
C ILE C 654 21.66 5.22 10.22
N TRP C 655 21.60 3.99 9.69
CA TRP C 655 22.80 3.15 9.69
C TRP C 655 23.91 3.78 8.85
N LYS C 656 23.54 4.37 7.72
CA LYS C 656 24.54 5.06 6.90
C LYS C 656 25.19 6.19 7.68
N LEU C 657 24.38 6.98 8.39
CA LEU C 657 24.93 8.07 9.20
C LEU C 657 25.82 7.54 10.32
N GLN C 658 25.44 6.41 10.92
CA GLN C 658 26.24 5.81 11.97
C GLN C 658 27.61 5.39 11.43
N LYS C 659 27.62 4.80 10.23
CA LYS C 659 28.89 4.45 9.61
C LYS C 659 29.73 5.68 9.35
N ALA C 660 29.10 6.77 8.90
CA ALA C 660 29.82 8.01 8.65
C ALA C 660 30.46 8.54 9.93
N ILE C 661 29.71 8.53 11.03
CA ILE C 661 30.24 9.01 12.30
C ILE C 661 31.40 8.14 12.77
N SER C 662 31.25 6.82 12.63
CA SER C 662 32.33 5.91 13.01
C SER C 662 33.58 6.16 12.18
N VAL C 663 33.42 6.40 10.88
CA VAL C 663 34.57 6.70 10.03
C VAL C 663 35.26 7.98 10.48
N LEU C 664 34.47 9.02 10.75
CA LEU C 664 35.04 10.30 11.16
C LEU C 664 35.80 10.16 12.47
N GLU C 665 35.26 9.40 13.41
CA GLU C 665 35.96 9.18 14.67
C GLU C 665 37.22 8.35 14.47
N MET C 666 37.17 7.36 13.57
CA MET C 666 38.33 6.50 13.36
C MET C 666 39.48 7.25 12.69
N GLU C 667 39.16 8.19 11.80
CA GLU C 667 40.22 8.97 11.15
C GLU C 667 41.07 9.72 12.17
N ASN C 668 40.45 10.30 13.19
CA ASN C 668 41.18 10.87 14.31
C ASN C 668 41.72 9.73 15.17
N GLY C 669 42.98 9.82 15.52
CA GLY C 669 43.62 8.76 16.28
C GLY C 669 43.07 8.66 17.70
N TYR C 670 43.70 7.78 18.47
CA TYR C 670 43.33 7.63 19.86
C TYR C 670 43.83 8.83 20.67
N TRP C 671 43.44 8.86 21.94
CA TRP C 671 43.82 9.98 22.81
C TRP C 671 45.33 10.01 23.07
N TRP C 672 46.00 8.89 22.80
CA TRP C 672 47.44 8.81 22.98
C TRP C 672 48.22 8.85 21.68
N CYS C 673 47.65 8.38 20.57
CA CYS C 673 48.32 8.37 19.28
C CYS C 673 47.46 9.09 18.25
N ARG C 674 48.07 10.00 17.51
CA ARG C 674 47.38 10.75 16.47
C ARG C 674 47.67 10.14 15.11
N ARG C 675 46.62 9.90 14.33
CA ARG C 675 46.75 9.32 13.01
C ARG C 675 46.99 10.41 11.97
N LYS C 676 47.91 10.16 11.06
CA LYS C 676 48.19 11.11 9.99
C LYS C 676 46.97 11.22 9.08
N ARG C 677 46.69 12.44 8.61
CA ARG C 677 45.49 12.70 7.83
C ARG C 677 45.78 12.44 6.35
N HIS C 678 45.16 11.39 5.81
CA HIS C 678 45.36 10.99 4.42
C HIS C 678 44.34 11.74 3.58
N ARG C 679 44.81 12.66 2.73
CA ARG C 679 43.93 13.47 1.92
C ARG C 679 43.19 12.61 0.90
N ALA C 680 41.89 12.85 0.75
CA ALA C 680 41.07 12.12 -0.21
C ALA C 680 40.98 12.90 -1.50
N GLY C 681 40.88 12.17 -2.61
CA GLY C 681 40.83 12.76 -3.92
C GLY C 681 42.19 12.82 -4.57
N ARG C 682 42.28 13.62 -5.63
CA ARG C 682 43.52 13.74 -6.38
C ARG C 682 43.57 15.11 -7.03
N LEU C 683 44.78 15.65 -7.18
CA LEU C 683 44.96 16.90 -7.89
C LEU C 683 44.78 16.69 -9.39
N LEU C 684 43.91 17.49 -10.00
CA LEU C 684 43.62 17.34 -11.42
C LEU C 684 43.48 18.71 -12.06
N LYS C 685 43.89 18.80 -13.31
CA LYS C 685 43.78 20.02 -14.12
C LYS C 685 42.32 20.27 -14.46
N VAL C 686 41.77 21.37 -13.96
CA VAL C 686 40.36 21.67 -14.14
C VAL C 686 40.25 23.01 -14.86
N GLY C 687 41.27 23.36 -15.64
CA GLY C 687 41.26 24.57 -16.41
C GLY C 687 41.89 25.74 -15.68
N THR C 688 41.94 26.87 -16.37
CA THR C 688 42.57 28.07 -15.86
C THR C 688 41.53 28.97 -15.18
N LYS C 689 42.02 29.89 -14.35
CA LYS C 689 41.18 30.96 -13.83
C LYS C 689 41.10 32.07 -14.88
N GLY C 690 40.37 33.14 -14.56
CA GLY C 690 40.22 34.24 -15.49
C GLY C 690 41.29 35.29 -15.34
N ASP C 691 42.29 35.03 -14.49
CA ASP C 691 43.30 36.04 -14.23
C ASP C 691 44.69 35.63 -14.72
N GLY C 692 45.22 34.54 -14.18
CA GLY C 692 46.62 34.20 -14.40
C GLY C 692 46.95 32.73 -14.44
N ILE C 693 47.82 32.33 -13.51
CA ILE C 693 48.37 30.98 -13.38
C ILE C 693 47.21 29.99 -13.33
N PRO C 694 47.25 28.90 -14.10
CA PRO C 694 46.08 28.02 -14.20
C PRO C 694 45.63 27.39 -12.89
N ASP C 695 44.32 27.13 -12.79
CA ASP C 695 43.67 26.72 -11.56
C ASP C 695 43.86 25.22 -11.36
N GLU C 696 44.28 24.85 -10.15
CA GLU C 696 44.48 23.46 -9.79
C GLU C 696 43.74 23.18 -8.48
N ARG C 697 42.98 22.09 -8.45
CA ARG C 697 42.17 21.79 -7.28
C ARG C 697 42.04 20.29 -7.09
N TRP C 698 41.74 19.88 -5.86
CA TRP C 698 41.58 18.47 -5.51
C TRP C 698 40.17 18.02 -5.85
N CYS C 699 40.04 17.02 -6.71
CA CYS C 699 38.74 16.50 -7.10
C CYS C 699 38.60 15.04 -6.70
N PHE C 700 37.36 14.56 -6.71
CA PHE C 700 37.03 13.17 -6.39
C PHE C 700 36.42 12.57 -7.65
N ARG C 701 36.99 11.44 -8.09
CA ARG C 701 36.60 10.85 -9.36
C ARG C 701 35.58 9.75 -9.18
N VAL C 702 34.51 9.81 -9.97
CA VAL C 702 33.51 8.74 -9.96
C VAL C 702 33.05 8.44 -11.38
N GLU C 703 33.17 7.19 -11.79
CA GLU C 703 32.69 6.77 -13.10
C GLU C 703 31.25 6.30 -13.01
N GLU C 704 30.51 6.50 -14.09
CA GLU C 704 29.13 6.04 -14.15
C GLU C 704 28.74 5.75 -15.58
N VAL C 705 28.04 4.64 -15.80
CA VAL C 705 27.61 4.25 -17.14
C VAL C 705 26.16 4.71 -17.31
N ASN C 706 25.94 5.64 -18.24
CA ASN C 706 24.61 6.17 -18.50
C ASN C 706 24.29 6.01 -19.98
N TRP C 707 23.10 5.46 -20.25
CA TRP C 707 22.61 5.34 -21.62
C TRP C 707 21.53 6.34 -21.95
N ALA C 708 20.83 6.88 -20.96
CA ALA C 708 19.81 7.90 -21.20
C ALA C 708 20.45 9.27 -21.41
N ALA C 709 21.28 9.71 -20.46
CA ALA C 709 21.96 10.99 -20.59
C ALA C 709 22.91 11.02 -21.78
N TRP C 710 23.47 9.87 -22.16
CA TRP C 710 24.30 9.79 -23.35
C TRP C 710 23.52 10.00 -24.64
N GLU C 711 22.21 9.79 -24.61
CA GLU C 711 21.36 10.09 -25.76
C GLU C 711 21.13 11.58 -25.97
N LYS C 712 21.21 12.38 -24.91
CA LYS C 712 20.91 13.80 -24.98
C LYS C 712 22.12 14.64 -25.36
N THR C 713 23.17 14.02 -25.89
CA THR C 713 24.36 14.75 -26.33
C THR C 713 24.75 14.41 -27.77
N LEU C 714 23.90 13.67 -28.47
CA LEU C 714 24.18 13.29 -29.86
C LEU C 714 23.28 14.04 -30.82
N PRO D 67 63.13 26.98 -41.17
CA PRO D 67 61.85 26.34 -41.46
C PRO D 67 62.00 24.88 -41.87
N ASN D 68 63.23 24.47 -42.17
CA ASN D 68 63.49 23.07 -42.54
C ASN D 68 63.45 22.16 -41.32
N ARG D 69 63.85 22.67 -40.15
CA ARG D 69 63.90 21.86 -38.94
C ARG D 69 62.49 21.50 -38.49
N PHE D 70 62.24 20.20 -38.34
CA PHE D 70 60.91 19.68 -38.04
C PHE D 70 60.99 18.72 -36.86
N ASP D 71 59.93 18.71 -36.05
CA ASP D 71 59.88 17.86 -34.87
C ASP D 71 58.44 17.52 -34.51
N ARG D 72 58.29 16.71 -33.46
CA ARG D 72 56.99 16.24 -33.05
C ARG D 72 56.09 17.38 -32.58
N ASP D 73 56.63 18.27 -31.75
CA ASP D 73 55.80 19.27 -31.10
C ASP D 73 55.20 20.24 -32.12
N ARG D 74 56.02 20.69 -33.07
CA ARG D 74 55.54 21.62 -34.09
C ARG D 74 54.40 21.00 -34.87
N LEU D 75 54.62 19.78 -35.36
CA LEU D 75 53.65 19.12 -36.23
C LEU D 75 52.36 18.82 -35.47
N PHE D 76 52.48 18.38 -34.22
CA PHE D 76 51.30 18.12 -33.41
C PHE D 76 50.51 19.40 -33.19
N SER D 77 51.19 20.51 -32.90
CA SER D 77 50.48 21.77 -32.74
C SER D 77 49.81 22.18 -34.05
N VAL D 78 50.50 22.00 -35.18
CA VAL D 78 49.97 22.40 -36.47
C VAL D 78 48.71 21.61 -36.81
N VAL D 79 48.75 20.29 -36.62
CA VAL D 79 47.57 19.49 -36.91
C VAL D 79 46.47 19.72 -35.88
N SER D 80 46.82 20.15 -34.66
CA SER D 80 45.80 20.52 -33.69
C SER D 80 45.05 21.77 -34.14
N ARG D 81 45.78 22.78 -34.62
CA ARG D 81 45.11 24.00 -35.08
C ARG D 81 44.21 23.72 -36.27
N GLY D 82 44.67 22.92 -37.23
CA GLY D 82 43.88 22.60 -38.39
C GLY D 82 44.07 23.55 -39.55
N VAL D 83 45.30 23.98 -39.78
CA VAL D 83 45.63 24.88 -40.88
C VAL D 83 46.52 24.15 -41.90
N PRO D 84 46.06 23.98 -43.13
CA PRO D 84 46.83 23.19 -44.11
C PRO D 84 48.02 23.92 -44.70
N GLU D 85 48.03 25.25 -44.61
CA GLU D 85 49.10 26.03 -45.22
C GLU D 85 50.44 25.81 -44.56
N GLU D 86 50.46 25.37 -43.30
CA GLU D 86 51.70 25.14 -42.58
C GLU D 86 52.26 23.74 -42.82
N LEU D 87 51.55 22.89 -43.56
CA LEU D 87 52.02 21.54 -43.83
C LEU D 87 53.11 21.49 -44.90
N THR D 88 53.31 22.58 -45.63
CA THR D 88 54.30 22.60 -46.69
C THR D 88 55.71 22.53 -46.11
N GLY D 89 56.55 21.69 -46.71
CA GLY D 89 57.91 21.55 -46.26
C GLY D 89 58.25 20.14 -45.82
N LEU D 90 57.23 19.39 -45.40
CA LEU D 90 57.44 18.02 -44.95
C LEU D 90 58.01 17.14 -46.05
N LEU D 91 57.59 17.40 -47.30
CA LEU D 91 58.04 16.58 -48.42
C LEU D 91 59.57 16.59 -48.52
N GLU D 92 60.15 17.78 -48.56
CA GLU D 92 61.59 17.90 -48.72
C GLU D 92 62.34 17.31 -47.53
N TYR D 93 61.85 17.56 -46.32
CA TYR D 93 62.55 17.06 -45.14
C TYR D 93 62.53 15.54 -45.10
N LEU D 94 61.36 14.93 -45.38
CA LEU D 94 61.26 13.49 -45.36
C LEU D 94 62.03 12.84 -46.51
N ARG D 95 62.08 13.47 -47.67
CA ARG D 95 62.84 12.93 -48.79
C ARG D 95 64.33 13.17 -48.67
N ARG D 96 64.76 14.12 -47.84
CA ARG D 96 66.18 14.33 -47.60
C ARG D 96 66.71 13.52 -46.43
N THR D 97 65.85 13.17 -45.47
CA THR D 97 66.24 12.28 -44.38
C THR D 97 65.90 10.83 -44.65
N SER D 98 65.10 10.55 -45.68
CA SER D 98 64.71 9.19 -46.04
C SER D 98 64.12 8.46 -44.83
N LYS D 99 63.33 9.19 -44.05
CA LYS D 99 62.76 8.68 -42.80
C LYS D 99 61.24 8.82 -42.87
N TYR D 100 60.54 7.71 -42.64
CA TYR D 100 59.09 7.70 -42.77
C TYR D 100 58.44 8.24 -41.51
N LEU D 101 57.27 8.85 -41.69
CA LEU D 101 56.53 9.44 -40.58
C LEU D 101 56.04 8.35 -39.63
N THR D 102 55.88 7.13 -40.16
CA THR D 102 55.44 6.00 -39.36
C THR D 102 56.46 5.55 -38.34
N ASP D 103 57.69 6.06 -38.41
CA ASP D 103 58.73 5.63 -37.49
C ASP D 103 58.39 6.03 -36.06
N SER D 104 58.98 5.32 -35.10
CA SER D 104 58.71 5.56 -33.68
C SER D 104 59.16 6.97 -33.27
N ALA D 105 60.01 7.59 -34.07
CA ALA D 105 60.53 8.92 -33.76
C ALA D 105 59.44 9.97 -33.73
N TYR D 106 58.53 9.94 -34.72
CA TYR D 106 57.50 10.97 -34.83
C TYR D 106 56.25 10.62 -34.05
N THR D 107 56.23 9.45 -33.39
CA THR D 107 55.11 9.06 -32.56
C THR D 107 55.50 9.18 -31.10
N GLU D 108 54.50 9.37 -30.25
CA GLU D 108 54.74 9.50 -28.83
C GLU D 108 55.29 8.19 -28.27
N GLY D 109 56.38 8.28 -27.51
CA GLY D 109 57.06 7.07 -27.07
C GLY D 109 56.24 6.23 -26.11
N SER D 110 55.42 6.86 -25.28
CA SER D 110 54.70 6.15 -24.24
C SER D 110 53.52 5.36 -24.81
N THR D 111 52.54 6.06 -25.38
CA THR D 111 51.33 5.41 -25.85
C THR D 111 51.46 4.94 -27.30
N GLY D 112 52.03 5.77 -28.17
CA GLY D 112 52.16 5.42 -29.57
C GLY D 112 51.27 6.26 -30.46
N LYS D 113 50.67 7.30 -29.88
CA LYS D 113 49.76 8.16 -30.62
C LYS D 113 50.44 8.80 -31.82
N THR D 114 49.76 8.83 -32.94
CA THR D 114 50.29 9.41 -34.16
C THR D 114 49.58 10.70 -34.52
N CYS D 115 49.96 11.27 -35.67
CA CYS D 115 49.47 12.58 -36.05
C CYS D 115 47.97 12.57 -36.35
N LEU D 116 47.48 11.50 -37.00
CA LEU D 116 46.06 11.42 -37.30
C LEU D 116 45.21 11.43 -36.05
N MET D 117 45.63 10.68 -35.02
CA MET D 117 44.87 10.63 -33.78
C MET D 117 44.78 12.02 -33.16
N LYS D 118 45.90 12.75 -33.15
CA LYS D 118 45.88 14.12 -32.64
C LYS D 118 44.95 15.00 -33.47
N ALA D 119 44.96 14.81 -34.79
CA ALA D 119 44.11 15.61 -35.67
C ALA D 119 42.63 15.37 -35.40
N VAL D 120 42.24 14.11 -35.17
CA VAL D 120 40.82 13.78 -35.10
C VAL D 120 40.25 14.10 -33.71
N LEU D 121 41.06 13.95 -32.66
CA LEU D 121 40.56 14.19 -31.31
C LEU D 121 40.08 15.62 -31.12
N ASN D 122 40.59 16.54 -31.93
CA ASN D 122 40.14 17.93 -31.86
C ASN D 122 39.65 18.41 -33.22
N LEU D 123 38.33 18.41 -33.38
CA LEU D 123 37.69 18.74 -34.64
C LEU D 123 36.71 19.89 -34.42
N GLN D 124 36.77 20.88 -35.32
CA GLN D 124 35.96 22.09 -35.18
C GLN D 124 34.62 21.95 -35.89
N ASP D 125 33.60 21.47 -35.19
CA ASP D 125 32.28 21.24 -35.77
C ASP D 125 32.37 20.28 -36.96
N GLY D 126 33.28 19.33 -36.87
CA GLY D 126 33.41 18.28 -37.87
C GLY D 126 34.19 18.65 -39.11
N VAL D 127 35.31 19.35 -38.94
CA VAL D 127 36.21 19.65 -40.06
C VAL D 127 37.64 19.61 -39.52
N ASN D 128 38.54 19.05 -40.33
CA ASN D 128 39.97 19.13 -40.10
C ASN D 128 40.68 19.08 -41.44
N ALA D 129 40.98 20.25 -42.01
CA ALA D 129 41.49 20.32 -43.37
C ALA D 129 42.89 19.73 -43.50
N CYS D 130 43.59 19.48 -42.38
CA CYS D 130 44.94 18.94 -42.48
C CYS D 130 44.93 17.46 -42.82
N ILE D 131 43.82 16.76 -42.55
CA ILE D 131 43.76 15.31 -42.66
C ILE D 131 44.04 14.85 -44.09
N LEU D 132 43.36 15.44 -45.06
CA LEU D 132 43.53 14.96 -46.43
C LEU D 132 44.95 15.19 -46.92
N PRO D 133 45.52 16.41 -46.81
CA PRO D 133 46.93 16.58 -47.22
C PRO D 133 47.87 15.66 -46.47
N LEU D 134 47.58 15.38 -45.20
CA LEU D 134 48.37 14.42 -44.45
C LEU D 134 48.28 13.04 -45.11
N LEU D 135 47.10 12.68 -45.61
CA LEU D 135 46.96 11.41 -46.30
C LEU D 135 47.76 11.36 -47.61
N GLN D 136 47.74 12.46 -48.40
CA GLN D 136 48.59 12.41 -49.60
C GLN D 136 50.07 12.35 -49.25
N ILE D 137 50.54 13.16 -48.31
CA ILE D 137 51.96 13.09 -47.94
C ILE D 137 52.26 11.76 -47.25
N ASP D 138 51.24 11.03 -46.84
CA ASP D 138 51.41 9.67 -46.35
C ASP D 138 51.66 8.69 -47.48
N ARG D 139 50.69 8.55 -48.39
CA ARG D 139 50.78 7.42 -49.33
C ARG D 139 51.70 7.75 -50.50
N ASP D 140 52.08 9.01 -50.66
CA ASP D 140 53.03 9.34 -51.71
C ASP D 140 54.41 8.74 -51.43
N SER D 141 54.81 8.69 -50.16
CA SER D 141 56.06 8.09 -49.71
C SER D 141 55.82 7.51 -48.33
N GLY D 142 55.54 6.21 -48.28
CA GLY D 142 55.23 5.55 -47.02
C GLY D 142 55.65 4.09 -47.04
N ASN D 143 55.49 3.45 -45.89
CA ASN D 143 55.83 2.05 -45.68
C ASN D 143 54.66 1.21 -46.18
N PRO D 144 54.85 -0.09 -46.44
CA PRO D 144 53.71 -0.92 -46.91
C PRO D 144 52.45 -0.85 -46.05
N GLN D 145 52.52 -0.30 -44.84
CA GLN D 145 51.32 -0.06 -44.05
C GLN D 145 51.29 1.42 -43.66
N PRO D 146 51.00 2.31 -44.61
CA PRO D 146 51.28 3.73 -44.38
C PRO D 146 50.33 4.41 -43.41
N LEU D 147 50.80 4.57 -42.17
CA LEU D 147 50.28 5.49 -41.15
C LEU D 147 48.75 5.45 -41.03
N VAL D 148 48.13 4.36 -41.46
CA VAL D 148 46.69 4.20 -41.32
C VAL D 148 46.43 2.82 -40.75
N ASN D 149 47.43 1.95 -40.82
CA ASN D 149 47.33 0.62 -40.25
C ASN D 149 48.13 0.55 -38.95
N ALA D 150 48.61 1.70 -38.49
CA ALA D 150 49.40 1.80 -37.27
C ALA D 150 48.51 2.29 -36.13
N GLN D 151 48.58 1.58 -35.00
CA GLN D 151 47.78 1.91 -33.83
C GLN D 151 48.65 2.12 -32.60
N CYS D 152 48.03 2.33 -31.45
CA CYS D 152 48.76 2.57 -30.21
C CYS D 152 49.47 1.30 -29.75
N THR D 153 50.51 1.49 -28.95
CA THR D 153 51.31 0.36 -28.45
C THR D 153 51.27 0.19 -26.94
N ASP D 154 50.75 1.14 -26.17
CA ASP D 154 50.67 0.97 -24.73
C ASP D 154 49.68 -0.13 -24.38
N GLU D 155 49.87 -0.73 -23.20
CA GLU D 155 49.02 -1.83 -22.78
C GLU D 155 47.57 -1.39 -22.60
N PHE D 156 47.37 -0.16 -22.15
CA PHE D 156 46.01 0.30 -21.83
C PHE D 156 45.19 0.54 -23.10
N TYR D 157 45.79 1.18 -24.10
CA TYR D 157 45.14 1.42 -25.39
C TYR D 157 45.73 0.57 -26.51
N ARG D 158 46.10 -0.67 -26.23
CA ARG D 158 46.69 -1.52 -27.26
C ARG D 158 45.67 -1.82 -28.35
N GLY D 159 46.06 -1.60 -29.60
CA GLY D 159 45.25 -1.90 -30.76
C GLY D 159 44.39 -0.75 -31.24
N HIS D 160 44.21 0.27 -30.40
CA HIS D 160 43.32 1.38 -30.73
C HIS D 160 43.87 2.21 -31.89
N SER D 161 43.13 2.24 -33.00
CA SER D 161 43.57 2.94 -34.19
C SER D 161 42.79 4.25 -34.38
N ALA D 162 43.12 4.95 -35.47
CA ALA D 162 42.49 6.24 -35.73
C ALA D 162 41.04 6.09 -36.15
N LEU D 163 40.72 4.99 -36.82
CA LEU D 163 39.34 4.77 -37.27
C LEU D 163 38.41 4.57 -36.08
N HIS D 164 38.92 3.96 -35.00
CA HIS D 164 38.14 3.88 -33.77
C HIS D 164 37.85 5.26 -33.21
N ILE D 165 38.83 6.16 -33.26
CA ILE D 165 38.59 7.54 -32.83
C ILE D 165 37.54 8.18 -33.71
N ALA D 166 37.63 7.97 -35.03
CA ALA D 166 36.68 8.58 -35.95
C ALA D 166 35.25 8.11 -35.65
N ILE D 167 35.08 6.82 -35.40
CA ILE D 167 33.76 6.31 -35.00
C ILE D 167 33.32 6.88 -33.67
N GLU D 168 34.22 6.94 -32.69
CA GLU D 168 33.91 7.46 -31.36
C GLU D 168 33.46 8.92 -31.39
N LYS D 169 34.09 9.75 -32.23
CA LYS D 169 33.74 11.16 -32.32
C LYS D 169 32.45 11.39 -33.10
N ARG D 170 31.81 10.33 -33.58
CA ARG D 170 30.54 10.42 -34.31
C ARG D 170 30.65 11.34 -35.52
N SER D 171 31.69 11.09 -36.30
CA SER D 171 31.95 11.89 -37.50
C SER D 171 32.13 10.94 -38.68
N LEU D 172 31.13 10.91 -39.55
CA LEU D 172 31.13 10.00 -40.69
C LEU D 172 32.09 10.46 -41.80
N TRP D 173 32.34 11.76 -41.91
CA TRP D 173 33.20 12.26 -42.98
C TRP D 173 34.63 11.74 -42.85
N CYS D 174 35.20 11.84 -41.65
CA CYS D 174 36.55 11.35 -41.45
C CYS D 174 36.60 9.83 -41.55
N VAL D 175 35.50 9.15 -41.20
CA VAL D 175 35.41 7.71 -41.42
C VAL D 175 35.55 7.40 -42.90
N LYS D 176 34.83 8.15 -43.73
CA LYS D 176 34.93 7.99 -45.17
C LYS D 176 36.35 8.25 -45.65
N LEU D 177 36.96 9.33 -45.15
CA LEU D 177 38.31 9.68 -45.59
C LEU D 177 39.30 8.57 -45.25
N LEU D 178 39.18 8.01 -44.04
CA LEU D 178 40.10 6.94 -43.64
C LEU D 178 39.87 5.67 -44.45
N VAL D 179 38.60 5.30 -44.69
CA VAL D 179 38.36 4.05 -45.41
C VAL D 179 38.62 4.16 -46.90
N GLU D 180 38.50 5.36 -47.49
CA GLU D 180 38.70 5.53 -48.92
C GLU D 180 40.15 5.54 -49.34
N ASN D 181 41.08 5.67 -48.38
CA ASN D 181 42.51 5.61 -48.67
C ASN D 181 43.14 4.32 -48.17
N GLY D 182 42.34 3.31 -47.82
CA GLY D 182 42.85 2.07 -47.30
C GLY D 182 42.88 2.05 -45.79
N ALA D 183 42.09 1.17 -45.19
CA ALA D 183 42.04 1.07 -43.73
C ALA D 183 41.48 -0.30 -43.37
N ASN D 184 42.27 -1.09 -42.63
CA ASN D 184 41.79 -2.37 -42.13
C ASN D 184 40.59 -2.13 -41.24
N VAL D 185 39.47 -2.77 -41.54
CA VAL D 185 38.21 -2.52 -40.85
C VAL D 185 38.09 -3.52 -39.70
N HIS D 186 39.10 -4.38 -39.55
CA HIS D 186 39.05 -5.37 -38.49
C HIS D 186 39.71 -4.86 -37.21
N ILE D 187 41.02 -4.57 -37.27
CA ILE D 187 41.80 -3.93 -36.22
C ILE D 187 41.30 -4.31 -34.82
N ARG D 188 41.66 -5.51 -34.36
CA ARG D 188 41.22 -5.95 -33.04
C ARG D 188 41.95 -5.19 -31.94
N ALA D 189 41.26 -4.21 -31.33
CA ALA D 189 41.87 -3.42 -30.26
C ALA D 189 41.94 -4.23 -28.98
N CYS D 190 43.06 -4.92 -28.76
CA CYS D 190 43.25 -5.79 -27.60
C CYS D 190 43.93 -5.02 -26.48
N GLY D 191 43.22 -4.00 -26.01
CA GLY D 191 43.72 -3.13 -24.94
C GLY D 191 43.07 -3.47 -23.61
N ARG D 192 43.74 -3.08 -22.52
CA ARG D 192 43.21 -3.31 -21.19
C ARG D 192 41.90 -2.57 -20.97
N PHE D 193 41.75 -1.38 -21.55
CA PHE D 193 40.53 -0.61 -21.41
C PHE D 193 39.37 -1.16 -22.23
N PHE D 194 39.66 -1.84 -23.33
CA PHE D 194 38.62 -2.39 -24.19
C PHE D 194 38.15 -3.77 -23.77
N GLN D 195 38.83 -4.40 -22.81
CA GLN D 195 38.38 -5.67 -22.27
C GLN D 195 37.34 -5.44 -21.19
N LYS D 196 36.64 -6.51 -20.81
CA LYS D 196 35.63 -6.45 -19.76
C LYS D 196 36.22 -7.00 -18.47
N HIS D 197 36.36 -6.14 -17.47
CA HIS D 197 36.94 -6.50 -16.19
C HIS D 197 36.47 -5.48 -15.16
N GLN D 198 37.10 -5.49 -13.99
CA GLN D 198 36.76 -4.55 -12.92
C GLN D 198 37.64 -3.31 -13.06
N GLY D 199 37.01 -2.15 -12.97
CA GLY D 199 37.69 -0.88 -13.12
C GLY D 199 37.21 -0.13 -14.35
N THR D 200 38.03 0.83 -14.78
CA THR D 200 37.71 1.62 -15.96
C THR D 200 37.82 0.76 -17.23
N CYS D 201 36.72 0.61 -17.95
CA CYS D 201 36.69 -0.21 -19.15
C CYS D 201 35.35 0.02 -19.85
N PHE D 202 35.32 -0.36 -21.13
CA PHE D 202 34.06 -0.36 -21.90
C PHE D 202 34.23 -1.40 -23.00
N TYR D 203 33.63 -2.58 -22.79
CA TYR D 203 33.69 -3.64 -23.78
C TYR D 203 32.65 -3.39 -24.87
N PHE D 204 33.11 -3.40 -26.12
CA PHE D 204 32.23 -3.16 -27.26
C PHE D 204 32.50 -4.13 -28.40
N GLY D 205 33.20 -5.23 -28.14
CA GLY D 205 33.56 -6.17 -29.18
C GLY D 205 34.86 -5.88 -29.88
N GLU D 206 35.58 -4.84 -29.47
CA GLU D 206 36.90 -4.46 -30.01
C GLU D 206 36.95 -4.58 -31.53
N LEU D 207 35.90 -4.10 -32.18
CA LEU D 207 35.77 -4.16 -33.62
C LEU D 207 35.05 -2.90 -34.08
N PRO D 208 35.53 -2.24 -35.14
CA PRO D 208 34.91 -0.98 -35.57
C PRO D 208 33.43 -1.11 -35.91
N LEU D 209 33.04 -2.21 -36.56
CA LEU D 209 31.62 -2.43 -36.83
C LEU D 209 30.85 -2.60 -35.53
N SER D 210 31.40 -3.38 -34.59
CA SER D 210 30.76 -3.57 -33.30
C SER D 210 30.71 -2.26 -32.52
N LEU D 211 31.78 -1.46 -32.61
CA LEU D 211 31.79 -0.16 -31.93
C LEU D 211 30.69 0.74 -32.48
N ALA D 212 30.56 0.81 -33.81
CA ALA D 212 29.53 1.64 -34.41
C ALA D 212 28.13 1.15 -34.04
N ALA D 213 27.94 -0.17 -34.03
CA ALA D 213 26.64 -0.72 -33.64
C ALA D 213 26.33 -0.39 -32.18
N CYS D 214 27.32 -0.50 -31.30
CA CYS D 214 27.11 -0.26 -29.87
C CYS D 214 26.87 1.21 -29.55
N THR D 215 27.49 2.14 -30.28
CA THR D 215 27.31 3.56 -30.02
C THR D 215 26.12 4.15 -30.76
N LYS D 216 25.22 3.29 -31.24
CA LYS D 216 23.99 3.71 -31.94
C LYS D 216 24.31 4.66 -33.10
N GLN D 217 25.07 4.14 -34.06
CA GLN D 217 25.44 4.90 -35.25
C GLN D 217 25.09 4.04 -36.46
N TRP D 218 23.83 4.13 -36.89
CA TRP D 218 23.37 3.31 -38.01
C TRP D 218 23.96 3.75 -39.33
N ASP D 219 24.19 5.06 -39.52
CA ASP D 219 24.79 5.53 -40.77
C ASP D 219 26.22 5.01 -40.93
N VAL D 220 26.98 4.98 -39.83
CA VAL D 220 28.34 4.45 -39.89
C VAL D 220 28.33 2.97 -40.26
N VAL D 221 27.44 2.22 -39.62
CA VAL D 221 27.33 0.79 -39.93
C VAL D 221 26.94 0.59 -41.39
N THR D 222 25.96 1.35 -41.86
CA THR D 222 25.51 1.24 -43.24
C THR D 222 26.65 1.52 -44.21
N TYR D 223 27.42 2.59 -43.96
CA TYR D 223 28.54 2.90 -44.83
C TYR D 223 29.61 1.82 -44.78
N LEU D 224 29.85 1.26 -43.59
CA LEU D 224 30.87 0.23 -43.46
C LEU D 224 30.48 -1.07 -44.16
N LEU D 225 29.18 -1.36 -44.28
CA LEU D 225 28.77 -2.64 -44.84
C LEU D 225 28.81 -2.70 -46.36
N GLU D 226 28.75 -1.57 -47.07
CA GLU D 226 28.88 -1.58 -48.52
C GLU D 226 29.88 -0.56 -49.04
N ASN D 227 31.03 -0.42 -48.39
CA ASN D 227 32.09 0.39 -48.97
C ASN D 227 32.64 -0.30 -50.22
N PRO D 228 32.64 0.36 -51.38
CA PRO D 228 33.05 -0.34 -52.61
C PRO D 228 34.54 -0.64 -52.68
N HIS D 229 35.38 0.04 -51.90
CA HIS D 229 36.83 -0.17 -51.94
C HIS D 229 37.18 -1.59 -51.50
N GLN D 230 36.81 -1.95 -50.28
CA GLN D 230 36.94 -3.33 -49.80
C GLN D 230 35.86 -3.58 -48.75
N PRO D 231 34.97 -4.54 -49.00
CA PRO D 231 33.83 -4.76 -48.09
C PRO D 231 34.24 -5.14 -46.68
N ALA D 232 33.47 -4.67 -45.69
CA ALA D 232 33.63 -5.13 -44.33
C ALA D 232 32.76 -6.36 -44.09
N SER D 233 33.26 -7.25 -43.24
CA SER D 233 32.55 -8.49 -42.95
C SER D 233 31.54 -8.27 -41.84
N LEU D 234 30.63 -9.23 -41.68
CA LEU D 234 29.62 -9.15 -40.62
C LEU D 234 29.69 -10.31 -39.64
N GLU D 235 30.26 -11.45 -40.02
CA GLU D 235 30.49 -12.57 -39.12
C GLU D 235 31.93 -12.60 -38.62
N ALA D 236 32.58 -11.44 -38.64
CA ALA D 236 33.94 -11.31 -38.16
C ALA D 236 33.97 -11.39 -36.64
N THR D 237 34.97 -12.09 -36.11
CA THR D 237 35.09 -12.34 -34.69
C THR D 237 36.31 -11.61 -34.11
N ASP D 238 36.29 -11.44 -32.80
CA ASP D 238 37.39 -10.82 -32.08
C ASP D 238 38.21 -11.89 -31.36
N SER D 239 39.16 -11.45 -30.54
CA SER D 239 40.00 -12.39 -29.80
C SER D 239 39.18 -13.22 -28.83
N LEU D 240 38.21 -12.59 -28.16
CA LEU D 240 37.37 -13.31 -27.21
C LEU D 240 36.46 -14.32 -27.91
N GLY D 241 36.29 -14.18 -29.22
CA GLY D 241 35.43 -15.05 -29.99
C GLY D 241 34.06 -14.48 -30.28
N ASN D 242 33.73 -13.33 -29.71
CA ASN D 242 32.42 -12.72 -29.89
C ASN D 242 32.30 -12.09 -31.28
N THR D 243 31.06 -11.91 -31.72
CA THR D 243 30.75 -11.19 -32.94
C THR D 243 29.91 -9.97 -32.57
N VAL D 244 29.43 -9.25 -33.58
CA VAL D 244 28.69 -8.01 -33.33
C VAL D 244 27.44 -8.27 -32.50
N LEU D 245 26.72 -9.35 -32.78
CA LEU D 245 25.55 -9.70 -31.99
C LEU D 245 25.93 -10.11 -30.56
N HIS D 246 27.02 -10.85 -30.42
CA HIS D 246 27.52 -11.18 -29.09
C HIS D 246 27.90 -9.92 -28.32
N ALA D 247 28.53 -8.96 -29.00
CA ALA D 247 28.86 -7.70 -28.35
C ALA D 247 27.61 -6.95 -27.92
N LEU D 248 26.59 -6.92 -28.80
CA LEU D 248 25.35 -6.24 -28.47
C LEU D 248 24.69 -6.85 -27.24
N VAL D 249 24.65 -8.18 -27.17
CA VAL D 249 24.05 -8.82 -25.99
C VAL D 249 24.93 -8.72 -24.77
N MET D 250 26.25 -8.56 -24.94
CA MET D 250 27.15 -8.40 -23.80
C MET D 250 27.12 -7.01 -23.20
N ILE D 251 26.83 -5.98 -24.00
CA ILE D 251 26.67 -4.63 -23.47
C ILE D 251 25.26 -4.37 -22.96
N ALA D 252 24.33 -5.29 -23.16
CA ALA D 252 22.94 -5.04 -22.82
C ALA D 252 22.78 -4.87 -21.31
N ASP D 253 21.83 -4.03 -20.92
CA ASP D 253 21.46 -3.83 -19.53
C ASP D 253 19.94 -3.90 -19.42
N ASN D 254 19.45 -4.01 -18.19
CA ASN D 254 18.02 -4.17 -17.95
C ASN D 254 17.29 -2.84 -17.89
N SER D 255 18.00 -1.73 -18.07
CA SER D 255 17.36 -0.42 -18.18
C SER D 255 16.63 -0.31 -19.51
N PRO D 256 15.47 0.35 -19.52
CA PRO D 256 14.68 0.44 -20.77
C PRO D 256 15.42 1.13 -21.90
N GLU D 257 16.19 2.17 -21.58
CA GLU D 257 16.89 2.93 -22.62
C GLU D 257 17.94 2.07 -23.32
N ASN D 258 18.68 1.26 -22.57
CA ASN D 258 19.66 0.38 -23.19
C ASN D 258 18.98 -0.78 -23.90
N SER D 259 17.91 -1.32 -23.32
CA SER D 259 17.23 -2.48 -23.90
C SER D 259 16.64 -2.13 -25.27
N ALA D 260 16.00 -0.95 -25.37
CA ALA D 260 15.42 -0.55 -26.65
C ALA D 260 16.49 -0.40 -27.72
N LEU D 261 17.60 0.24 -27.37
CA LEU D 261 18.70 0.42 -28.31
C LEU D 261 19.24 -0.94 -28.76
N VAL D 262 19.46 -1.84 -27.82
CA VAL D 262 20.03 -3.15 -28.14
C VAL D 262 19.09 -3.92 -29.05
N ILE D 263 17.79 -3.89 -28.73
CA ILE D 263 16.80 -4.63 -29.52
C ILE D 263 16.75 -4.09 -30.94
N HIS D 264 16.70 -2.76 -31.07
CA HIS D 264 16.61 -2.14 -32.39
C HIS D 264 17.84 -2.46 -33.23
N MET D 265 19.04 -2.33 -32.63
CA MET D 265 20.26 -2.63 -33.36
C MET D 265 20.32 -4.09 -33.75
N TYR D 266 19.90 -4.99 -32.86
CA TYR D 266 19.90 -6.42 -33.14
C TYR D 266 19.00 -6.73 -34.34
N ASP D 267 17.77 -6.22 -34.33
CA ASP D 267 16.84 -6.50 -35.42
C ASP D 267 17.36 -5.92 -36.74
N SER D 268 17.87 -4.68 -36.70
CA SER D 268 18.36 -4.05 -37.92
C SER D 268 19.55 -4.81 -38.48
N LEU D 269 20.46 -5.26 -37.62
CA LEU D 269 21.61 -6.01 -38.07
C LEU D 269 21.21 -7.36 -38.64
N LEU D 270 20.21 -8.00 -38.03
CA LEU D 270 19.72 -9.28 -38.55
C LEU D 270 19.16 -9.13 -39.96
N GLN D 271 18.30 -8.12 -40.15
CA GLN D 271 17.72 -7.94 -41.49
C GLN D 271 18.77 -7.48 -42.49
N MET D 272 19.75 -6.69 -42.05
CA MET D 272 20.82 -6.28 -42.95
C MET D 272 21.69 -7.46 -43.36
N GLY D 273 21.95 -8.38 -42.43
CA GLY D 273 22.68 -9.59 -42.78
C GLY D 273 21.90 -10.47 -43.72
N ALA D 274 20.58 -10.52 -43.55
CA ALA D 274 19.73 -11.20 -44.53
C ALA D 274 19.85 -10.54 -45.90
N ARG D 275 19.92 -9.21 -45.96
CA ARG D 275 20.11 -8.52 -47.23
C ARG D 275 21.45 -8.88 -47.87
N LEU D 276 22.54 -8.73 -47.12
CA LEU D 276 23.89 -8.91 -47.68
C LEU D 276 24.23 -10.37 -47.91
N CYS D 277 24.22 -11.18 -46.85
CA CYS D 277 24.61 -12.58 -46.92
C CYS D 277 23.45 -13.44 -46.43
N PRO D 278 22.50 -13.79 -47.30
CA PRO D 278 21.36 -14.61 -46.85
C PRO D 278 21.71 -16.07 -46.61
N THR D 279 22.84 -16.55 -47.12
CA THR D 279 23.21 -17.95 -46.96
C THR D 279 23.57 -18.27 -45.51
N VAL D 280 24.61 -17.61 -44.99
CA VAL D 280 25.04 -17.88 -43.62
C VAL D 280 24.02 -17.30 -42.64
N GLN D 281 23.88 -17.96 -41.50
CA GLN D 281 23.00 -17.50 -40.44
C GLN D 281 23.86 -16.95 -39.30
N LEU D 282 23.54 -15.72 -38.87
CA LEU D 282 24.37 -15.06 -37.87
C LEU D 282 24.02 -15.52 -36.46
N GLU D 283 22.80 -16.05 -36.27
CA GLU D 283 22.35 -16.44 -34.94
C GLU D 283 23.03 -17.71 -34.45
N ASP D 284 23.70 -18.46 -35.32
CA ASP D 284 24.26 -19.75 -34.94
C ASP D 284 25.78 -19.74 -35.00
N ILE D 285 26.40 -18.61 -34.67
CA ILE D 285 27.85 -18.48 -34.66
C ILE D 285 28.30 -18.72 -33.22
N CYS D 286 28.90 -19.88 -32.98
CA CYS D 286 29.31 -20.24 -31.63
C CYS D 286 30.47 -19.37 -31.16
N ASN D 287 30.46 -19.06 -29.88
CA ASN D 287 31.53 -18.31 -29.22
C ASN D 287 32.74 -19.20 -29.02
N HIS D 288 33.79 -18.63 -28.43
CA HIS D 288 34.92 -19.43 -28.01
C HIS D 288 34.55 -20.40 -26.89
N GLN D 289 33.45 -20.12 -26.18
CA GLN D 289 32.92 -21.03 -25.17
C GLN D 289 31.77 -21.87 -25.71
N GLY D 290 31.56 -21.87 -27.03
CA GLY D 290 30.46 -22.61 -27.61
C GLY D 290 29.10 -22.07 -27.25
N LEU D 291 28.94 -20.75 -27.25
CA LEU D 291 27.68 -20.11 -26.92
C LEU D 291 27.19 -19.26 -28.08
N THR D 292 25.91 -19.34 -28.35
CA THR D 292 25.22 -18.49 -29.32
C THR D 292 24.72 -17.23 -28.62
N PRO D 293 24.35 -16.19 -29.38
CA PRO D 293 23.84 -14.96 -28.75
C PRO D 293 22.67 -15.20 -27.82
N LEU D 294 21.76 -16.11 -28.18
CA LEU D 294 20.66 -16.46 -27.29
C LEU D 294 21.16 -17.14 -26.02
N LYS D 295 22.10 -18.09 -26.18
CA LYS D 295 22.65 -18.76 -25.01
C LYS D 295 23.49 -17.80 -24.18
N LEU D 296 24.19 -16.87 -24.82
CA LEU D 296 24.92 -15.85 -24.08
C LEU D 296 23.97 -14.97 -23.28
N ALA D 297 22.83 -14.61 -23.87
CA ALA D 297 21.83 -13.83 -23.14
C ALA D 297 21.29 -14.62 -21.96
N ALA D 298 21.06 -15.93 -22.14
CA ALA D 298 20.57 -16.76 -21.05
C ALA D 298 21.59 -16.82 -19.91
N LYS D 299 22.86 -17.07 -20.24
CA LYS D 299 23.89 -17.19 -19.21
C LYS D 299 24.18 -15.88 -18.50
N GLU D 300 24.23 -14.77 -19.22
CA GLU D 300 24.62 -13.50 -18.61
C GLU D 300 23.48 -12.81 -17.86
N GLY D 301 22.27 -13.36 -17.92
CA GLY D 301 21.16 -12.79 -17.18
C GLY D 301 20.47 -11.62 -17.85
N LYS D 302 20.76 -11.35 -19.12
CA LYS D 302 20.13 -10.25 -19.84
C LYS D 302 18.70 -10.60 -20.20
N ILE D 303 17.75 -10.23 -19.34
CA ILE D 303 16.39 -10.74 -19.45
C ILE D 303 15.66 -10.15 -20.66
N GLU D 304 15.81 -8.84 -20.89
CA GLU D 304 15.00 -8.16 -21.90
C GLU D 304 15.35 -8.65 -23.30
N ILE D 305 16.63 -8.66 -23.65
CA ILE D 305 17.03 -9.14 -24.97
C ILE D 305 16.74 -10.63 -25.09
N PHE D 306 16.83 -11.36 -23.98
CA PHE D 306 16.51 -12.78 -23.99
C PHE D 306 15.06 -13.00 -24.40
N ARG D 307 14.12 -12.28 -23.76
CA ARG D 307 12.72 -12.45 -24.11
C ARG D 307 12.45 -11.98 -25.53
N HIS D 308 13.11 -10.89 -25.95
CA HIS D 308 12.87 -10.39 -27.30
C HIS D 308 13.30 -11.40 -28.34
N ILE D 309 14.50 -11.98 -28.18
CA ILE D 309 14.95 -13.00 -29.12
C ILE D 309 14.07 -14.22 -29.04
N LEU D 310 13.59 -14.56 -27.84
CA LEU D 310 12.81 -15.77 -27.67
C LEU D 310 11.46 -15.68 -28.37
N GLN D 311 10.80 -14.52 -28.32
CA GLN D 311 9.46 -14.37 -28.89
C GLN D 311 9.40 -13.21 -29.87
N ARG D 312 10.40 -13.12 -30.76
CA ARG D 312 10.40 -12.09 -31.79
C ARG D 312 9.51 -12.50 -32.96
N GLU D 313 8.80 -11.51 -33.51
CA GLU D 313 7.86 -11.75 -34.60
C GLU D 313 8.03 -10.66 -35.65
N PHE D 314 8.10 -11.08 -36.91
CA PHE D 314 8.24 -10.15 -38.04
C PHE D 314 7.12 -10.32 -39.04
N SER D 315 7.28 -9.74 -40.22
CA SER D 315 6.22 -9.68 -41.22
C SER D 315 6.64 -10.52 -42.41
N GLY D 316 5.88 -10.41 -43.51
CA GLY D 316 6.13 -11.24 -44.68
C GLY D 316 7.55 -11.11 -45.21
N LEU D 317 8.06 -9.89 -45.24
CA LEU D 317 9.45 -9.68 -45.58
C LEU D 317 10.32 -9.90 -44.35
N TYR D 318 11.46 -10.57 -44.55
CA TYR D 318 12.31 -11.06 -43.46
C TYR D 318 11.50 -11.94 -42.52
N GLN D 319 10.69 -12.82 -43.10
CA GLN D 319 9.86 -13.76 -42.35
C GLN D 319 10.64 -14.96 -41.82
N PRO D 320 11.48 -15.62 -42.63
CA PRO D 320 12.14 -16.84 -42.13
C PRO D 320 12.95 -16.64 -40.86
N LEU D 321 13.57 -15.48 -40.69
CA LEU D 321 14.35 -15.21 -39.49
C LEU D 321 13.46 -14.65 -38.37
N SER D 322 12.43 -15.41 -38.01
CA SER D 322 11.55 -15.08 -36.90
C SER D 322 11.40 -16.31 -36.03
N ARG D 323 11.03 -16.10 -34.76
CA ARG D 323 10.92 -17.20 -33.81
C ARG D 323 9.47 -17.55 -33.48
N LYS D 324 8.59 -16.57 -33.34
CA LYS D 324 7.19 -16.81 -33.05
C LYS D 324 6.38 -16.67 -34.34
N PHE D 325 5.80 -17.78 -34.79
CA PHE D 325 5.00 -17.81 -35.99
C PHE D 325 3.51 -17.87 -35.63
N THR D 326 2.66 -18.05 -36.63
CA THR D 326 1.21 -18.14 -36.40
C THR D 326 0.63 -19.12 -37.42
N GLU D 327 0.07 -20.22 -36.93
CA GLU D 327 -0.43 -21.26 -37.82
C GLU D 327 -1.75 -20.88 -38.46
N TRP D 328 -2.78 -20.66 -37.65
CA TRP D 328 -4.10 -20.30 -38.18
C TRP D 328 -4.86 -19.50 -37.14
N CYS D 329 -5.75 -18.62 -37.63
CA CYS D 329 -6.58 -17.76 -36.78
C CYS D 329 -8.03 -17.93 -37.23
N TYR D 330 -8.78 -18.74 -36.51
CA TYR D 330 -10.21 -18.91 -36.78
C TYR D 330 -10.98 -18.11 -35.74
N GLY D 331 -11.50 -16.95 -36.14
CA GLY D 331 -12.19 -16.08 -35.22
C GLY D 331 -11.23 -15.43 -34.26
N PRO D 332 -11.55 -15.50 -32.96
CA PRO D 332 -10.70 -14.85 -31.94
C PRO D 332 -9.62 -15.74 -31.33
N VAL D 333 -9.48 -16.99 -31.77
CA VAL D 333 -8.47 -17.90 -31.24
C VAL D 333 -7.25 -17.85 -32.16
N ARG D 334 -6.06 -17.91 -31.57
CA ARG D 334 -4.82 -17.90 -32.31
C ARG D 334 -3.94 -19.06 -31.89
N VAL D 335 -3.15 -19.56 -32.84
CA VAL D 335 -2.22 -20.65 -32.59
C VAL D 335 -0.82 -20.12 -32.86
N SER D 336 0.01 -20.07 -31.82
CA SER D 336 1.38 -19.61 -31.93
C SER D 336 2.33 -20.79 -31.89
N LEU D 337 3.36 -20.73 -32.73
CA LEU D 337 4.36 -21.79 -32.85
C LEU D 337 5.72 -21.20 -32.52
N TYR D 338 6.20 -21.44 -31.31
CA TYR D 338 7.49 -20.95 -30.88
C TYR D 338 8.60 -21.89 -31.34
N ASP D 339 9.67 -21.33 -31.89
CA ASP D 339 10.80 -22.14 -32.30
C ASP D 339 11.49 -22.75 -31.09
N LEU D 340 11.76 -24.05 -31.14
CA LEU D 340 12.43 -24.76 -30.06
C LEU D 340 13.88 -25.05 -30.38
N SER D 341 14.53 -24.17 -31.14
CA SER D 341 15.92 -24.35 -31.51
C SER D 341 16.83 -23.86 -30.39
N SER D 342 17.71 -24.76 -29.94
CA SER D 342 18.70 -24.46 -28.91
C SER D 342 18.06 -24.07 -27.58
N VAL D 343 16.78 -24.38 -27.41
CA VAL D 343 16.10 -24.14 -26.14
C VAL D 343 15.45 -25.39 -25.57
N ASP D 344 15.11 -26.39 -26.40
CA ASP D 344 14.59 -27.63 -25.89
C ASP D 344 15.68 -28.42 -25.19
N SER D 345 15.27 -29.16 -24.14
CA SER D 345 16.19 -29.94 -23.33
C SER D 345 16.74 -31.16 -24.07
N TRP D 346 16.19 -31.49 -25.24
CA TRP D 346 16.71 -32.61 -26.02
C TRP D 346 18.17 -32.40 -26.42
N GLU D 347 18.58 -31.16 -26.64
CA GLU D 347 19.95 -30.84 -27.01
C GLU D 347 20.85 -30.92 -25.79
N LYS D 348 22.15 -31.13 -26.05
CA LYS D 348 23.12 -31.32 -24.98
C LYS D 348 23.24 -30.07 -24.10
N ASN D 349 23.44 -28.91 -24.72
CA ASN D 349 23.60 -27.65 -23.99
C ASN D 349 22.49 -26.72 -24.43
N SER D 350 21.38 -26.74 -23.70
CA SER D 350 20.21 -25.96 -24.05
C SER D 350 20.12 -24.70 -23.18
N VAL D 351 19.14 -23.85 -23.52
CA VAL D 351 18.92 -22.63 -22.77
C VAL D 351 18.42 -22.94 -21.36
N LEU D 352 17.55 -23.94 -21.23
CA LEU D 352 17.02 -24.30 -19.92
C LEU D 352 18.13 -24.77 -18.99
N GLU D 353 19.03 -25.62 -19.50
CA GLU D 353 20.15 -26.09 -18.70
C GLU D 353 21.06 -24.94 -18.30
N ILE D 354 21.30 -24.00 -19.22
CA ILE D 354 22.14 -22.85 -18.91
C ILE D 354 21.50 -22.00 -17.82
N ILE D 355 20.19 -21.77 -17.91
CA ILE D 355 19.50 -20.98 -16.90
C ILE D 355 19.55 -21.67 -15.55
N ALA D 356 19.32 -22.98 -15.51
CA ALA D 356 19.19 -23.71 -14.25
C ALA D 356 20.53 -24.04 -13.60
N PHE D 357 21.61 -24.12 -14.37
CA PHE D 357 22.87 -24.62 -13.83
C PHE D 357 24.10 -23.79 -14.20
N HIS D 358 23.95 -22.73 -14.99
CA HIS D 358 25.13 -21.98 -15.43
C HIS D 358 24.99 -20.49 -15.15
N CYS D 359 23.76 -20.00 -15.09
CA CYS D 359 23.53 -18.59 -14.79
C CYS D 359 23.76 -18.32 -13.31
N LYS D 360 24.61 -17.33 -13.01
CA LYS D 360 24.89 -16.93 -11.64
C LYS D 360 24.26 -15.58 -11.30
N SER D 361 23.32 -15.12 -12.12
CA SER D 361 22.62 -13.89 -11.82
C SER D 361 21.77 -14.05 -10.57
N PRO D 362 21.64 -12.99 -9.77
CA PRO D 362 20.85 -13.10 -8.53
C PRO D 362 19.41 -13.50 -8.78
N HIS D 363 18.69 -12.73 -9.60
CA HIS D 363 17.28 -12.97 -9.87
C HIS D 363 17.10 -13.66 -11.22
N ARG D 364 17.64 -14.88 -11.31
CA ARG D 364 17.49 -15.69 -12.52
C ARG D 364 16.19 -16.47 -12.53
N HIS D 365 15.44 -16.46 -11.43
CA HIS D 365 14.16 -17.16 -11.39
C HIS D 365 13.09 -16.41 -12.17
N ARG D 366 13.15 -15.07 -12.19
CA ARG D 366 12.21 -14.31 -13.01
C ARG D 366 12.41 -14.59 -14.49
N MET D 367 13.58 -15.10 -14.88
CA MET D 367 13.84 -15.33 -16.30
C MET D 367 12.93 -16.40 -16.87
N VAL D 368 12.86 -17.56 -16.21
CA VAL D 368 11.96 -18.60 -16.70
C VAL D 368 10.60 -18.51 -16.01
N VAL D 369 9.80 -17.58 -16.54
CA VAL D 369 8.42 -17.32 -16.15
C VAL D 369 7.76 -16.55 -17.29
N LEU D 370 8.28 -16.74 -18.51
CA LEU D 370 7.81 -16.04 -19.70
C LEU D 370 6.79 -16.81 -20.53
N GLU D 371 6.80 -16.56 -21.84
CA GLU D 371 5.88 -17.19 -22.77
C GLU D 371 6.25 -18.63 -23.13
N PRO D 372 7.24 -18.80 -24.00
CA PRO D 372 7.69 -20.13 -24.45
C PRO D 372 8.73 -20.74 -23.53
N LEU D 373 8.40 -20.89 -22.26
CA LEU D 373 9.29 -21.47 -21.26
C LEU D 373 8.44 -21.96 -20.11
N ASN D 374 7.42 -21.18 -19.77
CA ASN D 374 6.50 -21.53 -18.70
C ASN D 374 5.58 -22.66 -19.11
N LYS D 375 5.14 -22.64 -20.37
CA LYS D 375 4.26 -23.66 -20.90
C LYS D 375 5.02 -24.97 -21.11
N LEU D 376 6.17 -24.88 -21.78
CA LEU D 376 6.98 -26.05 -22.04
C LEU D 376 7.31 -26.78 -20.75
N LEU D 377 7.72 -26.04 -19.72
CA LEU D 377 8.06 -26.67 -18.45
C LEU D 377 6.83 -27.21 -17.74
N GLN D 378 5.68 -26.55 -17.90
CA GLN D 378 4.45 -27.09 -17.33
C GLN D 378 4.08 -28.43 -17.97
N GLU D 379 4.22 -28.52 -19.30
CA GLU D 379 3.96 -29.80 -19.97
C GLU D 379 4.95 -30.87 -19.53
N LYS D 380 6.22 -30.51 -19.40
CA LYS D 380 7.21 -31.48 -18.96
C LYS D 380 6.92 -31.97 -17.55
N TRP D 381 6.53 -31.05 -16.66
CA TRP D 381 6.19 -31.44 -15.29
C TRP D 381 4.96 -32.34 -15.27
N ASP D 382 3.96 -32.02 -16.08
CA ASP D 382 2.77 -32.86 -16.14
C ASP D 382 3.10 -34.25 -16.62
N ARG D 383 4.01 -34.36 -17.59
CA ARG D 383 4.44 -35.68 -18.05
C ARG D 383 5.27 -36.43 -17.01
N LEU D 384 6.07 -35.72 -16.21
CA LEU D 384 6.98 -36.37 -15.27
C LEU D 384 6.39 -36.53 -13.86
N ILE D 385 5.14 -36.14 -13.65
CA ILE D 385 4.51 -36.35 -12.35
C ILE D 385 4.66 -37.77 -11.83
N PRO D 386 4.36 -38.82 -12.61
CA PRO D 386 4.46 -40.19 -12.04
C PRO D 386 5.85 -40.54 -11.54
N ARG D 387 6.90 -40.14 -12.25
CA ARG D 387 8.26 -40.45 -11.79
C ARG D 387 8.59 -39.71 -10.51
N PHE D 388 8.18 -38.44 -10.42
CA PHE D 388 8.43 -37.66 -9.20
C PHE D 388 7.76 -38.31 -8.00
N PHE D 389 6.50 -38.70 -8.13
CA PHE D 389 5.83 -39.28 -6.98
C PHE D 389 6.25 -40.71 -6.71
N PHE D 390 6.70 -41.46 -7.71
CA PHE D 390 7.31 -42.76 -7.47
C PHE D 390 8.60 -42.62 -6.67
N ASN D 391 9.42 -41.61 -7.00
CA ASN D 391 10.62 -41.34 -6.23
C ASN D 391 10.27 -40.98 -4.79
N PHE D 392 9.24 -40.14 -4.62
CA PHE D 392 8.80 -39.79 -3.26
C PHE D 392 8.35 -41.02 -2.49
N ALA D 393 7.60 -41.92 -3.14
CA ALA D 393 7.13 -43.12 -2.48
C ALA D 393 8.30 -44.02 -2.08
N CYS D 394 9.30 -44.15 -2.96
CA CYS D 394 10.47 -44.96 -2.63
C CYS D 394 11.20 -44.38 -1.43
N TYR D 395 11.38 -43.07 -1.40
CA TYR D 395 12.05 -42.45 -0.27
C TYR D 395 11.25 -42.63 1.02
N LEU D 396 9.93 -42.53 0.93
CA LEU D 396 9.08 -42.74 2.10
C LEU D 396 9.20 -44.17 2.62
N VAL D 397 9.23 -45.15 1.72
CA VAL D 397 9.40 -46.53 2.14
C VAL D 397 10.76 -46.73 2.81
N TYR D 398 11.81 -46.13 2.23
CA TYR D 398 13.13 -46.24 2.83
C TYR D 398 13.15 -45.63 4.23
N MET D 399 12.50 -44.48 4.41
CA MET D 399 12.49 -43.83 5.71
C MET D 399 11.66 -44.64 6.72
N ILE D 400 10.58 -45.26 6.28
CA ILE D 400 9.79 -46.10 7.17
C ILE D 400 10.60 -47.30 7.63
N ILE D 401 11.34 -47.92 6.71
CA ILE D 401 12.21 -49.03 7.09
C ILE D 401 13.27 -48.57 8.08
N PHE D 402 13.84 -47.38 7.84
CA PHE D 402 14.84 -46.81 8.74
C PHE D 402 14.26 -46.63 10.14
N THR D 403 13.06 -46.07 10.21
CA THR D 403 12.41 -45.82 11.50
C THR D 403 12.13 -47.13 12.24
N ILE D 404 11.65 -48.14 11.50
CA ILE D 404 11.34 -49.42 12.13
C ILE D 404 12.62 -50.05 12.68
N VAL D 405 13.70 -50.01 11.91
CA VAL D 405 14.95 -50.61 12.35
C VAL D 405 15.50 -49.87 13.56
N ALA D 406 15.44 -48.54 13.54
CA ALA D 406 15.98 -47.77 14.66
C ALA D 406 15.16 -47.96 15.93
N TYR D 407 13.84 -48.05 15.80
CA TYR D 407 12.97 -48.22 16.97
C TYR D 407 13.08 -49.60 17.60
N HIS D 408 13.28 -50.64 16.80
CA HIS D 408 13.32 -52.03 17.27
C HIS D 408 14.76 -52.50 17.20
N GLN D 409 15.53 -52.23 18.25
CA GLN D 409 16.93 -52.60 18.25
C GLN D 409 17.40 -52.89 19.67
N PRO D 410 18.00 -54.05 19.92
CA PRO D 410 18.51 -54.35 21.27
C PRO D 410 19.79 -53.58 21.57
N SER D 411 20.15 -53.58 22.84
CA SER D 411 21.35 -52.88 23.30
C SER D 411 22.62 -53.53 22.74
N THR D 423 17.31 -65.82 15.73
CA THR D 423 15.91 -66.19 15.50
C THR D 423 15.32 -65.44 14.31
N PHE D 424 14.00 -65.57 14.15
CA PHE D 424 13.31 -64.90 13.05
C PHE D 424 13.43 -63.38 13.20
N GLY D 425 13.26 -62.87 14.41
CA GLY D 425 13.41 -61.44 14.64
C GLY D 425 14.82 -60.95 14.36
N ASP D 426 15.82 -61.75 14.75
CA ASP D 426 17.20 -61.38 14.47
C ASP D 426 17.46 -61.34 12.96
N SER D 427 16.93 -62.31 12.23
CA SER D 427 17.08 -62.32 10.78
C SER D 427 16.41 -61.10 10.15
N MET D 428 15.22 -60.75 10.62
CA MET D 428 14.54 -59.57 10.10
C MET D 428 15.31 -58.29 10.42
N LEU D 429 15.89 -58.21 11.62
CA LEU D 429 16.69 -57.03 11.97
C LEU D 429 17.93 -56.94 11.09
N LEU D 430 18.59 -58.06 10.83
CA LEU D 430 19.76 -58.05 9.96
C LEU D 430 19.37 -57.65 8.54
N LEU D 431 18.22 -58.14 8.06
CA LEU D 431 17.74 -57.76 6.74
C LEU D 431 17.46 -56.26 6.69
N GLY D 432 16.81 -55.74 7.73
CA GLY D 432 16.58 -54.30 7.78
C GLY D 432 17.88 -53.51 7.74
N HIS D 433 18.88 -53.97 8.49
CA HIS D 433 20.17 -53.28 8.49
C HIS D 433 20.83 -53.31 7.12
N ILE D 434 20.78 -54.45 6.44
CA ILE D 434 21.45 -54.51 5.14
C ILE D 434 20.71 -53.64 4.11
N LEU D 435 19.37 -53.59 4.14
CA LEU D 435 18.66 -52.67 3.25
C LEU D 435 18.96 -51.22 3.60
N ILE D 436 19.11 -50.88 4.88
CA ILE D 436 19.51 -49.52 5.23
C ILE D 436 20.88 -49.19 4.65
N LEU D 437 21.83 -50.13 4.78
CA LEU D 437 23.17 -49.88 4.25
C LEU D 437 23.13 -49.71 2.73
N LEU D 438 22.35 -50.56 2.05
CA LEU D 438 22.24 -50.46 0.59
C LEU D 438 21.61 -49.14 0.17
N GLY D 439 20.55 -48.71 0.87
CA GLY D 439 19.92 -47.44 0.55
C GLY D 439 20.86 -46.26 0.78
N GLY D 440 21.61 -46.30 1.87
CA GLY D 440 22.59 -45.25 2.12
C GLY D 440 23.65 -45.18 1.05
N ILE D 441 24.17 -46.34 0.63
CA ILE D 441 25.17 -46.38 -0.44
C ILE D 441 24.58 -45.85 -1.74
N TYR D 442 23.35 -46.24 -2.07
CA TYR D 442 22.70 -45.77 -3.28
C TYR D 442 22.53 -44.25 -3.28
N LEU D 443 22.04 -43.68 -2.17
CA LEU D 443 21.88 -42.24 -2.09
C LEU D 443 23.21 -41.52 -2.16
N LEU D 444 24.25 -42.08 -1.51
CA LEU D 444 25.57 -41.48 -1.55
C LEU D 444 26.10 -41.44 -2.97
N LEU D 445 25.96 -42.56 -3.70
CA LEU D 445 26.42 -42.61 -5.08
C LEU D 445 25.66 -41.61 -5.96
N GLY D 446 24.35 -41.52 -5.76
CA GLY D 446 23.57 -40.57 -6.54
C GLY D 446 24.00 -39.13 -6.30
N GLN D 447 24.21 -38.78 -5.03
CA GLN D 447 24.61 -37.41 -4.71
C GLN D 447 26.03 -37.11 -5.22
N LEU D 448 26.93 -38.09 -5.13
CA LEU D 448 28.27 -37.90 -5.67
C LEU D 448 28.23 -37.70 -7.18
N TRP D 449 27.39 -38.48 -7.87
CA TRP D 449 27.24 -38.29 -9.31
C TRP D 449 26.70 -36.90 -9.62
N TYR D 450 25.72 -36.44 -8.85
CA TYR D 450 25.15 -35.11 -9.06
C TYR D 450 26.22 -34.04 -8.89
N PHE D 451 27.00 -34.13 -7.82
CA PHE D 451 28.01 -33.11 -7.55
C PHE D 451 29.13 -33.14 -8.58
N TRP D 452 29.51 -34.33 -9.03
CA TRP D 452 30.53 -34.44 -10.07
C TRP D 452 30.02 -33.86 -11.39
N ARG D 453 28.74 -34.07 -11.70
CA ARG D 453 28.19 -33.54 -12.93
C ARG D 453 27.97 -32.03 -12.85
N ARG D 454 27.88 -31.49 -11.64
CA ARG D 454 27.64 -30.06 -11.44
C ARG D 454 28.75 -29.44 -10.60
N ARG D 455 30.01 -29.70 -10.98
CA ARG D 455 31.14 -29.26 -10.17
C ARG D 455 31.14 -27.76 -9.95
N LEU D 456 30.95 -26.98 -11.01
CA LEU D 456 31.02 -25.53 -10.95
C LEU D 456 29.68 -24.89 -10.57
N PHE D 457 28.78 -25.67 -10.00
CA PHE D 457 27.46 -25.19 -9.62
C PHE D 457 27.36 -24.73 -8.18
N ILE D 458 28.18 -25.31 -7.29
CA ILE D 458 28.13 -24.93 -5.88
C ILE D 458 28.55 -23.48 -5.69
N TRP D 459 29.50 -23.00 -6.48
CA TRP D 459 29.98 -21.63 -6.40
C TRP D 459 29.24 -20.70 -7.36
N ILE D 460 28.03 -21.09 -7.76
CA ILE D 460 27.17 -20.25 -8.60
C ILE D 460 25.94 -19.84 -7.78
N SER D 461 25.34 -20.81 -7.10
CA SER D 461 24.15 -20.54 -6.30
C SER D 461 24.13 -21.57 -5.16
N PHE D 462 24.40 -21.09 -3.94
CA PHE D 462 24.46 -21.97 -2.77
C PHE D 462 23.10 -22.18 -2.12
N MET D 463 22.18 -21.22 -2.23
CA MET D 463 20.92 -21.27 -1.49
C MET D 463 19.74 -21.51 -2.43
N ASP D 464 19.99 -22.04 -3.62
CA ASP D 464 18.91 -22.40 -4.53
C ASP D 464 18.49 -23.85 -4.40
N SER D 465 19.44 -24.77 -4.31
CA SER D 465 19.10 -26.19 -4.13
C SER D 465 19.12 -26.54 -2.65
N TYR D 466 20.30 -26.44 -2.03
CA TYR D 466 20.49 -26.56 -0.58
C TYR D 466 19.86 -27.81 0.02
N PHE D 467 19.47 -28.77 -0.81
CA PHE D 467 18.98 -30.06 -0.35
C PHE D 467 19.88 -31.21 -0.75
N GLU D 468 20.64 -31.04 -1.85
CA GLU D 468 21.61 -32.07 -2.23
C GLU D 468 22.69 -32.21 -1.17
N ILE D 469 23.08 -31.09 -0.54
CA ILE D 469 24.05 -31.15 0.54
C ILE D 469 23.48 -31.93 1.73
N LEU D 470 22.21 -31.65 2.07
CA LEU D 470 21.58 -32.35 3.18
C LEU D 470 21.43 -33.84 2.89
N PHE D 471 21.03 -34.17 1.66
CA PHE D 471 20.91 -35.59 1.29
C PHE D 471 22.27 -36.28 1.35
N LEU D 472 23.31 -35.62 0.87
CA LEU D 472 24.65 -36.18 0.91
C LEU D 472 25.10 -36.40 2.35
N VAL D 473 24.84 -35.42 3.22
CA VAL D 473 25.22 -35.54 4.63
C VAL D 473 24.48 -36.70 5.29
N GLN D 474 23.18 -36.82 5.01
CA GLN D 474 22.41 -37.91 5.60
C GLN D 474 22.92 -39.27 5.13
N ALA D 475 23.20 -39.40 3.83
CA ALA D 475 23.70 -40.67 3.32
C ALA D 475 25.07 -41.00 3.90
N LEU D 476 25.94 -40.00 4.01
CA LEU D 476 27.26 -40.22 4.59
C LEU D 476 27.16 -40.64 6.05
N LEU D 477 26.27 -40.00 6.81
CA LEU D 477 26.08 -40.36 8.21
C LEU D 477 25.55 -41.78 8.34
N THR D 478 24.59 -42.15 7.49
CA THR D 478 24.03 -43.50 7.55
C THR D 478 25.10 -44.54 7.25
N VAL D 479 25.90 -44.31 6.19
CA VAL D 479 26.95 -45.25 5.84
C VAL D 479 27.98 -45.34 6.96
N LEU D 480 28.36 -44.20 7.53
CA LEU D 480 29.37 -44.19 8.59
C LEU D 480 28.88 -44.95 9.82
N SER D 481 27.61 -44.75 10.20
CA SER D 481 27.06 -45.49 11.33
C SER D 481 27.01 -46.98 11.03
N GLN D 482 26.58 -47.35 9.83
CA GLN D 482 26.48 -48.77 9.48
C GLN D 482 27.83 -49.44 9.50
N VAL D 483 28.89 -48.78 9.01
CA VAL D 483 30.21 -49.38 9.05
C VAL D 483 30.82 -49.31 10.45
N LEU D 484 30.41 -48.36 11.28
CA LEU D 484 30.87 -48.28 12.65
C LEU D 484 30.21 -49.30 13.56
N ARG D 485 29.06 -49.85 13.15
CA ARG D 485 28.43 -50.91 13.92
C ARG D 485 29.32 -52.15 14.00
N PHE D 486 29.95 -52.52 12.88
CA PHE D 486 30.84 -53.67 12.87
C PHE D 486 32.09 -53.45 13.72
N VAL D 487 32.48 -52.19 13.95
CA VAL D 487 33.60 -51.87 14.81
C VAL D 487 33.23 -52.05 16.28
N GLU D 488 31.95 -52.21 16.58
CA GLU D 488 31.46 -52.41 17.95
C GLU D 488 31.76 -51.21 18.83
N THR D 489 31.45 -50.03 18.29
CA THR D 489 31.63 -48.77 19.01
C THR D 489 30.31 -48.35 19.64
N GLU D 490 30.40 -47.88 20.89
CA GLU D 490 29.21 -47.41 21.60
C GLU D 490 28.58 -46.20 20.94
N TRP D 491 29.34 -45.43 20.15
CA TRP D 491 28.84 -44.25 19.47
C TRP D 491 28.02 -44.58 18.22
N TYR D 492 27.64 -45.85 18.04
CA TYR D 492 26.68 -46.19 16.99
C TYR D 492 25.35 -45.48 17.16
N LEU D 493 24.79 -45.51 18.37
CA LEU D 493 23.42 -45.03 18.56
C LEU D 493 23.24 -43.56 18.19
N PRO D 494 24.13 -42.63 18.59
CA PRO D 494 23.91 -41.23 18.20
C PRO D 494 23.85 -41.01 16.69
N LEU D 495 24.95 -41.33 16.00
CA LEU D 495 25.02 -41.05 14.56
C LEU D 495 23.82 -41.63 13.82
N LEU D 496 23.49 -42.88 14.12
CA LEU D 496 22.34 -43.50 13.47
C LEU D 496 21.08 -42.65 13.64
N VAL D 497 20.75 -42.28 14.88
CA VAL D 497 19.56 -41.47 15.06
C VAL D 497 19.78 -40.07 14.49
N SER D 498 21.03 -39.58 14.50
CA SER D 498 21.32 -38.32 13.86
C SER D 498 21.01 -38.39 12.38
N SER D 499 21.17 -39.56 11.77
CA SER D 499 20.71 -39.75 10.40
C SER D 499 19.19 -39.67 10.33
N LEU D 500 18.51 -40.38 11.23
CA LEU D 500 17.07 -40.53 11.14
C LEU D 500 16.37 -39.18 11.06
N VAL D 501 16.69 -38.28 11.99
CA VAL D 501 16.06 -36.95 11.98
C VAL D 501 16.27 -36.29 10.63
N LEU D 502 17.52 -36.27 10.15
CA LEU D 502 17.80 -35.64 8.87
C LEU D 502 16.93 -36.23 7.78
N GLY D 503 16.82 -37.56 7.75
CA GLY D 503 16.02 -38.19 6.72
C GLY D 503 14.59 -37.68 6.74
N TRP D 504 14.00 -37.57 7.92
CA TRP D 504 12.64 -37.06 8.00
C TRP D 504 12.58 -35.61 7.55
N LEU D 505 13.56 -34.80 7.93
CA LEU D 505 13.62 -33.44 7.43
C LEU D 505 13.74 -33.40 5.92
N ASN D 506 14.40 -34.39 5.32
CA ASN D 506 14.54 -34.45 3.88
C ASN D 506 13.22 -34.75 3.17
N LEU D 507 12.18 -35.14 3.91
CA LEU D 507 10.86 -35.22 3.30
C LEU D 507 10.36 -33.86 2.88
N LEU D 508 10.95 -32.79 3.42
CA LEU D 508 10.57 -31.44 3.02
C LEU D 508 11.08 -31.08 1.63
N TYR D 509 11.91 -31.93 1.02
CA TYR D 509 12.25 -31.72 -0.38
C TYR D 509 11.06 -32.02 -1.27
N TYR D 510 10.37 -33.13 -0.98
CA TYR D 510 9.30 -33.66 -1.81
C TYR D 510 7.97 -32.97 -1.51
N THR D 511 7.97 -31.64 -1.48
CA THR D 511 6.73 -30.93 -1.16
C THR D 511 6.56 -29.76 -2.11
N ARG D 512 7.40 -29.68 -3.14
CA ARG D 512 7.24 -28.72 -4.22
C ARG D 512 6.53 -29.33 -5.41
N GLY D 513 5.90 -30.48 -5.22
CA GLY D 513 5.05 -31.03 -6.25
C GLY D 513 3.70 -30.34 -6.23
N PHE D 514 3.50 -29.48 -5.24
CA PHE D 514 2.27 -28.72 -5.09
C PHE D 514 2.61 -27.25 -4.87
N GLN D 515 1.82 -26.37 -5.46
CA GLN D 515 2.10 -24.93 -5.37
C GLN D 515 2.01 -24.44 -3.93
N HIS D 516 1.01 -24.93 -3.19
CA HIS D 516 0.70 -24.37 -1.88
C HIS D 516 1.82 -24.68 -0.88
N THR D 517 2.07 -25.96 -0.64
CA THR D 517 3.14 -26.36 0.26
C THR D 517 4.51 -26.01 -0.31
N GLY D 518 4.64 -26.05 -1.64
CA GLY D 518 5.92 -25.70 -2.25
C GLY D 518 6.31 -24.26 -1.99
N ILE D 519 5.36 -23.34 -2.12
CA ILE D 519 5.62 -21.94 -1.79
C ILE D 519 5.83 -21.78 -0.30
N TYR D 520 5.11 -22.56 0.52
CA TYR D 520 5.31 -22.48 1.97
C TYR D 520 6.75 -22.81 2.34
N SER D 521 7.32 -23.85 1.74
CA SER D 521 8.69 -24.25 2.07
C SER D 521 9.69 -23.16 1.68
N VAL D 522 9.50 -22.55 0.51
CA VAL D 522 10.38 -21.48 0.08
C VAL D 522 10.29 -20.30 1.04
N MET D 523 9.07 -19.96 1.47
CA MET D 523 8.91 -18.88 2.44
C MET D 523 9.61 -19.22 3.76
N ILE D 524 9.52 -20.48 4.20
CA ILE D 524 10.19 -20.90 5.42
C ILE D 524 11.68 -20.64 5.32
N PHE D 525 12.28 -21.07 4.20
CA PHE D 525 13.73 -20.91 4.06
C PHE D 525 14.13 -19.46 3.92
N LYS D 526 13.30 -18.65 3.24
CA LYS D 526 13.59 -17.22 3.16
C LYS D 526 13.56 -16.57 4.54
N VAL D 527 12.58 -16.94 5.37
CA VAL D 527 12.52 -16.40 6.72
C VAL D 527 13.73 -16.81 7.53
N ILE D 528 14.13 -18.09 7.43
CA ILE D 528 15.32 -18.56 8.14
C ILE D 528 16.53 -17.75 7.74
N LEU D 529 16.73 -17.57 6.44
CA LEU D 529 17.93 -16.90 5.94
C LEU D 529 17.92 -15.40 6.18
N ARG D 530 16.74 -14.78 6.32
CA ARG D 530 16.65 -13.32 6.39
C ARG D 530 16.51 -12.81 7.81
N ASP D 531 15.62 -13.38 8.62
CA ASP D 531 15.38 -12.78 9.94
C ASP D 531 15.37 -13.81 11.06
N LEU D 532 16.31 -14.73 11.05
CA LEU D 532 16.52 -15.64 12.18
C LEU D 532 17.95 -15.68 12.68
N LEU D 533 18.95 -15.39 11.83
CA LEU D 533 20.34 -15.41 12.28
C LEU D 533 20.66 -14.17 13.11
N ARG D 534 20.07 -13.03 12.76
CA ARG D 534 20.27 -11.81 13.55
C ARG D 534 19.73 -12.00 14.96
N PHE D 535 18.50 -12.49 15.08
CA PHE D 535 17.91 -12.71 16.39
C PHE D 535 18.72 -13.73 17.17
N LEU D 536 19.20 -14.78 16.50
CA LEU D 536 20.00 -15.79 17.19
C LEU D 536 21.30 -15.19 17.70
N LEU D 537 21.95 -14.34 16.91
CA LEU D 537 23.21 -13.72 17.35
C LEU D 537 22.99 -12.84 18.57
N VAL D 538 22.00 -11.96 18.50
CA VAL D 538 21.73 -11.06 19.62
C VAL D 538 21.31 -11.84 20.86
N TYR D 539 20.45 -12.84 20.67
CA TYR D 539 20.06 -13.73 21.75
C TYR D 539 21.26 -14.41 22.41
N LEU D 540 22.17 -14.96 21.60
CA LEU D 540 23.29 -15.69 22.17
C LEU D 540 24.18 -14.75 22.98
N VAL D 541 24.41 -13.54 22.46
CA VAL D 541 25.22 -12.58 23.21
C VAL D 541 24.57 -12.26 24.54
N PHE D 542 23.28 -11.92 24.53
CA PHE D 542 22.59 -11.55 25.77
C PHE D 542 22.58 -12.70 26.76
N LEU D 543 22.26 -13.91 26.28
CA LEU D 543 22.16 -15.08 27.15
C LEU D 543 23.51 -15.40 27.78
N PHE D 544 24.58 -15.38 26.99
CA PHE D 544 25.89 -15.70 27.54
C PHE D 544 26.30 -14.67 28.58
N GLY D 545 26.10 -13.38 28.29
CA GLY D 545 26.46 -12.35 29.25
C GLY D 545 25.73 -12.48 30.56
N PHE D 546 24.39 -12.63 30.48
CA PHE D 546 23.60 -12.73 31.70
C PHE D 546 23.87 -14.02 32.46
N ALA D 547 24.09 -15.13 31.76
CA ALA D 547 24.39 -16.39 32.42
C ALA D 547 25.71 -16.33 33.17
N VAL D 548 26.74 -15.75 32.55
CA VAL D 548 28.01 -15.62 33.23
C VAL D 548 27.87 -14.71 34.45
N ALA D 549 27.11 -13.61 34.31
CA ALA D 549 26.89 -12.73 35.46
C ALA D 549 26.18 -13.45 36.59
N LEU D 550 25.15 -14.24 36.28
CA LEU D 550 24.42 -14.96 37.32
C LEU D 550 25.28 -16.01 37.99
N VAL D 551 26.11 -16.72 37.23
CA VAL D 551 27.00 -17.71 37.82
C VAL D 551 28.03 -17.03 38.72
N SER D 552 28.52 -15.86 38.31
CA SER D 552 29.49 -15.14 39.15
C SER D 552 28.88 -14.79 40.50
N LEU D 553 27.63 -14.35 40.52
CA LEU D 553 26.91 -14.16 41.78
C LEU D 553 26.34 -15.50 42.23
N SER D 554 25.45 -15.47 43.21
CA SER D 554 24.69 -16.63 43.67
C SER D 554 25.57 -17.73 44.24
N ARG D 555 26.85 -17.46 44.47
CA ARG D 555 27.73 -18.39 45.17
C ARG D 555 28.15 -17.87 46.53
N GLU D 556 27.66 -16.69 46.92
CA GLU D 556 27.93 -16.14 48.25
C GLU D 556 26.68 -16.27 49.11
N ALA D 557 26.59 -17.42 49.77
CA ALA D 557 25.43 -17.73 50.59
C ALA D 557 25.36 -16.82 51.81
N ARG D 558 24.14 -16.51 52.24
CA ARG D 558 23.94 -15.66 53.40
C ARG D 558 24.16 -16.42 54.70
N PRO D 582 19.77 -28.34 44.75
CA PRO D 582 20.99 -27.73 45.30
C PRO D 582 21.12 -26.26 44.94
N VAL D 583 22.35 -25.76 44.88
CA VAL D 583 22.62 -24.36 44.55
C VAL D 583 22.27 -24.10 43.10
N PRO D 584 21.41 -23.14 42.81
CA PRO D 584 21.10 -22.81 41.41
C PRO D 584 22.25 -22.04 40.76
N TYR D 585 22.27 -22.10 39.43
CA TYR D 585 23.31 -21.45 38.63
C TYR D 585 24.70 -21.91 39.06
N GLY D 586 24.83 -23.22 39.28
CA GLY D 586 26.09 -23.79 39.67
C GLY D 586 27.17 -23.63 38.62
N GLY D 587 26.82 -23.91 37.37
CA GLY D 587 27.72 -23.73 36.25
C GLY D 587 27.12 -22.89 35.14
N ILE D 588 27.93 -22.67 34.11
CA ILE D 588 27.47 -21.87 32.98
C ILE D 588 26.37 -22.58 32.21
N LEU D 589 26.45 -23.90 32.07
CA LEU D 589 25.43 -24.65 31.35
C LEU D 589 24.08 -24.55 32.06
N ASP D 590 24.08 -24.66 33.39
CA ASP D 590 22.82 -24.58 34.13
C ASP D 590 22.16 -23.22 33.97
N ALA D 591 22.95 -22.14 34.07
CA ALA D 591 22.39 -20.80 33.92
C ALA D 591 21.87 -20.58 32.51
N SER D 592 22.62 -21.05 31.51
CA SER D 592 22.14 -20.93 30.13
C SER D 592 20.83 -21.68 29.94
N LEU D 593 20.73 -22.87 30.51
CA LEU D 593 19.49 -23.65 30.40
C LEU D 593 18.33 -22.95 31.08
N GLU D 594 18.58 -22.34 32.25
CA GLU D 594 17.53 -21.59 32.93
C GLU D 594 17.05 -20.40 32.12
N LEU D 595 17.98 -19.65 31.51
CA LEU D 595 17.57 -18.53 30.69
C LEU D 595 16.79 -18.99 29.45
N PHE D 596 17.22 -20.09 28.84
CA PHE D 596 16.44 -20.63 27.73
C PHE D 596 15.06 -21.07 28.20
N LYS D 597 14.93 -21.51 29.44
CA LYS D 597 13.63 -21.90 29.94
C LYS D 597 12.71 -20.67 29.92
N PHE D 598 13.30 -19.50 30.07
CA PHE D 598 12.55 -18.24 30.09
C PHE D 598 11.85 -17.94 28.77
N THR D 599 12.51 -18.23 27.65
CA THR D 599 11.92 -17.98 26.34
C THR D 599 10.93 -19.09 26.01
N ILE D 600 11.14 -20.25 26.62
CA ILE D 600 10.27 -21.39 26.40
C ILE D 600 8.99 -21.24 27.21
N GLY D 601 8.98 -20.34 28.19
CA GLY D 601 7.78 -20.20 28.98
C GLY D 601 7.79 -20.95 30.28
N MET D 602 8.94 -21.46 30.72
CA MET D 602 9.07 -22.19 31.97
C MET D 602 10.17 -21.62 32.86
N GLY D 603 10.42 -20.32 32.80
CA GLY D 603 11.46 -19.73 33.62
C GLY D 603 11.02 -19.63 35.08
N GLU D 604 11.93 -19.99 35.98
CA GLU D 604 11.66 -19.95 37.42
C GLU D 604 12.09 -18.59 37.94
N LEU D 605 11.12 -17.68 38.06
CA LEU D 605 11.39 -16.32 38.51
C LEU D 605 11.00 -16.19 39.99
N ALA D 606 11.83 -16.74 40.85
CA ALA D 606 11.58 -16.72 42.29
C ALA D 606 12.48 -15.69 42.97
N PHE D 607 12.33 -15.60 44.29
CA PHE D 607 13.11 -14.68 45.12
C PHE D 607 14.00 -15.54 46.01
N GLN D 608 15.18 -15.88 45.52
CA GLN D 608 16.09 -16.73 46.26
C GLN D 608 16.53 -16.07 47.56
N GLU D 609 16.06 -16.60 48.69
CA GLU D 609 16.38 -16.04 49.99
C GLU D 609 17.62 -16.66 50.63
N GLN D 610 18.17 -17.72 50.04
CA GLN D 610 19.35 -18.36 50.62
C GLN D 610 20.58 -17.48 50.47
N LEU D 611 20.78 -16.93 49.27
CA LEU D 611 21.98 -16.16 48.97
C LEU D 611 21.81 -14.71 49.45
N ARG D 612 22.94 -14.01 49.57
CA ARG D 612 22.98 -12.70 50.22
C ARG D 612 22.68 -11.55 49.27
N PHE D 613 22.65 -11.83 47.96
CA PHE D 613 22.45 -10.79 46.95
C PHE D 613 21.10 -10.99 46.26
N ARG D 614 20.06 -11.22 47.07
CA ARG D 614 18.73 -11.52 46.55
C ARG D 614 18.25 -10.46 45.57
N GLY D 615 18.30 -9.20 46.00
CA GLY D 615 17.81 -8.11 45.19
C GLY D 615 18.53 -7.94 43.88
N VAL D 616 19.87 -8.06 43.92
CA VAL D 616 20.66 -7.89 42.71
C VAL D 616 20.33 -8.98 41.71
N VAL D 617 20.24 -10.23 42.18
CA VAL D 617 19.93 -11.34 41.29
C VAL D 617 18.53 -11.18 40.71
N LEU D 618 17.56 -10.79 41.54
CA LEU D 618 16.20 -10.61 41.06
C LEU D 618 16.12 -9.50 40.01
N LEU D 619 16.81 -8.38 40.26
CA LEU D 619 16.79 -7.28 39.29
C LEU D 619 17.47 -7.69 38.00
N LEU D 620 18.56 -8.45 38.09
CA LEU D 620 19.25 -8.92 36.89
C LEU D 620 18.35 -9.82 36.06
N LEU D 621 17.65 -10.74 36.74
CA LEU D 621 16.71 -11.63 36.04
C LEU D 621 15.58 -10.85 35.40
N LEU D 622 15.03 -9.87 36.12
CA LEU D 622 13.93 -9.07 35.59
C LEU D 622 14.39 -8.28 34.36
N ALA D 623 15.58 -7.69 34.44
CA ALA D 623 16.10 -6.92 33.31
C ALA D 623 16.32 -7.83 32.11
N TYR D 624 16.88 -9.02 32.33
CA TYR D 624 17.09 -9.96 31.23
C TYR D 624 15.77 -10.34 30.59
N VAL D 625 14.77 -10.66 31.41
CA VAL D 625 13.47 -11.08 30.89
C VAL D 625 12.83 -9.97 30.08
N LEU D 626 12.83 -8.75 30.64
CA LEU D 626 12.23 -7.62 29.95
C LEU D 626 12.96 -7.32 28.64
N LEU D 627 14.28 -7.51 28.64
CA LEU D 627 15.07 -7.18 27.46
C LEU D 627 14.90 -8.19 26.34
N THR D 628 14.87 -9.48 26.66
CA THR D 628 14.95 -10.51 25.63
C THR D 628 13.63 -11.24 25.40
N TYR D 629 12.61 -11.00 26.20
CA TYR D 629 11.35 -11.71 26.06
C TYR D 629 10.20 -10.81 25.63
N VAL D 630 10.02 -9.68 26.28
CA VAL D 630 8.98 -8.73 25.92
C VAL D 630 9.34 -8.06 24.61
N LEU D 631 10.61 -7.68 24.47
CA LEU D 631 11.08 -6.95 23.29
C LEU D 631 11.45 -7.86 22.13
N LEU D 632 12.45 -8.72 22.34
CA LEU D 632 13.14 -9.37 21.22
C LEU D 632 12.27 -10.41 20.53
N LEU D 633 11.59 -11.24 21.32
CA LEU D 633 10.76 -12.29 20.73
C LEU D 633 9.59 -11.73 19.93
N ASN D 634 8.97 -10.64 20.39
CA ASN D 634 7.86 -10.06 19.65
C ASN D 634 8.36 -9.29 18.43
N MET D 635 9.51 -8.64 18.57
CA MET D 635 10.12 -8.00 17.40
C MET D 635 10.45 -9.04 16.33
N LEU D 636 10.77 -10.27 16.76
CA LEU D 636 10.99 -11.35 15.79
C LEU D 636 9.74 -11.63 14.97
N ILE D 637 8.57 -11.66 15.63
CA ILE D 637 7.32 -11.89 14.91
C ILE D 637 7.03 -10.75 13.95
N ALA D 638 7.29 -9.51 14.39
CA ALA D 638 7.11 -8.36 13.50
C ALA D 638 8.00 -8.48 12.27
N LEU D 639 9.27 -8.86 12.47
CA LEU D 639 10.19 -9.02 11.35
C LEU D 639 9.73 -10.13 10.40
N MET D 640 9.23 -11.23 10.96
CA MET D 640 8.72 -12.31 10.11
C MET D 640 7.53 -11.85 9.28
N SER D 641 6.63 -11.07 9.87
CA SER D 641 5.50 -10.55 9.10
C SER D 641 5.99 -9.69 7.94
N GLU D 642 6.93 -8.78 8.23
CA GLU D 642 7.48 -7.95 7.16
C GLU D 642 8.13 -8.79 6.07
N THR D 643 8.90 -9.81 6.47
CA THR D 643 9.58 -10.66 5.50
C THR D 643 8.59 -11.38 4.61
N VAL D 644 7.53 -11.96 5.18
CA VAL D 644 6.55 -12.70 4.38
C VAL D 644 5.90 -11.77 3.37
N ASN D 645 5.46 -10.60 3.84
CA ASN D 645 4.83 -9.63 2.95
C ASN D 645 5.78 -9.22 1.82
N SER D 646 7.07 -9.08 2.14
CA SER D 646 8.02 -8.70 1.11
C SER D 646 8.27 -9.82 0.10
N VAL D 647 8.30 -11.08 0.54
CA VAL D 647 8.85 -12.14 -0.29
C VAL D 647 7.83 -12.91 -1.13
N ALA D 648 6.55 -12.91 -0.75
CA ALA D 648 5.57 -13.80 -1.38
C ALA D 648 5.71 -14.06 -2.89
N THR D 649 5.76 -13.00 -3.71
CA THR D 649 5.77 -13.18 -5.15
C THR D 649 7.09 -13.78 -5.65
N ASP D 650 8.21 -13.27 -5.16
CA ASP D 650 9.50 -13.85 -5.51
C ASP D 650 9.57 -15.30 -5.06
N SER D 651 8.88 -15.62 -3.96
CA SER D 651 8.81 -17.01 -3.52
C SER D 651 8.07 -17.87 -4.54
N TRP D 652 6.98 -17.34 -5.11
CA TRP D 652 6.30 -18.08 -6.17
C TRP D 652 7.22 -18.33 -7.36
N SER D 653 7.97 -17.30 -7.77
CA SER D 653 8.89 -17.46 -8.90
C SER D 653 10.00 -18.46 -8.57
N ILE D 654 10.49 -18.44 -7.33
CA ILE D 654 11.53 -19.38 -6.92
C ILE D 654 11.00 -20.80 -6.93
N TRP D 655 9.74 -20.99 -6.53
CA TRP D 655 9.14 -22.31 -6.62
C TRP D 655 9.05 -22.77 -8.07
N LYS D 656 8.72 -21.86 -8.98
CA LYS D 656 8.70 -22.22 -10.40
C LYS D 656 10.08 -22.67 -10.86
N LEU D 657 11.12 -21.94 -10.47
CA LEU D 657 12.48 -22.34 -10.84
C LEU D 657 12.86 -23.68 -10.22
N GLN D 658 12.42 -23.94 -8.99
CA GLN D 658 12.69 -25.23 -8.35
C GLN D 658 12.04 -26.37 -9.12
N LYS D 659 10.79 -26.16 -9.56
CA LYS D 659 10.14 -27.17 -10.39
C LYS D 659 10.88 -27.38 -11.69
N ALA D 660 11.38 -26.31 -12.30
CA ALA D 660 12.15 -26.45 -13.54
C ALA D 660 13.40 -27.28 -13.32
N ILE D 661 14.13 -27.00 -12.24
CA ILE D 661 15.35 -27.75 -11.94
C ILE D 661 15.04 -29.22 -11.68
N SER D 662 13.96 -29.48 -10.94
CA SER D 662 13.56 -30.86 -10.70
C SER D 662 13.22 -31.59 -11.99
N VAL D 663 12.52 -30.91 -12.90
CA VAL D 663 12.18 -31.52 -14.19
C VAL D 663 13.45 -31.84 -14.97
N LEU D 664 14.39 -30.89 -15.02
CA LEU D 664 15.62 -31.11 -15.77
C LEU D 664 16.41 -32.28 -15.21
N GLU D 665 16.46 -32.39 -13.88
CA GLU D 665 17.16 -33.52 -13.27
C GLU D 665 16.43 -34.83 -13.54
N MET D 666 15.09 -34.81 -13.53
CA MET D 666 14.34 -36.04 -13.74
C MET D 666 14.46 -36.55 -15.16
N GLU D 667 14.55 -35.64 -16.14
CA GLU D 667 14.71 -36.08 -17.52
C GLU D 667 15.96 -36.92 -17.70
N ASN D 668 17.07 -36.54 -17.08
CA ASN D 668 18.25 -37.38 -17.03
C ASN D 668 17.99 -38.53 -16.08
N GLY D 669 18.32 -39.74 -16.52
CA GLY D 669 18.06 -40.92 -15.72
C GLY D 669 18.92 -40.97 -14.46
N TYR D 670 18.80 -42.09 -13.76
CA TYR D 670 19.62 -42.30 -12.58
C TYR D 670 21.06 -42.62 -13.00
N TRP D 671 21.94 -42.72 -11.99
CA TRP D 671 23.35 -42.97 -12.26
C TRP D 671 23.56 -44.36 -12.84
N TRP D 672 22.57 -45.23 -12.69
CA TRP D 672 22.66 -46.58 -13.23
C TRP D 672 21.82 -46.81 -14.49
N CYS D 673 20.72 -46.07 -14.66
CA CYS D 673 19.86 -46.20 -15.82
C CYS D 673 19.69 -44.85 -16.49
N ARG D 674 19.86 -44.82 -17.80
CA ARG D 674 19.72 -43.58 -18.58
C ARG D 674 18.36 -43.57 -19.26
N ARG D 675 17.64 -42.46 -19.10
CA ARG D 675 16.32 -42.30 -19.70
C ARG D 675 16.44 -41.78 -21.11
N LYS D 676 15.65 -42.36 -22.02
CA LYS D 676 15.64 -41.91 -23.40
C LYS D 676 15.10 -40.49 -23.47
N ARG D 677 15.67 -39.67 -24.35
CA ARG D 677 15.32 -38.25 -24.43
C ARG D 677 14.14 -38.08 -25.37
N HIS D 678 12.99 -37.71 -24.82
CA HIS D 678 11.78 -37.53 -25.60
C HIS D 678 11.73 -36.07 -26.08
N ARG D 679 11.86 -35.89 -27.40
CA ARG D 679 11.90 -34.55 -27.97
C ARG D 679 10.56 -33.84 -27.77
N ALA D 680 10.62 -32.58 -27.38
CA ALA D 680 9.43 -31.77 -27.18
C ALA D 680 9.12 -30.97 -28.43
N GLY D 681 7.84 -30.75 -28.69
CA GLY D 681 7.40 -30.03 -29.86
C GLY D 681 7.03 -30.98 -30.98
N ARG D 682 6.91 -30.42 -32.18
CA ARG D 682 6.52 -31.20 -33.34
C ARG D 682 7.10 -30.55 -34.59
N LEU D 683 7.41 -31.37 -35.58
CA LEU D 683 7.86 -30.85 -36.86
C LEU D 683 6.69 -30.24 -37.63
N LEU D 684 6.86 -29.00 -38.06
CA LEU D 684 5.80 -28.29 -38.76
C LEU D 684 6.39 -27.49 -39.91
N LYS D 685 5.61 -27.38 -40.99
CA LYS D 685 5.97 -26.59 -42.17
C LYS D 685 5.90 -25.11 -41.82
N VAL D 686 7.05 -24.44 -41.87
CA VAL D 686 7.12 -23.03 -41.47
C VAL D 686 7.63 -22.23 -42.66
N GLY D 687 7.38 -22.74 -43.87
CA GLY D 687 7.76 -22.04 -45.08
C GLY D 687 9.13 -22.46 -45.57
N THR D 688 9.50 -21.87 -46.71
CA THR D 688 10.75 -22.20 -47.38
C THR D 688 11.85 -21.23 -46.97
N LYS D 689 13.10 -21.63 -47.20
CA LYS D 689 14.22 -20.72 -47.06
C LYS D 689 14.35 -19.91 -48.36
N GLY D 690 15.33 -19.03 -48.41
CA GLY D 690 15.52 -18.20 -49.59
C GLY D 690 16.42 -18.83 -50.62
N ASP D 691 16.81 -20.08 -50.40
CA ASP D 691 17.75 -20.72 -51.31
C ASP D 691 17.14 -21.90 -52.07
N GLY D 692 16.70 -22.92 -51.34
CA GLY D 692 16.33 -24.18 -51.97
C GLY D 692 15.22 -24.95 -51.30
N ILE D 693 15.56 -26.17 -50.88
CA ILE D 693 14.66 -27.15 -50.29
C ILE D 693 13.95 -26.49 -49.11
N PRO D 694 12.62 -26.63 -48.99
CA PRO D 694 11.88 -25.87 -47.98
C PRO D 694 12.29 -26.14 -46.55
N ASP D 695 12.14 -25.13 -45.69
CA ASP D 695 12.65 -25.13 -44.33
C ASP D 695 11.68 -25.87 -43.43
N GLU D 696 12.22 -26.78 -42.61
CA GLU D 696 11.44 -27.55 -41.67
C GLU D 696 12.10 -27.47 -40.30
N ARG D 697 11.30 -27.18 -39.28
CA ARG D 697 11.85 -26.98 -37.94
C ARG D 697 10.86 -27.44 -36.89
N TRP D 698 11.38 -27.75 -35.70
CA TRP D 698 10.57 -28.21 -34.58
C TRP D 698 9.99 -27.01 -33.85
N CYS D 699 8.66 -26.93 -33.76
CA CYS D 699 8.00 -25.84 -33.09
C CYS D 699 7.18 -26.35 -31.90
N PHE D 700 6.80 -25.43 -31.02
CA PHE D 700 5.99 -25.71 -29.85
C PHE D 700 4.68 -24.94 -30.03
N ARG D 701 3.57 -25.66 -29.94
CA ARG D 701 2.26 -25.08 -30.25
C ARG D 701 1.56 -24.62 -28.98
N VAL D 702 1.04 -23.40 -29.01
CA VAL D 702 0.25 -22.88 -27.89
C VAL D 702 -0.93 -22.08 -28.43
N GLU D 703 -2.14 -22.46 -28.03
CA GLU D 703 -3.33 -21.73 -28.41
C GLU D 703 -3.65 -20.67 -27.37
N GLU D 704 -4.25 -19.57 -27.83
CA GLU D 704 -4.64 -18.50 -26.92
C GLU D 704 -5.83 -17.76 -27.50
N VAL D 705 -6.80 -17.44 -26.66
CA VAL D 705 -7.99 -16.72 -27.10
C VAL D 705 -7.80 -15.24 -26.77
N ASN D 706 -7.73 -14.42 -27.81
CA ASN D 706 -7.54 -12.98 -27.64
C ASN D 706 -8.66 -12.23 -28.36
N TRP D 707 -9.27 -11.29 -27.64
CA TRP D 707 -10.28 -10.42 -28.22
C TRP D 707 -9.78 -9.02 -28.49
N ALA D 708 -8.72 -8.58 -27.81
CA ALA D 708 -8.15 -7.26 -28.07
C ALA D 708 -7.27 -7.28 -29.32
N ALA D 709 -6.29 -8.19 -29.35
CA ALA D 709 -5.42 -8.30 -30.51
C ALA D 709 -6.18 -8.71 -31.77
N TRP D 710 -7.28 -9.44 -31.63
CA TRP D 710 -8.13 -9.79 -32.76
C TRP D 710 -8.84 -8.58 -33.34
N GLU D 711 -9.00 -7.51 -32.56
CA GLU D 711 -9.57 -6.27 -33.07
C GLU D 711 -8.62 -5.50 -33.96
N LYS D 712 -7.31 -5.67 -33.77
CA LYS D 712 -6.31 -4.90 -34.51
C LYS D 712 -5.92 -5.55 -35.83
N THR D 713 -6.73 -6.48 -36.33
CA THR D 713 -6.45 -7.13 -37.61
C THR D 713 -7.67 -7.07 -38.54
N LEU D 714 -8.70 -6.33 -38.16
CA LEU D 714 -9.91 -6.22 -38.98
C LEU D 714 -10.01 -4.84 -39.61
#